data_5FTZ
# 
_entry.id   5FTZ 
# 
_audit_conform.dict_name       mmcif_pdbx.dic 
_audit_conform.dict_version    5.399 
_audit_conform.dict_location   http://mmcif.pdb.org/dictionaries/ascii/mmcif_pdbx.dic 
# 
loop_
_database_2.database_id 
_database_2.database_code 
_database_2.pdbx_database_accession 
_database_2.pdbx_DOI 
PDB   5FTZ         pdb_00005ftz 10.2210/pdb5ftz/pdb 
PDBE  EBI-66029    ?            ?                   
WWPDB D_1290066029 ?            ?                   
# 
loop_
_pdbx_audit_revision_history.ordinal 
_pdbx_audit_revision_history.data_content_type 
_pdbx_audit_revision_history.major_revision 
_pdbx_audit_revision_history.minor_revision 
_pdbx_audit_revision_history.revision_date 
1 'Structure model' 1 0 2016-04-27 
2 'Structure model' 1 1 2016-05-18 
3 'Structure model' 1 2 2016-06-29 
4 'Structure model' 1 3 2024-01-10 
5 'Structure model' 1 4 2024-11-20 
# 
_pdbx_audit_revision_details.ordinal             1 
_pdbx_audit_revision_details.revision_ordinal    1 
_pdbx_audit_revision_details.data_content_type   'Structure model' 
_pdbx_audit_revision_details.provider            repository 
_pdbx_audit_revision_details.type                'Initial release' 
_pdbx_audit_revision_details.description         ? 
_pdbx_audit_revision_details.details             ? 
# 
loop_
_pdbx_audit_revision_group.ordinal 
_pdbx_audit_revision_group.revision_ordinal 
_pdbx_audit_revision_group.data_content_type 
_pdbx_audit_revision_group.group 
1 2 'Structure model' 'Database references'    
2 3 'Structure model' 'Database references'    
3 4 'Structure model' 'Data collection'        
4 4 'Structure model' 'Database references'    
5 4 'Structure model' 'Derived calculations'   
6 4 'Structure model' Other                    
7 4 'Structure model' 'Refinement description' 
8 5 'Structure model' 'Structure summary'      
# 
loop_
_pdbx_audit_revision_category.ordinal 
_pdbx_audit_revision_category.revision_ordinal 
_pdbx_audit_revision_category.data_content_type 
_pdbx_audit_revision_category.category 
1  4 'Structure model' chem_comp_atom                
2  4 'Structure model' chem_comp_bond                
3  4 'Structure model' database_2                    
4  4 'Structure model' pdbx_database_status          
5  4 'Structure model' pdbx_initial_refinement_model 
6  4 'Structure model' pdbx_struct_conn_angle        
7  4 'Structure model' struct_conn                   
8  4 'Structure model' struct_site                   
9  5 'Structure model' pdbx_entry_details            
10 5 'Structure model' pdbx_modification_feature     
# 
loop_
_pdbx_audit_revision_item.ordinal 
_pdbx_audit_revision_item.revision_ordinal 
_pdbx_audit_revision_item.data_content_type 
_pdbx_audit_revision_item.item 
1  4 'Structure model' '_database_2.pdbx_DOI'                         
2  4 'Structure model' '_database_2.pdbx_database_accession'          
3  4 'Structure model' '_pdbx_database_status.status_code_sf'         
4  4 'Structure model' '_pdbx_struct_conn_angle.ptnr1_auth_comp_id'   
5  4 'Structure model' '_pdbx_struct_conn_angle.ptnr1_auth_seq_id'    
6  4 'Structure model' '_pdbx_struct_conn_angle.ptnr1_label_atom_id'  
7  4 'Structure model' '_pdbx_struct_conn_angle.ptnr1_label_comp_id'  
8  4 'Structure model' '_pdbx_struct_conn_angle.ptnr1_label_seq_id'   
9  4 'Structure model' '_pdbx_struct_conn_angle.ptnr1_symmetry'       
10 4 'Structure model' '_pdbx_struct_conn_angle.ptnr3_auth_comp_id'   
11 4 'Structure model' '_pdbx_struct_conn_angle.ptnr3_auth_seq_id'    
12 4 'Structure model' '_pdbx_struct_conn_angle.ptnr3_label_atom_id'  
13 4 'Structure model' '_pdbx_struct_conn_angle.ptnr3_label_comp_id'  
14 4 'Structure model' '_pdbx_struct_conn_angle.ptnr3_label_seq_id'   
15 4 'Structure model' '_pdbx_struct_conn_angle.ptnr3_symmetry'       
16 4 'Structure model' '_pdbx_struct_conn_angle.value'                
17 4 'Structure model' '_struct_conn.pdbx_dist_value'                 
18 4 'Structure model' '_struct_conn.pdbx_ptnr1_label_alt_id'         
19 4 'Structure model' '_struct_conn.pdbx_ptnr2_label_alt_id'         
20 4 'Structure model' '_struct_conn.ptnr1_auth_comp_id'              
21 4 'Structure model' '_struct_conn.ptnr1_auth_seq_id'               
22 4 'Structure model' '_struct_conn.ptnr1_label_asym_id'             
23 4 'Structure model' '_struct_conn.ptnr1_label_atom_id'             
24 4 'Structure model' '_struct_conn.ptnr1_label_comp_id'             
25 4 'Structure model' '_struct_conn.ptnr1_label_seq_id'              
26 4 'Structure model' '_struct_conn.ptnr1_symmetry'                  
27 4 'Structure model' '_struct_conn.ptnr2_auth_comp_id'              
28 4 'Structure model' '_struct_conn.ptnr2_auth_seq_id'               
29 4 'Structure model' '_struct_conn.ptnr2_label_asym_id'             
30 4 'Structure model' '_struct_conn.ptnr2_label_atom_id'             
31 4 'Structure model' '_struct_conn.ptnr2_label_comp_id'             
32 4 'Structure model' '_struct_conn.ptnr2_label_seq_id'              
33 4 'Structure model' '_struct_conn.ptnr2_symmetry'                  
34 4 'Structure model' '_struct_site.pdbx_auth_asym_id'               
35 4 'Structure model' '_struct_site.pdbx_auth_comp_id'               
36 4 'Structure model' '_struct_site.pdbx_auth_seq_id'                
37 5 'Structure model' '_pdbx_entry_details.has_protein_modification' 
# 
_pdbx_database_status.status_code                     REL 
_pdbx_database_status.entry_id                        5FTZ 
_pdbx_database_status.deposit_site                    PDBE 
_pdbx_database_status.process_site                    PDBE 
_pdbx_database_status.SG_entry                        . 
_pdbx_database_status.recvd_initial_deposition_date   2016-01-19 
_pdbx_database_status.pdb_format_compatible           Y 
_pdbx_database_status.status_code_sf                  REL 
_pdbx_database_status.status_code_mr                  ? 
_pdbx_database_status.status_code_cs                  ? 
_pdbx_database_status.methods_development_category    ? 
_pdbx_database_status.status_code_nmr_data            ? 
# 
loop_
_audit_author.name 
_audit_author.pdbx_ordinal 
'Chaplin, A.K.C.'   1 
'Wilson, M.T.'      2 
'Hough, M.A.'       3 
'Svistunenko, D.A.' 4 
'Hemsworth, G.R.'   5 
'Walton, P.H.'      6 
'Vijgenboom, E.'    7 
'Worrall, J.A.R.'   8 
# 
_citation.id                        primary 
_citation.title                     
'Heterogeneity in the Histidine-Brace Copper Coordination Sphere in Aa10 Lytic Polysaccharide Monooxygenases.' 
_citation.journal_abbrev            J.Biol.Chem. 
_citation.journal_volume            291 
_citation.page_first                12838 
_citation.page_last                 ? 
_citation.year                      2016 
_citation.journal_id_ASTM           JBCHA3 
_citation.country                   US 
_citation.journal_id_ISSN           0021-9258 
_citation.journal_id_CSD            0071 
_citation.book_publisher            ? 
_citation.pdbx_database_id_PubMed   27129229 
_citation.pdbx_database_id_DOI      10.1074/JBC.M116.722447 
# 
loop_
_citation_author.citation_id 
_citation_author.name 
_citation_author.ordinal 
_citation_author.identifier_ORCID 
primary 'Chaplin, A.K.'     1 ? 
primary 'Wilson, M.T.'      2 ? 
primary 'Hough, M.A.'       3 ? 
primary 'Svistunenko, D.A.' 4 ? 
primary 'Hemsworth, G.R.'   5 ? 
primary 'Walton, P.H.'      6 ? 
primary 'Vijgenboom, E.'    7 ? 
primary 'Worrall, J.A.R.'   8 ? 
# 
loop_
_entity.id 
_entity.type 
_entity.src_method 
_entity.pdbx_description 
_entity.formula_weight 
_entity.pdbx_number_of_molecules 
_entity.pdbx_ec 
_entity.pdbx_mutation 
_entity.pdbx_fragment 
_entity.details 
1 polymer     man 'CHITIN BINDING PROTEIN' 18441.326 1   ? ? ? ? 
2 non-polymer syn 'COPPER (II) ION'        63.546    2   ? ? ? ? 
3 water       nat water                    18.015    233 ? ? ? ? 
# 
_entity_name_com.entity_id   1 
_entity_name_com.name        SLILPMO10E 
# 
_entity_poly.entity_id                      1 
_entity_poly.type                           'polypeptide(L)' 
_entity_poly.nstd_linkage                   no 
_entity_poly.nstd_monomer                   no 
_entity_poly.pdbx_seq_one_letter_code       
;HGYTDLPVSRQKVCQNGTVGGCGAIQWEPQSVEGPKGFPASGPADGTICSAGHGSFAALDSPKQPNGQAWPTTRVNGGQS
YTFRWQFTARHATTDFKYYVTKPGWNQNHNLARSDLNLTPFFTVPYGGKQPPATLSHSGTLPSGLSGHHVILAVWTVHDT
GNAFYACSDVTF
;
_entity_poly.pdbx_seq_one_letter_code_can   
;HGYTDLPVSRQKVCQNGTVGGCGAIQWEPQSVEGPKGFPASGPADGTICSAGHGSFAALDSPKQPNGQAWPTTRVNGGQS
YTFRWQFTARHATTDFKYYVTKPGWNQNHNLARSDLNLTPFFTVPYGGKQPPATLSHSGTLPSGLSGHHVILAVWTVHDT
GNAFYACSDVTF
;
_entity_poly.pdbx_strand_id                 A 
_entity_poly.pdbx_target_identifier         ? 
# 
loop_
_pdbx_entity_nonpoly.entity_id 
_pdbx_entity_nonpoly.name 
_pdbx_entity_nonpoly.comp_id 
2 'COPPER (II) ION' CU  
3 water             HOH 
# 
loop_
_entity_poly_seq.entity_id 
_entity_poly_seq.num 
_entity_poly_seq.mon_id 
_entity_poly_seq.hetero 
1 1   HIS n 
1 2   GLY n 
1 3   TYR n 
1 4   THR n 
1 5   ASP n 
1 6   LEU n 
1 7   PRO n 
1 8   VAL n 
1 9   SER n 
1 10  ARG n 
1 11  GLN n 
1 12  LYS n 
1 13  VAL n 
1 14  CYS n 
1 15  GLN n 
1 16  ASN n 
1 17  GLY n 
1 18  THR n 
1 19  VAL n 
1 20  GLY n 
1 21  GLY n 
1 22  CYS n 
1 23  GLY n 
1 24  ALA n 
1 25  ILE n 
1 26  GLN n 
1 27  TRP n 
1 28  GLU n 
1 29  PRO n 
1 30  GLN n 
1 31  SER n 
1 32  VAL n 
1 33  GLU n 
1 34  GLY n 
1 35  PRO n 
1 36  LYS n 
1 37  GLY n 
1 38  PHE n 
1 39  PRO n 
1 40  ALA n 
1 41  SER n 
1 42  GLY n 
1 43  PRO n 
1 44  ALA n 
1 45  ASP n 
1 46  GLY n 
1 47  THR n 
1 48  ILE n 
1 49  CYS n 
1 50  SER n 
1 51  ALA n 
1 52  GLY n 
1 53  HIS n 
1 54  GLY n 
1 55  SER n 
1 56  PHE n 
1 57  ALA n 
1 58  ALA n 
1 59  LEU n 
1 60  ASP n 
1 61  SER n 
1 62  PRO n 
1 63  LYS n 
1 64  GLN n 
1 65  PRO n 
1 66  ASN n 
1 67  GLY n 
1 68  GLN n 
1 69  ALA n 
1 70  TRP n 
1 71  PRO n 
1 72  THR n 
1 73  THR n 
1 74  ARG n 
1 75  VAL n 
1 76  ASN n 
1 77  GLY n 
1 78  GLY n 
1 79  GLN n 
1 80  SER n 
1 81  TYR n 
1 82  THR n 
1 83  PHE n 
1 84  ARG n 
1 85  TRP n 
1 86  GLN n 
1 87  PHE n 
1 88  THR n 
1 89  ALA n 
1 90  ARG n 
1 91  HIS n 
1 92  ALA n 
1 93  THR n 
1 94  THR n 
1 95  ASP n 
1 96  PHE n 
1 97  LYS n 
1 98  TYR n 
1 99  TYR n 
1 100 VAL n 
1 101 THR n 
1 102 LYS n 
1 103 PRO n 
1 104 GLY n 
1 105 TRP n 
1 106 ASN n 
1 107 GLN n 
1 108 ASN n 
1 109 HIS n 
1 110 ASN n 
1 111 LEU n 
1 112 ALA n 
1 113 ARG n 
1 114 SER n 
1 115 ASP n 
1 116 LEU n 
1 117 ASN n 
1 118 LEU n 
1 119 THR n 
1 120 PRO n 
1 121 PHE n 
1 122 PHE n 
1 123 THR n 
1 124 VAL n 
1 125 PRO n 
1 126 TYR n 
1 127 GLY n 
1 128 GLY n 
1 129 LYS n 
1 130 GLN n 
1 131 PRO n 
1 132 PRO n 
1 133 ALA n 
1 134 THR n 
1 135 LEU n 
1 136 SER n 
1 137 HIS n 
1 138 SER n 
1 139 GLY n 
1 140 THR n 
1 141 LEU n 
1 142 PRO n 
1 143 SER n 
1 144 GLY n 
1 145 LEU n 
1 146 SER n 
1 147 GLY n 
1 148 HIS n 
1 149 HIS n 
1 150 VAL n 
1 151 ILE n 
1 152 LEU n 
1 153 ALA n 
1 154 VAL n 
1 155 TRP n 
1 156 THR n 
1 157 VAL n 
1 158 HIS n 
1 159 ASP n 
1 160 THR n 
1 161 GLY n 
1 162 ASN n 
1 163 ALA n 
1 164 PHE n 
1 165 TYR n 
1 166 ALA n 
1 167 CYS n 
1 168 SER n 
1 169 ASP n 
1 170 VAL n 
1 171 THR n 
1 172 PHE n 
# 
_entity_src_gen.entity_id                          1 
_entity_src_gen.pdbx_src_id                        1 
_entity_src_gen.pdbx_alt_source_flag               sample 
_entity_src_gen.pdbx_seq_type                      ? 
_entity_src_gen.pdbx_beg_seq_num                   ? 
_entity_src_gen.pdbx_end_seq_num                   ? 
_entity_src_gen.gene_src_common_name               ? 
_entity_src_gen.gene_src_genus                     ? 
_entity_src_gen.pdbx_gene_src_gene                 ? 
_entity_src_gen.gene_src_species                   ? 
_entity_src_gen.gene_src_strain                    1326 
_entity_src_gen.gene_src_tissue                    ? 
_entity_src_gen.gene_src_tissue_fraction           ? 
_entity_src_gen.gene_src_details                   ? 
_entity_src_gen.pdbx_gene_src_fragment             ? 
_entity_src_gen.pdbx_gene_src_scientific_name      'STREPTOMYCES LIVIDANS' 
_entity_src_gen.pdbx_gene_src_ncbi_taxonomy_id     1200984 
_entity_src_gen.pdbx_gene_src_variant              ? 
_entity_src_gen.pdbx_gene_src_cell_line            ? 
_entity_src_gen.pdbx_gene_src_atcc                 ? 
_entity_src_gen.pdbx_gene_src_organ                ? 
_entity_src_gen.pdbx_gene_src_organelle            ? 
_entity_src_gen.pdbx_gene_src_cell                 ? 
_entity_src_gen.pdbx_gene_src_cellular_location    ? 
_entity_src_gen.host_org_common_name               ? 
_entity_src_gen.pdbx_host_org_scientific_name      'ESCHERICHIA COLI' 
_entity_src_gen.pdbx_host_org_ncbi_taxonomy_id     511693 
_entity_src_gen.host_org_genus                     ? 
_entity_src_gen.pdbx_host_org_gene                 ? 
_entity_src_gen.pdbx_host_org_organ                ? 
_entity_src_gen.host_org_species                   ? 
_entity_src_gen.pdbx_host_org_tissue               ? 
_entity_src_gen.pdbx_host_org_tissue_fraction      ? 
_entity_src_gen.pdbx_host_org_strain               BL21 
_entity_src_gen.pdbx_host_org_variant              'CODONPLUS(RIL)' 
_entity_src_gen.pdbx_host_org_cell_line            ? 
_entity_src_gen.pdbx_host_org_atcc                 ? 
_entity_src_gen.pdbx_host_org_culture_collection   ? 
_entity_src_gen.pdbx_host_org_cell                 ? 
_entity_src_gen.pdbx_host_org_organelle            ? 
_entity_src_gen.pdbx_host_org_cellular_location    ? 
_entity_src_gen.pdbx_host_org_vector_type          PLASMID 
_entity_src_gen.pdbx_host_org_vector               PET26B 
_entity_src_gen.host_org_details                   ? 
_entity_src_gen.expression_system_id               ? 
_entity_src_gen.plasmid_name                       ? 
_entity_src_gen.plasmid_details                    ? 
_entity_src_gen.pdbx_description                   ? 
# 
loop_
_chem_comp.id 
_chem_comp.type 
_chem_comp.mon_nstd_flag 
_chem_comp.name 
_chem_comp.pdbx_synonyms 
_chem_comp.formula 
_chem_comp.formula_weight 
ALA 'L-peptide linking' y ALANINE           ? 'C3 H7 N O2'     89.093  
ARG 'L-peptide linking' y ARGININE          ? 'C6 H15 N4 O2 1' 175.209 
ASN 'L-peptide linking' y ASPARAGINE        ? 'C4 H8 N2 O3'    132.118 
ASP 'L-peptide linking' y 'ASPARTIC ACID'   ? 'C4 H7 N O4'     133.103 
CU  non-polymer         . 'COPPER (II) ION' ? 'Cu 2'           63.546  
CYS 'L-peptide linking' y CYSTEINE          ? 'C3 H7 N O2 S'   121.158 
GLN 'L-peptide linking' y GLUTAMINE         ? 'C5 H10 N2 O3'   146.144 
GLU 'L-peptide linking' y 'GLUTAMIC ACID'   ? 'C5 H9 N O4'     147.129 
GLY 'peptide linking'   y GLYCINE           ? 'C2 H5 N O2'     75.067  
HIS 'L-peptide linking' y HISTIDINE         ? 'C6 H10 N3 O2 1' 156.162 
HOH non-polymer         . WATER             ? 'H2 O'           18.015  
ILE 'L-peptide linking' y ISOLEUCINE        ? 'C6 H13 N O2'    131.173 
LEU 'L-peptide linking' y LEUCINE           ? 'C6 H13 N O2'    131.173 
LYS 'L-peptide linking' y LYSINE            ? 'C6 H15 N2 O2 1' 147.195 
PHE 'L-peptide linking' y PHENYLALANINE     ? 'C9 H11 N O2'    165.189 
PRO 'L-peptide linking' y PROLINE           ? 'C5 H9 N O2'     115.130 
SER 'L-peptide linking' y SERINE            ? 'C3 H7 N O3'     105.093 
THR 'L-peptide linking' y THREONINE         ? 'C4 H9 N O3'     119.119 
TRP 'L-peptide linking' y TRYPTOPHAN        ? 'C11 H12 N2 O2'  204.225 
TYR 'L-peptide linking' y TYROSINE          ? 'C9 H11 N O3'    181.189 
VAL 'L-peptide linking' y VALINE            ? 'C5 H11 N O2'    117.146 
# 
loop_
_pdbx_poly_seq_scheme.asym_id 
_pdbx_poly_seq_scheme.entity_id 
_pdbx_poly_seq_scheme.seq_id 
_pdbx_poly_seq_scheme.mon_id 
_pdbx_poly_seq_scheme.ndb_seq_num 
_pdbx_poly_seq_scheme.pdb_seq_num 
_pdbx_poly_seq_scheme.auth_seq_num 
_pdbx_poly_seq_scheme.pdb_mon_id 
_pdbx_poly_seq_scheme.auth_mon_id 
_pdbx_poly_seq_scheme.pdb_strand_id 
_pdbx_poly_seq_scheme.pdb_ins_code 
_pdbx_poly_seq_scheme.hetero 
A 1 1   HIS 1   30  30  HIS HIS A . n 
A 1 2   GLY 2   31  31  GLY GLY A . n 
A 1 3   TYR 3   32  32  TYR TYR A . n 
A 1 4   THR 4   33  33  THR THR A . n 
A 1 5   ASP 5   34  34  ASP ASP A . n 
A 1 6   LEU 6   35  35  LEU LEU A . n 
A 1 7   PRO 7   36  36  PRO PRO A . n 
A 1 8   VAL 8   37  37  VAL VAL A . n 
A 1 9   SER 9   38  38  SER SER A . n 
A 1 10  ARG 10  39  39  ARG ARG A . n 
A 1 11  GLN 11  40  40  GLN GLN A . n 
A 1 12  LYS 12  41  41  LYS LYS A . n 
A 1 13  VAL 13  42  42  VAL VAL A . n 
A 1 14  CYS 14  43  43  CYS CYS A . n 
A 1 15  GLN 15  44  44  GLN GLN A . n 
A 1 16  ASN 16  45  45  ASN ASN A . n 
A 1 17  GLY 17  46  46  GLY GLY A . n 
A 1 18  THR 18  47  47  THR THR A . n 
A 1 19  VAL 19  48  48  VAL VAL A . n 
A 1 20  GLY 20  49  49  GLY GLY A . n 
A 1 21  GLY 21  50  50  GLY GLY A . n 
A 1 22  CYS 22  51  51  CYS CYS A . n 
A 1 23  GLY 23  52  52  GLY GLY A . n 
A 1 24  ALA 24  53  53  ALA ALA A . n 
A 1 25  ILE 25  54  54  ILE ILE A . n 
A 1 26  GLN 26  55  55  GLN GLN A . n 
A 1 27  TRP 27  56  56  TRP TRP A . n 
A 1 28  GLU 28  57  57  GLU GLU A . n 
A 1 29  PRO 29  58  58  PRO PRO A . n 
A 1 30  GLN 30  59  59  GLN GLN A . n 
A 1 31  SER 31  60  60  SER SER A . n 
A 1 32  VAL 32  61  61  VAL VAL A . n 
A 1 33  GLU 33  62  62  GLU GLU A . n 
A 1 34  GLY 34  63  63  GLY GLY A . n 
A 1 35  PRO 35  64  64  PRO PRO A . n 
A 1 36  LYS 36  65  65  LYS LYS A . n 
A 1 37  GLY 37  66  66  GLY GLY A . n 
A 1 38  PHE 38  67  67  PHE PHE A . n 
A 1 39  PRO 39  68  68  PRO PRO A . n 
A 1 40  ALA 40  69  69  ALA ALA A . n 
A 1 41  SER 41  70  70  SER SER A . n 
A 1 42  GLY 42  71  71  GLY GLY A . n 
A 1 43  PRO 43  72  72  PRO PRO A . n 
A 1 44  ALA 44  73  73  ALA ALA A . n 
A 1 45  ASP 45  74  74  ASP ASP A . n 
A 1 46  GLY 46  75  75  GLY GLY A . n 
A 1 47  THR 47  76  76  THR THR A . n 
A 1 48  ILE 48  77  77  ILE ILE A . n 
A 1 49  CYS 49  78  78  CYS CYS A . n 
A 1 50  SER 50  79  79  SER SER A . n 
A 1 51  ALA 51  80  80  ALA ALA A . n 
A 1 52  GLY 52  81  81  GLY GLY A . n 
A 1 53  HIS 53  82  82  HIS HIS A . n 
A 1 54  GLY 54  83  83  GLY GLY A . n 
A 1 55  SER 55  84  84  SER SER A . n 
A 1 56  PHE 56  85  85  PHE PHE A . n 
A 1 57  ALA 57  86  86  ALA ALA A . n 
A 1 58  ALA 58  87  87  ALA ALA A . n 
A 1 59  LEU 59  88  88  LEU LEU A . n 
A 1 60  ASP 60  89  89  ASP ASP A . n 
A 1 61  SER 61  90  90  SER SER A . n 
A 1 62  PRO 62  91  91  PRO PRO A . n 
A 1 63  LYS 63  92  92  LYS LYS A . n 
A 1 64  GLN 64  93  93  GLN GLN A . n 
A 1 65  PRO 65  94  94  PRO PRO A . n 
A 1 66  ASN 66  95  95  ASN ASN A . n 
A 1 67  GLY 67  96  96  GLY GLY A . n 
A 1 68  GLN 68  97  97  GLN GLN A . n 
A 1 69  ALA 69  98  98  ALA ALA A . n 
A 1 70  TRP 70  99  99  TRP TRP A . n 
A 1 71  PRO 71  100 100 PRO PRO A . n 
A 1 72  THR 72  101 101 THR THR A . n 
A 1 73  THR 73  102 102 THR THR A . n 
A 1 74  ARG 74  103 103 ARG ARG A . n 
A 1 75  VAL 75  104 104 VAL VAL A . n 
A 1 76  ASN 76  105 105 ASN ASN A . n 
A 1 77  GLY 77  106 106 GLY GLY A . n 
A 1 78  GLY 78  107 107 GLY GLY A . n 
A 1 79  GLN 79  108 108 GLN GLN A . n 
A 1 80  SER 80  109 109 SER SER A . n 
A 1 81  TYR 81  110 110 TYR TYR A . n 
A 1 82  THR 82  111 111 THR THR A . n 
A 1 83  PHE 83  112 112 PHE PHE A . n 
A 1 84  ARG 84  113 113 ARG ARG A . n 
A 1 85  TRP 85  114 114 TRP TRP A . n 
A 1 86  GLN 86  115 115 GLN GLN A . n 
A 1 87  PHE 87  116 116 PHE PHE A . n 
A 1 88  THR 88  117 117 THR THR A . n 
A 1 89  ALA 89  118 118 ALA ALA A . n 
A 1 90  ARG 90  119 119 ARG ARG A . n 
A 1 91  HIS 91  120 120 HIS HIS A . n 
A 1 92  ALA 92  121 121 ALA ALA A . n 
A 1 93  THR 93  122 122 THR THR A . n 
A 1 94  THR 94  123 123 THR THR A . n 
A 1 95  ASP 95  124 124 ASP ASP A . n 
A 1 96  PHE 96  125 125 PHE PHE A . n 
A 1 97  LYS 97  126 126 LYS LYS A . n 
A 1 98  TYR 98  127 127 TYR TYR A . n 
A 1 99  TYR 99  128 128 TYR TYR A . n 
A 1 100 VAL 100 129 129 VAL VAL A . n 
A 1 101 THR 101 130 130 THR THR A . n 
A 1 102 LYS 102 131 131 LYS LYS A . n 
A 1 103 PRO 103 132 132 PRO PRO A . n 
A 1 104 GLY 104 133 133 GLY GLY A . n 
A 1 105 TRP 105 134 134 TRP TRP A . n 
A 1 106 ASN 106 135 135 ASN ASN A . n 
A 1 107 GLN 107 136 136 GLN GLN A . n 
A 1 108 ASN 108 137 137 ASN ASN A . n 
A 1 109 HIS 109 138 138 HIS HIS A . n 
A 1 110 ASN 110 139 139 ASN ASN A . n 
A 1 111 LEU 111 140 140 LEU LEU A . n 
A 1 112 ALA 112 141 141 ALA ALA A . n 
A 1 113 ARG 113 142 142 ARG ARG A . n 
A 1 114 SER 114 143 143 SER SER A . n 
A 1 115 ASP 115 144 144 ASP ASP A . n 
A 1 116 LEU 116 145 145 LEU LEU A . n 
A 1 117 ASN 117 146 146 ASN ASN A . n 
A 1 118 LEU 118 147 147 LEU LEU A . n 
A 1 119 THR 119 148 148 THR THR A . n 
A 1 120 PRO 120 149 149 PRO PRO A . n 
A 1 121 PHE 121 150 150 PHE PHE A . n 
A 1 122 PHE 122 151 151 PHE PHE A . n 
A 1 123 THR 123 152 152 THR THR A . n 
A 1 124 VAL 124 153 153 VAL VAL A . n 
A 1 125 PRO 125 154 154 PRO PRO A . n 
A 1 126 TYR 126 155 155 TYR TYR A . n 
A 1 127 GLY 127 156 156 GLY GLY A . n 
A 1 128 GLY 128 157 157 GLY GLY A . n 
A 1 129 LYS 129 158 158 LYS LYS A . n 
A 1 130 GLN 130 159 159 GLN GLN A . n 
A 1 131 PRO 131 160 160 PRO PRO A . n 
A 1 132 PRO 132 161 161 PRO PRO A . n 
A 1 133 ALA 133 162 162 ALA ALA A . n 
A 1 134 THR 134 163 163 THR THR A . n 
A 1 135 LEU 135 164 164 LEU LEU A . n 
A 1 136 SER 136 165 165 SER SER A . n 
A 1 137 HIS 137 166 166 HIS HIS A . n 
A 1 138 SER 138 167 167 SER SER A . n 
A 1 139 GLY 139 168 168 GLY GLY A . n 
A 1 140 THR 140 169 169 THR THR A . n 
A 1 141 LEU 141 170 170 LEU LEU A . n 
A 1 142 PRO 142 171 171 PRO PRO A . n 
A 1 143 SER 143 172 172 SER SER A . n 
A 1 144 GLY 144 173 173 GLY GLY A . n 
A 1 145 LEU 145 174 174 LEU LEU A . n 
A 1 146 SER 146 175 175 SER SER A . n 
A 1 147 GLY 147 176 176 GLY GLY A . n 
A 1 148 HIS 148 177 177 HIS HIS A . n 
A 1 149 HIS 149 178 178 HIS HIS A . n 
A 1 150 VAL 150 179 179 VAL VAL A . n 
A 1 151 ILE 151 180 180 ILE ILE A . n 
A 1 152 LEU 152 181 181 LEU LEU A . n 
A 1 153 ALA 153 182 182 ALA ALA A . n 
A 1 154 VAL 154 183 183 VAL VAL A . n 
A 1 155 TRP 155 184 184 TRP TRP A . n 
A 1 156 THR 156 185 185 THR THR A . n 
A 1 157 VAL 157 186 186 VAL VAL A . n 
A 1 158 HIS 158 187 187 HIS HIS A . n 
A 1 159 ASP 159 188 188 ASP ASP A . n 
A 1 160 THR 160 189 189 THR THR A . n 
A 1 161 GLY 161 190 190 GLY GLY A . n 
A 1 162 ASN 162 191 191 ASN ASN A . n 
A 1 163 ALA 163 192 192 ALA ALA A . n 
A 1 164 PHE 164 193 193 PHE PHE A . n 
A 1 165 TYR 165 194 194 TYR TYR A . n 
A 1 166 ALA 166 195 195 ALA ALA A . n 
A 1 167 CYS 167 196 196 CYS CYS A . n 
A 1 168 SER 168 197 197 SER SER A . n 
A 1 169 ASP 169 198 198 ASP ASP A . n 
A 1 170 VAL 170 199 199 VAL VAL A . n 
A 1 171 THR 171 200 200 THR THR A . n 
A 1 172 PHE 172 201 201 PHE PHE A . n 
# 
loop_
_pdbx_nonpoly_scheme.asym_id 
_pdbx_nonpoly_scheme.entity_id 
_pdbx_nonpoly_scheme.mon_id 
_pdbx_nonpoly_scheme.ndb_seq_num 
_pdbx_nonpoly_scheme.pdb_seq_num 
_pdbx_nonpoly_scheme.auth_seq_num 
_pdbx_nonpoly_scheme.pdb_mon_id 
_pdbx_nonpoly_scheme.auth_mon_id 
_pdbx_nonpoly_scheme.pdb_strand_id 
_pdbx_nonpoly_scheme.pdb_ins_code 
B 2 CU  1   202  202  CU  CU  A . 
C 2 CU  1   203  203  CU  CU  A . 
D 3 HOH 1   2001 2001 HOH HOH A . 
D 3 HOH 2   2002 2002 HOH HOH A . 
D 3 HOH 3   2003 2003 HOH HOH A . 
D 3 HOH 4   2004 2004 HOH HOH A . 
D 3 HOH 5   2005 2005 HOH HOH A . 
D 3 HOH 6   2006 2006 HOH HOH A . 
D 3 HOH 7   2007 2007 HOH HOH A . 
D 3 HOH 8   2008 2008 HOH HOH A . 
D 3 HOH 9   2009 2009 HOH HOH A . 
D 3 HOH 10  2010 2010 HOH HOH A . 
D 3 HOH 11  2011 2011 HOH HOH A . 
D 3 HOH 12  2012 2012 HOH HOH A . 
D 3 HOH 13  2013 2013 HOH HOH A . 
D 3 HOH 14  2014 2014 HOH HOH A . 
D 3 HOH 15  2015 2015 HOH HOH A . 
D 3 HOH 16  2016 2016 HOH HOH A . 
D 3 HOH 17  2017 2017 HOH HOH A . 
D 3 HOH 18  2018 2018 HOH HOH A . 
D 3 HOH 19  2019 2019 HOH HOH A . 
D 3 HOH 20  2020 2020 HOH HOH A . 
D 3 HOH 21  2021 2021 HOH HOH A . 
D 3 HOH 22  2022 2022 HOH HOH A . 
D 3 HOH 23  2023 2023 HOH HOH A . 
D 3 HOH 24  2024 2024 HOH HOH A . 
D 3 HOH 25  2025 2025 HOH HOH A . 
D 3 HOH 26  2026 2026 HOH HOH A . 
D 3 HOH 27  2027 2027 HOH HOH A . 
D 3 HOH 28  2028 2028 HOH HOH A . 
D 3 HOH 29  2029 2029 HOH HOH A . 
D 3 HOH 30  2030 2030 HOH HOH A . 
D 3 HOH 31  2031 2031 HOH HOH A . 
D 3 HOH 32  2032 2032 HOH HOH A . 
D 3 HOH 33  2033 2033 HOH HOH A . 
D 3 HOH 34  2034 2034 HOH HOH A . 
D 3 HOH 35  2035 2035 HOH HOH A . 
D 3 HOH 36  2036 2036 HOH HOH A . 
D 3 HOH 37  2037 2037 HOH HOH A . 
D 3 HOH 38  2038 2038 HOH HOH A . 
D 3 HOH 39  2039 2039 HOH HOH A . 
D 3 HOH 40  2040 2040 HOH HOH A . 
D 3 HOH 41  2041 2041 HOH HOH A . 
D 3 HOH 42  2042 2042 HOH HOH A . 
D 3 HOH 43  2043 2043 HOH HOH A . 
D 3 HOH 44  2044 2044 HOH HOH A . 
D 3 HOH 45  2045 2045 HOH HOH A . 
D 3 HOH 46  2046 2046 HOH HOH A . 
D 3 HOH 47  2047 2047 HOH HOH A . 
D 3 HOH 48  2048 2048 HOH HOH A . 
D 3 HOH 49  2049 2049 HOH HOH A . 
D 3 HOH 50  2050 2050 HOH HOH A . 
D 3 HOH 51  2051 2051 HOH HOH A . 
D 3 HOH 52  2052 2052 HOH HOH A . 
D 3 HOH 53  2053 2053 HOH HOH A . 
D 3 HOH 54  2054 2054 HOH HOH A . 
D 3 HOH 55  2055 2055 HOH HOH A . 
D 3 HOH 56  2056 2056 HOH HOH A . 
D 3 HOH 57  2057 2057 HOH HOH A . 
D 3 HOH 58  2058 2058 HOH HOH A . 
D 3 HOH 59  2059 2059 HOH HOH A . 
D 3 HOH 60  2060 2060 HOH HOH A . 
D 3 HOH 61  2061 2061 HOH HOH A . 
D 3 HOH 62  2062 2062 HOH HOH A . 
D 3 HOH 63  2063 2063 HOH HOH A . 
D 3 HOH 64  2064 2064 HOH HOH A . 
D 3 HOH 65  2065 2065 HOH HOH A . 
D 3 HOH 66  2066 2066 HOH HOH A . 
D 3 HOH 67  2067 2067 HOH HOH A . 
D 3 HOH 68  2068 2068 HOH HOH A . 
D 3 HOH 69  2069 2069 HOH HOH A . 
D 3 HOH 70  2070 2070 HOH HOH A . 
D 3 HOH 71  2071 2071 HOH HOH A . 
D 3 HOH 72  2072 2072 HOH HOH A . 
D 3 HOH 73  2073 2073 HOH HOH A . 
D 3 HOH 74  2074 2074 HOH HOH A . 
D 3 HOH 75  2075 2075 HOH HOH A . 
D 3 HOH 76  2076 2076 HOH HOH A . 
D 3 HOH 77  2077 2077 HOH HOH A . 
D 3 HOH 78  2078 2078 HOH HOH A . 
D 3 HOH 79  2079 2079 HOH HOH A . 
D 3 HOH 80  2080 2080 HOH HOH A . 
D 3 HOH 81  2081 2081 HOH HOH A . 
D 3 HOH 82  2082 2082 HOH HOH A . 
D 3 HOH 83  2083 2083 HOH HOH A . 
D 3 HOH 84  2084 2084 HOH HOH A . 
D 3 HOH 85  2085 2085 HOH HOH A . 
D 3 HOH 86  2086 2086 HOH HOH A . 
D 3 HOH 87  2087 2087 HOH HOH A . 
D 3 HOH 88  2088 2088 HOH HOH A . 
D 3 HOH 89  2089 2089 HOH HOH A . 
D 3 HOH 90  2090 2090 HOH HOH A . 
D 3 HOH 91  2091 2091 HOH HOH A . 
D 3 HOH 92  2092 2092 HOH HOH A . 
D 3 HOH 93  2093 2093 HOH HOH A . 
D 3 HOH 94  2094 2094 HOH HOH A . 
D 3 HOH 95  2095 2095 HOH HOH A . 
D 3 HOH 96  2096 2096 HOH HOH A . 
D 3 HOH 97  2097 2097 HOH HOH A . 
D 3 HOH 98  2098 2098 HOH HOH A . 
D 3 HOH 99  2099 2099 HOH HOH A . 
D 3 HOH 100 2100 2100 HOH HOH A . 
D 3 HOH 101 2101 2101 HOH HOH A . 
D 3 HOH 102 2102 2102 HOH HOH A . 
D 3 HOH 103 2103 2103 HOH HOH A . 
D 3 HOH 104 2104 2104 HOH HOH A . 
D 3 HOH 105 2105 2105 HOH HOH A . 
D 3 HOH 106 2106 2106 HOH HOH A . 
D 3 HOH 107 2107 2107 HOH HOH A . 
D 3 HOH 108 2108 2108 HOH HOH A . 
D 3 HOH 109 2109 2109 HOH HOH A . 
D 3 HOH 110 2110 2110 HOH HOH A . 
D 3 HOH 111 2111 2111 HOH HOH A . 
D 3 HOH 112 2112 2112 HOH HOH A . 
D 3 HOH 113 2113 2113 HOH HOH A . 
D 3 HOH 114 2114 2114 HOH HOH A . 
D 3 HOH 115 2115 2115 HOH HOH A . 
D 3 HOH 116 2116 2116 HOH HOH A . 
D 3 HOH 117 2117 2117 HOH HOH A . 
D 3 HOH 118 2118 2118 HOH HOH A . 
D 3 HOH 119 2119 2119 HOH HOH A . 
D 3 HOH 120 2120 2120 HOH HOH A . 
D 3 HOH 121 2121 2121 HOH HOH A . 
D 3 HOH 122 2122 2122 HOH HOH A . 
D 3 HOH 123 2123 2123 HOH HOH A . 
D 3 HOH 124 2124 2124 HOH HOH A . 
D 3 HOH 125 2125 2125 HOH HOH A . 
D 3 HOH 126 2126 2126 HOH HOH A . 
D 3 HOH 127 2127 2127 HOH HOH A . 
D 3 HOH 128 2128 2128 HOH HOH A . 
D 3 HOH 129 2129 2129 HOH HOH A . 
D 3 HOH 130 2130 2130 HOH HOH A . 
D 3 HOH 131 2131 2131 HOH HOH A . 
D 3 HOH 132 2132 2132 HOH HOH A . 
D 3 HOH 133 2133 2133 HOH HOH A . 
D 3 HOH 134 2134 2134 HOH HOH A . 
D 3 HOH 135 2135 2135 HOH HOH A . 
D 3 HOH 136 2136 2136 HOH HOH A . 
D 3 HOH 137 2137 2137 HOH HOH A . 
D 3 HOH 138 2138 2138 HOH HOH A . 
D 3 HOH 139 2139 2139 HOH HOH A . 
D 3 HOH 140 2140 2140 HOH HOH A . 
D 3 HOH 141 2141 2141 HOH HOH A . 
D 3 HOH 142 2142 2142 HOH HOH A . 
D 3 HOH 143 2143 2143 HOH HOH A . 
D 3 HOH 144 2144 2144 HOH HOH A . 
D 3 HOH 145 2145 2145 HOH HOH A . 
D 3 HOH 146 2146 2146 HOH HOH A . 
D 3 HOH 147 2147 2147 HOH HOH A . 
D 3 HOH 148 2148 2148 HOH HOH A . 
D 3 HOH 149 2149 2149 HOH HOH A . 
D 3 HOH 150 2150 2150 HOH HOH A . 
D 3 HOH 151 2151 2151 HOH HOH A . 
D 3 HOH 152 2152 2152 HOH HOH A . 
D 3 HOH 153 2153 2153 HOH HOH A . 
D 3 HOH 154 2154 2154 HOH HOH A . 
D 3 HOH 155 2155 2155 HOH HOH A . 
D 3 HOH 156 2156 2156 HOH HOH A . 
D 3 HOH 157 2157 2157 HOH HOH A . 
D 3 HOH 158 2158 2158 HOH HOH A . 
D 3 HOH 159 2159 2159 HOH HOH A . 
D 3 HOH 160 2160 2160 HOH HOH A . 
D 3 HOH 161 2161 2161 HOH HOH A . 
D 3 HOH 162 2162 2162 HOH HOH A . 
D 3 HOH 163 2163 2163 HOH HOH A . 
D 3 HOH 164 2164 2164 HOH HOH A . 
D 3 HOH 165 2165 2165 HOH HOH A . 
D 3 HOH 166 2166 2166 HOH HOH A . 
D 3 HOH 167 2167 2167 HOH HOH A . 
D 3 HOH 168 2168 2168 HOH HOH A . 
D 3 HOH 169 2169 2169 HOH HOH A . 
D 3 HOH 170 2170 2170 HOH HOH A . 
D 3 HOH 171 2171 2171 HOH HOH A . 
D 3 HOH 172 2172 2172 HOH HOH A . 
D 3 HOH 173 2173 2173 HOH HOH A . 
D 3 HOH 174 2174 2174 HOH HOH A . 
D 3 HOH 175 2175 2175 HOH HOH A . 
D 3 HOH 176 2176 2176 HOH HOH A . 
D 3 HOH 177 2177 2177 HOH HOH A . 
D 3 HOH 178 2178 2178 HOH HOH A . 
D 3 HOH 179 2179 2179 HOH HOH A . 
D 3 HOH 180 2180 2180 HOH HOH A . 
D 3 HOH 181 2181 2181 HOH HOH A . 
D 3 HOH 182 2182 2182 HOH HOH A . 
D 3 HOH 183 2183 2183 HOH HOH A . 
D 3 HOH 184 2184 2184 HOH HOH A . 
D 3 HOH 185 2185 2185 HOH HOH A . 
D 3 HOH 186 2186 2186 HOH HOH A . 
D 3 HOH 187 2187 2187 HOH HOH A . 
D 3 HOH 188 2188 2188 HOH HOH A . 
D 3 HOH 189 2189 2189 HOH HOH A . 
D 3 HOH 190 2190 2190 HOH HOH A . 
D 3 HOH 191 2191 2191 HOH HOH A . 
D 3 HOH 192 2192 2192 HOH HOH A . 
D 3 HOH 193 2193 2193 HOH HOH A . 
D 3 HOH 194 2194 2194 HOH HOH A . 
D 3 HOH 195 2195 2195 HOH HOH A . 
D 3 HOH 196 2196 2196 HOH HOH A . 
D 3 HOH 197 2197 2197 HOH HOH A . 
D 3 HOH 198 2198 2198 HOH HOH A . 
D 3 HOH 199 2199 2199 HOH HOH A . 
D 3 HOH 200 2200 2200 HOH HOH A . 
D 3 HOH 201 2201 2201 HOH HOH A . 
D 3 HOH 202 2202 2202 HOH HOH A . 
D 3 HOH 203 2203 2203 HOH HOH A . 
D 3 HOH 204 2204 2204 HOH HOH A . 
D 3 HOH 205 2205 2205 HOH HOH A . 
D 3 HOH 206 2206 2206 HOH HOH A . 
D 3 HOH 207 2207 2207 HOH HOH A . 
D 3 HOH 208 2208 2208 HOH HOH A . 
D 3 HOH 209 2209 2209 HOH HOH A . 
D 3 HOH 210 2210 2210 HOH HOH A . 
D 3 HOH 211 2211 2211 HOH HOH A . 
D 3 HOH 212 2212 2212 HOH HOH A . 
D 3 HOH 213 2213 2213 HOH HOH A . 
D 3 HOH 214 2214 2214 HOH HOH A . 
D 3 HOH 215 2215 2215 HOH HOH A . 
D 3 HOH 216 2216 2216 HOH HOH A . 
D 3 HOH 217 2217 2217 HOH HOH A . 
D 3 HOH 218 2218 2218 HOH HOH A . 
D 3 HOH 219 2219 2219 HOH HOH A . 
D 3 HOH 220 2220 2220 HOH HOH A . 
D 3 HOH 221 2221 2221 HOH HOH A . 
D 3 HOH 222 2222 2222 HOH HOH A . 
D 3 HOH 223 2223 2223 HOH HOH A . 
D 3 HOH 224 2224 2224 HOH HOH A . 
D 3 HOH 225 2225 2225 HOH HOH A . 
D 3 HOH 226 2226 2226 HOH HOH A . 
D 3 HOH 227 2227 2227 HOH HOH A . 
D 3 HOH 228 2228 2228 HOH HOH A . 
D 3 HOH 229 2229 2229 HOH HOH A . 
D 3 HOH 230 2230 2230 HOH HOH A . 
D 3 HOH 231 2231 2231 HOH HOH A . 
D 3 HOH 232 2232 2232 HOH HOH A . 
D 3 HOH 233 2233 2233 HOH HOH A . 
# 
loop_
_pdbx_unobs_or_zero_occ_atoms.id 
_pdbx_unobs_or_zero_occ_atoms.PDB_model_num 
_pdbx_unobs_or_zero_occ_atoms.polymer_flag 
_pdbx_unobs_or_zero_occ_atoms.occupancy_flag 
_pdbx_unobs_or_zero_occ_atoms.auth_asym_id 
_pdbx_unobs_or_zero_occ_atoms.auth_comp_id 
_pdbx_unobs_or_zero_occ_atoms.auth_seq_id 
_pdbx_unobs_or_zero_occ_atoms.PDB_ins_code 
_pdbx_unobs_or_zero_occ_atoms.auth_atom_id 
_pdbx_unobs_or_zero_occ_atoms.label_alt_id 
_pdbx_unobs_or_zero_occ_atoms.label_asym_id 
_pdbx_unobs_or_zero_occ_atoms.label_comp_id 
_pdbx_unobs_or_zero_occ_atoms.label_seq_id 
_pdbx_unobs_or_zero_occ_atoms.label_atom_id 
1 1 Y 0 A ARG 103 ? NE  ? A ARG 74 NE  
2 1 Y 0 A ARG 103 ? CZ  ? A ARG 74 CZ  
3 1 Y 0 A ARG 103 ? NH1 ? A ARG 74 NH1 
4 1 Y 0 A ARG 103 ? NH2 ? A ARG 74 NH2 
# 
loop_
_software.name 
_software.classification 
_software.version 
_software.citation_id 
_software.pdbx_ordinal 
REFMAC  refinement       5.8.0135 ? 1 
xia2    'data reduction' .        ? 2 
Aimless 'data scaling'   .        ? 3 
BALBES  phasing          .        ? 4 
# 
_cell.entry_id           5FTZ 
_cell.length_a           69.620 
_cell.length_b           32.430 
_cell.length_c           61.320 
_cell.angle_alpha        90.00 
_cell.angle_beta         97.77 
_cell.angle_gamma        90.00 
_cell.Z_PDB              4 
_cell.pdbx_unique_axis   ? 
# 
_symmetry.entry_id                         5FTZ 
_symmetry.space_group_name_H-M             'C 1 2 1' 
_symmetry.pdbx_full_space_group_name_H-M   ? 
_symmetry.cell_setting                     ? 
_symmetry.Int_Tables_number                5 
# 
_exptl.entry_id          5FTZ 
_exptl.method            'X-RAY DIFFRACTION' 
_exptl.crystals_number   1 
# 
_exptl_crystal.id                    1 
_exptl_crystal.density_meas          ? 
_exptl_crystal.density_Matthews      2.01 
_exptl_crystal.density_percent_sol   38.94 
_exptl_crystal.description           NONE 
# 
_exptl_crystal_grow.crystal_id      1 
_exptl_crystal_grow.method          ? 
_exptl_crystal_grow.temp            ? 
_exptl_crystal_grow.temp_details    ? 
_exptl_crystal_grow.pH              4.6 
_exptl_crystal_grow.pdbx_pH_range   ? 
_exptl_crystal_grow.pdbx_details    '0.05 M SODIUM ACETATE PH 4.6, 25 % PEG 4,000' 
# 
_diffrn.id                     1 
_diffrn.ambient_temp           100 
_diffrn.ambient_temp_details   ? 
_diffrn.crystal_id             1 
# 
_diffrn_detector.diffrn_id              1 
_diffrn_detector.detector               PIXEL 
_diffrn_detector.type                   'DECTRIS PILATUS 6M' 
_diffrn_detector.pdbx_collection_date   2015-05-15 
_diffrn_detector.details                MIRRORS 
# 
_diffrn_radiation.diffrn_id                        1 
_diffrn_radiation.wavelength_id                    1 
_diffrn_radiation.pdbx_monochromatic_or_laue_m_l   M 
_diffrn_radiation.monochromator                    'SI DOUBLE CRYSTAL' 
_diffrn_radiation.pdbx_diffrn_protocol             'SINGLE WAVELENGTH' 
_diffrn_radiation.pdbx_scattering_type             x-ray 
# 
_diffrn_radiation_wavelength.id           1 
_diffrn_radiation_wavelength.wavelength   1.00 
_diffrn_radiation_wavelength.wt           1.0 
# 
_diffrn_source.diffrn_id                   1 
_diffrn_source.source                      SYNCHROTRON 
_diffrn_source.type                        'DIAMOND BEAMLINE I03' 
_diffrn_source.pdbx_synchrotron_site       Diamond 
_diffrn_source.pdbx_synchrotron_beamline   I03 
_diffrn_source.pdbx_wavelength             1.00 
_diffrn_source.pdbx_wavelength_list        ? 
# 
_reflns.pdbx_diffrn_id               1 
_reflns.pdbx_ordinal                 1 
_reflns.entry_id                     5FTZ 
_reflns.observed_criterion_sigma_I   . 
_reflns.observed_criterion_sigma_F   ? 
_reflns.d_resolution_low             31.90 
_reflns.d_resolution_high            1.38 
_reflns.number_obs                   27360 
_reflns.number_all                   ? 
_reflns.percent_possible_obs         97.3 
_reflns.pdbx_Rmerge_I_obs            0.06 
_reflns.pdbx_Rsym_value              ? 
_reflns.pdbx_netI_over_sigmaI        14.80 
_reflns.B_iso_Wilson_estimate        ? 
_reflns.pdbx_redundancy              4.9 
# 
_reflns_shell.pdbx_diffrn_id         1 
_reflns_shell.pdbx_ordinal           1 
_reflns_shell.d_res_high             1.38 
_reflns_shell.d_res_low              1.40 
_reflns_shell.percent_possible_all   92.2 
_reflns_shell.Rmerge_I_obs           0.68 
_reflns_shell.pdbx_Rsym_value        ? 
_reflns_shell.meanI_over_sigI_obs    1.80 
_reflns_shell.pdbx_redundancy        3.5 
# 
_refine.pdbx_refine_id                           'X-RAY DIFFRACTION' 
_refine.entry_id                                 5FTZ 
_refine.pdbx_diffrn_id                           1 
_refine.pdbx_TLS_residual_ADP_flag               ? 
_refine.ls_number_reflns_obs                     25943 
_refine.ls_number_reflns_all                     ? 
_refine.pdbx_ls_sigma_I                          ? 
_refine.pdbx_ls_sigma_F                          . 
_refine.pdbx_data_cutoff_high_absF               ? 
_refine.pdbx_data_cutoff_low_absF                ? 
_refine.pdbx_data_cutoff_high_rms_absF           ? 
_refine.ls_d_res_low                             60.76 
_refine.ls_d_res_high                            1.38 
_refine.ls_percent_reflns_obs                    96.91 
_refine.ls_R_factor_obs                          0.13634 
_refine.ls_R_factor_all                          ? 
_refine.ls_R_factor_R_work                       0.13504 
_refine.ls_R_factor_R_free                       0.15999 
_refine.ls_R_factor_R_free_error                 ? 
_refine.ls_R_factor_R_free_error_details         ? 
_refine.ls_percent_reflns_R_free                 5.2 
_refine.ls_number_reflns_R_free                  1410 
_refine.ls_number_parameters                     ? 
_refine.ls_number_restraints                     ? 
_refine.occupancy_min                            ? 
_refine.occupancy_max                            ? 
_refine.correlation_coeff_Fo_to_Fc               0.980 
_refine.correlation_coeff_Fo_to_Fc_free          0.973 
_refine.B_iso_mean                               13.849 
_refine.aniso_B[1][1]                            -0.19 
_refine.aniso_B[2][2]                            -0.50 
_refine.aniso_B[3][3]                            0.64 
_refine.aniso_B[1][2]                            0.00 
_refine.aniso_B[1][3]                            0.09 
_refine.aniso_B[2][3]                            0.00 
_refine.solvent_model_details                    MASK 
_refine.solvent_model_param_ksol                 ? 
_refine.solvent_model_param_bsol                 ? 
_refine.pdbx_solvent_vdw_probe_radii             1.20 
_refine.pdbx_solvent_ion_probe_radii             0.80 
_refine.pdbx_solvent_shrinkage_radii             0.80 
_refine.pdbx_ls_cross_valid_method               THROUGHOUT 
_refine.details                                  'HYDROGENS HAVE BEEN ADDED IN THE RIDING POSITIONS. U VALUES REFINED INDIVIDUALLY' 
_refine.pdbx_starting_model                      'PDB ENTRY 2BEM' 
_refine.pdbx_method_to_determine_struct          'MOLECULAR REPLACEMENT' 
_refine.pdbx_isotropic_thermal_model             ? 
_refine.pdbx_stereochemistry_target_values       'MAXIMUM LIKELIHOOD' 
_refine.pdbx_stereochem_target_val_spec_case     ? 
_refine.pdbx_R_Free_selection_details            RANDOM 
_refine.pdbx_overall_ESU_R                       0.053 
_refine.pdbx_overall_ESU_R_Free                  0.055 
_refine.overall_SU_ML                            0.038 
_refine.pdbx_overall_phase_error                 ? 
_refine.overall_SU_B                             0.974 
_refine.overall_SU_R_Cruickshank_DPI             ? 
_refine.pdbx_overall_SU_R_free_Cruickshank_DPI   ? 
_refine.pdbx_overall_SU_R_Blow_DPI               ? 
_refine.pdbx_overall_SU_R_free_Blow_DPI          ? 
# 
_refine_hist.pdbx_refine_id                   'X-RAY DIFFRACTION' 
_refine_hist.cycle_id                         LAST 
_refine_hist.pdbx_number_atoms_protein        1304 
_refine_hist.pdbx_number_atoms_nucleic_acid   0 
_refine_hist.pdbx_number_atoms_ligand         2 
_refine_hist.number_atoms_solvent             233 
_refine_hist.number_atoms_total               1539 
_refine_hist.d_res_high                       1.38 
_refine_hist.d_res_low                        60.76 
# 
loop_
_refine_ls_restr.type 
_refine_ls_restr.dev_ideal 
_refine_ls_restr.dev_ideal_target 
_refine_ls_restr.weight 
_refine_ls_restr.number 
_refine_ls_restr.pdbx_refine_id 
_refine_ls_restr.pdbx_restraint_function 
r_bond_refined_d             0.017  0.019  ? 1348 'X-RAY DIFFRACTION' ? 
r_bond_other_d               0.002  0.020  ? 1183 'X-RAY DIFFRACTION' ? 
r_angle_refined_deg          1.721  1.903  ? 1845 'X-RAY DIFFRACTION' ? 
r_angle_other_deg            1.027  3.000  ? 2727 'X-RAY DIFFRACTION' ? 
r_dihedral_angle_1_deg       6.646  5.000  ? 171  'X-RAY DIFFRACTION' ? 
r_dihedral_angle_2_deg       37.712 23.898 ? 59   'X-RAY DIFFRACTION' ? 
r_dihedral_angle_3_deg       12.075 15.000 ? 174  'X-RAY DIFFRACTION' ? 
r_dihedral_angle_4_deg       15.057 15.000 ? 4    'X-RAY DIFFRACTION' ? 
r_chiral_restr               0.114  0.200  ? 191  'X-RAY DIFFRACTION' ? 
r_gen_planes_refined         0.010  0.021  ? 1576 'X-RAY DIFFRACTION' ? 
r_gen_planes_other           0.002  0.020  ? 340  'X-RAY DIFFRACTION' ? 
r_nbd_refined                ?      ?      ? ?    'X-RAY DIFFRACTION' ? 
r_nbd_other                  ?      ?      ? ?    'X-RAY DIFFRACTION' ? 
r_nbtor_refined              ?      ?      ? ?    'X-RAY DIFFRACTION' ? 
r_nbtor_other                ?      ?      ? ?    'X-RAY DIFFRACTION' ? 
r_xyhbond_nbd_refined        ?      ?      ? ?    'X-RAY DIFFRACTION' ? 
r_xyhbond_nbd_other          ?      ?      ? ?    'X-RAY DIFFRACTION' ? 
r_metal_ion_refined          ?      ?      ? ?    'X-RAY DIFFRACTION' ? 
r_metal_ion_other            ?      ?      ? ?    'X-RAY DIFFRACTION' ? 
r_symmetry_vdw_refined       ?      ?      ? ?    'X-RAY DIFFRACTION' ? 
r_symmetry_vdw_other         ?      ?      ? ?    'X-RAY DIFFRACTION' ? 
r_symmetry_hbond_refined     ?      ?      ? ?    'X-RAY DIFFRACTION' ? 
r_symmetry_hbond_other       ?      ?      ? ?    'X-RAY DIFFRACTION' ? 
r_symmetry_metal_ion_refined ?      ?      ? ?    'X-RAY DIFFRACTION' ? 
r_symmetry_metal_ion_other   ?      ?      ? ?    'X-RAY DIFFRACTION' ? 
r_mcbond_it                  1.178  1.156  ? 687  'X-RAY DIFFRACTION' ? 
r_mcbond_other               1.035  1.154  ? 686  'X-RAY DIFFRACTION' ? 
r_mcangle_it                 1.665  1.737  ? 857  'X-RAY DIFFRACTION' ? 
r_mcangle_other              ?      ?      ? ?    'X-RAY DIFFRACTION' ? 
r_scbond_it                  2.149  1.339  ? 661  'X-RAY DIFFRACTION' ? 
r_scbond_other               ?      ?      ? ?    'X-RAY DIFFRACTION' ? 
r_scangle_it                 ?      ?      ? ?    'X-RAY DIFFRACTION' ? 
r_scangle_other              ?      ?      ? ?    'X-RAY DIFFRACTION' ? 
r_long_range_B_refined       ?      ?      ? ?    'X-RAY DIFFRACTION' ? 
r_long_range_B_other         ?      ?      ? ?    'X-RAY DIFFRACTION' ? 
r_rigid_bond_restr           ?      ?      ? ?    'X-RAY DIFFRACTION' ? 
r_sphericity_free            ?      ?      ? ?    'X-RAY DIFFRACTION' ? 
r_sphericity_bonded          ?      ?      ? ?    'X-RAY DIFFRACTION' ? 
# 
_refine_ls_shell.pdbx_refine_id                   'X-RAY DIFFRACTION' 
_refine_ls_shell.pdbx_total_number_of_bins_used   20 
_refine_ls_shell.d_res_high                       1.380 
_refine_ls_shell.d_res_low                        1.416 
_refine_ls_shell.number_reflns_R_work             1854 
_refine_ls_shell.R_factor_R_work                  0.258 
_refine_ls_shell.percent_reflns_obs               92.11 
_refine_ls_shell.R_factor_R_free                  0.270 
_refine_ls_shell.R_factor_R_free_error            ? 
_refine_ls_shell.percent_reflns_R_free            ? 
_refine_ls_shell.number_reflns_R_free             96 
_refine_ls_shell.number_reflns_all                ? 
_refine_ls_shell.R_factor_all                     ? 
# 
_struct.entry_id                  5FTZ 
_struct.title                     'AA10 lytic polysaccharide monooxygenase (LPMO) from Streptomyces lividans' 
_struct.pdbx_model_details        ? 
_struct.pdbx_CASP_flag            ? 
_struct.pdbx_model_type_details   ? 
# 
_struct_keywords.entry_id        5FTZ 
_struct_keywords.pdbx_keywords   LYASE 
_struct_keywords.text            'LYASE, CHITIN, HYPHAL DEVELOPMENT' 
# 
loop_
_struct_asym.id 
_struct_asym.pdbx_blank_PDB_chainid_flag 
_struct_asym.pdbx_modified 
_struct_asym.entity_id 
_struct_asym.details 
A N N 1 ? 
B N N 2 ? 
C N N 2 ? 
D N N 3 ? 
# 
_struct_ref.id                         1 
_struct_ref.db_name                    UNP 
_struct_ref.db_code                    D6EWM4_STRLI 
_struct_ref.entity_id                  1 
_struct_ref.pdbx_seq_one_letter_code   ? 
_struct_ref.pdbx_align_begin           ? 
_struct_ref.pdbx_db_accession          D6EWM4 
_struct_ref.pdbx_db_isoform            ? 
# 
_struct_ref_seq.align_id                      1 
_struct_ref_seq.ref_id                        1 
_struct_ref_seq.pdbx_PDB_id_code              5FTZ 
_struct_ref_seq.pdbx_strand_id                A 
_struct_ref_seq.seq_align_beg                 1 
_struct_ref_seq.pdbx_seq_align_beg_ins_code   ? 
_struct_ref_seq.seq_align_end                 172 
_struct_ref_seq.pdbx_seq_align_end_ins_code   ? 
_struct_ref_seq.pdbx_db_accession             D6EWM4 
_struct_ref_seq.db_align_beg                  30 
_struct_ref_seq.pdbx_db_align_beg_ins_code    ? 
_struct_ref_seq.db_align_end                  201 
_struct_ref_seq.pdbx_db_align_end_ins_code    ? 
_struct_ref_seq.pdbx_auth_seq_align_beg       30 
_struct_ref_seq.pdbx_auth_seq_align_end       201 
# 
_pdbx_struct_assembly.id                   1 
_pdbx_struct_assembly.details              author_and_software_defined_assembly 
_pdbx_struct_assembly.method_details       PISA 
_pdbx_struct_assembly.oligomeric_details   dimeric 
_pdbx_struct_assembly.oligomeric_count     2 
# 
loop_
_pdbx_struct_assembly_prop.biol_id 
_pdbx_struct_assembly_prop.type 
_pdbx_struct_assembly_prop.value 
_pdbx_struct_assembly_prop.details 
1 'ABSA (A^2)' 550   ? 
1 MORE         -37.8 ? 
1 'SSA (A^2)'  14350 ? 
# 
_pdbx_struct_assembly_gen.assembly_id       1 
_pdbx_struct_assembly_gen.oper_expression   1,2 
_pdbx_struct_assembly_gen.asym_id_list      A,B,C,D 
# 
loop_
_pdbx_struct_oper_list.id 
_pdbx_struct_oper_list.type 
_pdbx_struct_oper_list.name 
_pdbx_struct_oper_list.symmetry_operation 
_pdbx_struct_oper_list.matrix[1][1] 
_pdbx_struct_oper_list.matrix[1][2] 
_pdbx_struct_oper_list.matrix[1][3] 
_pdbx_struct_oper_list.vector[1] 
_pdbx_struct_oper_list.matrix[2][1] 
_pdbx_struct_oper_list.matrix[2][2] 
_pdbx_struct_oper_list.matrix[2][3] 
_pdbx_struct_oper_list.vector[2] 
_pdbx_struct_oper_list.matrix[3][1] 
_pdbx_struct_oper_list.matrix[3][2] 
_pdbx_struct_oper_list.matrix[3][3] 
_pdbx_struct_oper_list.vector[3] 
1 'identity operation'         1_555 x,y,z       1.0000000000  0.0000000000 0.0000000000 0.0000000000   0.0000000000 1.0000000000 0.0000000000 0.0000000000 0.0000000000 0.0000000000 1.0000000000  0.0000000000   
2 'crystal symmetry operation' 2_656 -x+1,y,-z+1 -0.9577391975 0.2872167260 0.0155621962 -40.1004294895 0.2872167260 0.9520085455 0.1057652192 7.4255962154 0.0155621962 0.1057652192 -0.9942693480 -28.1502106425 
# 
_struct_biol.id   1 
# 
loop_
_struct_conf.conf_type_id 
_struct_conf.id 
_struct_conf.pdbx_PDB_helix_id 
_struct_conf.beg_label_comp_id 
_struct_conf.beg_label_asym_id 
_struct_conf.beg_label_seq_id 
_struct_conf.pdbx_beg_PDB_ins_code 
_struct_conf.end_label_comp_id 
_struct_conf.end_label_asym_id 
_struct_conf.end_label_seq_id 
_struct_conf.pdbx_end_PDB_ins_code 
_struct_conf.beg_auth_comp_id 
_struct_conf.beg_auth_asym_id 
_struct_conf.beg_auth_seq_id 
_struct_conf.end_auth_comp_id 
_struct_conf.end_auth_asym_id 
_struct_conf.end_auth_seq_id 
_struct_conf.pdbx_PDB_helix_class 
_struct_conf.details 
_struct_conf.pdbx_PDB_helix_length 
HELX_P HELX_P1 1 SER A 9   ? ASN A 16  ? SER A 38  ASN A 45  1 ? 8 
HELX_P HELX_P2 2 CYS A 22  ? GLU A 28  ? CYS A 51  GLU A 57  5 ? 7 
HELX_P HELX_P3 3 GLU A 28  ? SER A 31  ? GLU A 57  SER A 60  5 ? 4 
HELX_P HELX_P4 4 HIS A 53  ? SER A 61  ? HIS A 82  SER A 90  5 ? 9 
HELX_P HELX_P5 5 ALA A 112 ? ASP A 115 ? ALA A 141 ASP A 144 5 ? 4 
# 
_struct_conf_type.id          HELX_P 
_struct_conf_type.criteria    ? 
_struct_conf_type.reference   ? 
# 
loop_
_struct_conn.id 
_struct_conn.conn_type_id 
_struct_conn.pdbx_leaving_atom_flag 
_struct_conn.pdbx_PDB_id 
_struct_conn.ptnr1_label_asym_id 
_struct_conn.ptnr1_label_comp_id 
_struct_conn.ptnr1_label_seq_id 
_struct_conn.ptnr1_label_atom_id 
_struct_conn.pdbx_ptnr1_label_alt_id 
_struct_conn.pdbx_ptnr1_PDB_ins_code 
_struct_conn.pdbx_ptnr1_standard_comp_id 
_struct_conn.ptnr1_symmetry 
_struct_conn.ptnr2_label_asym_id 
_struct_conn.ptnr2_label_comp_id 
_struct_conn.ptnr2_label_seq_id 
_struct_conn.ptnr2_label_atom_id 
_struct_conn.pdbx_ptnr2_label_alt_id 
_struct_conn.pdbx_ptnr2_PDB_ins_code 
_struct_conn.ptnr1_auth_asym_id 
_struct_conn.ptnr1_auth_comp_id 
_struct_conn.ptnr1_auth_seq_id 
_struct_conn.ptnr2_auth_asym_id 
_struct_conn.ptnr2_auth_comp_id 
_struct_conn.ptnr2_auth_seq_id 
_struct_conn.ptnr2_symmetry 
_struct_conn.pdbx_ptnr3_label_atom_id 
_struct_conn.pdbx_ptnr3_label_seq_id 
_struct_conn.pdbx_ptnr3_label_comp_id 
_struct_conn.pdbx_ptnr3_label_asym_id 
_struct_conn.pdbx_ptnr3_label_alt_id 
_struct_conn.pdbx_ptnr3_PDB_ins_code 
_struct_conn.details 
_struct_conn.pdbx_dist_value 
_struct_conn.pdbx_value_order 
_struct_conn.pdbx_role 
disulf1 disulf ? ? A CYS 14  SG  ? ? ? 1_555 A CYS 22  SG ? ? A CYS 43  A CYS 51  1_555 ? ? ? ? ? ? ? 2.072 ? ? 
disulf2 disulf ? ? A CYS 49  SG  ? ? ? 1_555 A CYS 167 SG ? ? A CYS 78  A CYS 196 1_555 ? ? ? ? ? ? ? 2.093 ? ? 
metalc1 metalc ? ? A HIS 1   ND1 ? ? ? 1_555 B CU  .   CU ? ? A HIS 30  A CU  202 1_555 ? ? ? ? ? ? ? 1.936 ? ? 
metalc2 metalc ? ? A HIS 91  NE2 ? ? ? 1_555 B CU  .   CU ? ? A HIS 120 A CU  202 1_555 ? ? ? ? ? ? ? 1.908 ? ? 
metalc3 metalc ? ? A HIS 158 NE2 ? ? ? 2_656 C CU  .   CU A ? A HIS 187 A CU  203 1_555 ? ? ? ? ? ? ? 1.939 ? ? 
metalc4 metalc ? ? A HIS 158 NE2 ? ? ? 1_555 C CU  .   CU A ? A HIS 187 A CU  203 1_555 ? ? ? ? ? ? ? 1.946 ? ? 
metalc5 metalc ? ? A ASP 159 OD2 ? ? ? 1_555 C CU  .   CU A ? A ASP 188 A CU  203 1_555 ? ? ? ? ? ? ? 2.400 ? ? 
metalc6 metalc ? ? A ASP 159 OD2 ? ? ? 2_656 C CU  .   CU A ? A ASP 188 A CU  203 1_555 ? ? ? ? ? ? ? 2.424 ? ? 
# 
loop_
_struct_conn_type.id 
_struct_conn_type.criteria 
_struct_conn_type.reference 
disulf ? ? 
metalc ? ? 
# 
loop_
_pdbx_struct_conn_angle.id 
_pdbx_struct_conn_angle.ptnr1_label_atom_id 
_pdbx_struct_conn_angle.ptnr1_label_alt_id 
_pdbx_struct_conn_angle.ptnr1_label_asym_id 
_pdbx_struct_conn_angle.ptnr1_label_comp_id 
_pdbx_struct_conn_angle.ptnr1_label_seq_id 
_pdbx_struct_conn_angle.ptnr1_auth_atom_id 
_pdbx_struct_conn_angle.ptnr1_auth_asym_id 
_pdbx_struct_conn_angle.ptnr1_auth_comp_id 
_pdbx_struct_conn_angle.ptnr1_auth_seq_id 
_pdbx_struct_conn_angle.ptnr1_PDB_ins_code 
_pdbx_struct_conn_angle.ptnr1_symmetry 
_pdbx_struct_conn_angle.ptnr2_label_atom_id 
_pdbx_struct_conn_angle.ptnr2_label_alt_id 
_pdbx_struct_conn_angle.ptnr2_label_asym_id 
_pdbx_struct_conn_angle.ptnr2_label_comp_id 
_pdbx_struct_conn_angle.ptnr2_label_seq_id 
_pdbx_struct_conn_angle.ptnr2_auth_atom_id 
_pdbx_struct_conn_angle.ptnr2_auth_asym_id 
_pdbx_struct_conn_angle.ptnr2_auth_comp_id 
_pdbx_struct_conn_angle.ptnr2_auth_seq_id 
_pdbx_struct_conn_angle.ptnr2_PDB_ins_code 
_pdbx_struct_conn_angle.ptnr2_symmetry 
_pdbx_struct_conn_angle.ptnr3_label_atom_id 
_pdbx_struct_conn_angle.ptnr3_label_alt_id 
_pdbx_struct_conn_angle.ptnr3_label_asym_id 
_pdbx_struct_conn_angle.ptnr3_label_comp_id 
_pdbx_struct_conn_angle.ptnr3_label_seq_id 
_pdbx_struct_conn_angle.ptnr3_auth_atom_id 
_pdbx_struct_conn_angle.ptnr3_auth_asym_id 
_pdbx_struct_conn_angle.ptnr3_auth_comp_id 
_pdbx_struct_conn_angle.ptnr3_auth_seq_id 
_pdbx_struct_conn_angle.ptnr3_PDB_ins_code 
_pdbx_struct_conn_angle.ptnr3_symmetry 
_pdbx_struct_conn_angle.value 
_pdbx_struct_conn_angle.value_esd 
1 ND1 ? A HIS 1   ? A HIS 30  ? 1_555 CU ? B CU . ? A CU 202 ? 1_555 NE2 ? A HIS 91  ? A HIS 120 ? 1_555 160.3 ? 
2 NE2 ? A HIS 158 ? A HIS 187 ? 2_656 CU A C CU . ? A CU 203 ? 1_555 NE2 ? A HIS 158 ? A HIS 187 ? 1_555 177.0 ? 
3 NE2 ? A HIS 158 ? A HIS 187 ? 2_656 CU A C CU . ? A CU 203 ? 1_555 OD2 ? A ASP 159 ? A ASP 188 ? 1_555 89.4  ? 
4 NE2 ? A HIS 158 ? A HIS 187 ? 1_555 CU A C CU . ? A CU 203 ? 1_555 OD2 ? A ASP 159 ? A ASP 188 ? 1_555 90.4  ? 
5 NE2 ? A HIS 158 ? A HIS 187 ? 2_656 CU A C CU . ? A CU 203 ? 1_555 OD2 ? A ASP 159 ? A ASP 188 ? 2_656 89.8  ? 
6 NE2 ? A HIS 158 ? A HIS 187 ? 1_555 CU A C CU . ? A CU 203 ? 1_555 OD2 ? A ASP 159 ? A ASP 188 ? 2_656 88.5  ? 
7 OD2 ? A ASP 159 ? A ASP 188 ? 1_555 CU A C CU . ? A CU 203 ? 1_555 OD2 ? A ASP 159 ? A ASP 188 ? 2_656 144.0 ? 
# 
loop_
_pdbx_modification_feature.ordinal 
_pdbx_modification_feature.label_comp_id 
_pdbx_modification_feature.label_asym_id 
_pdbx_modification_feature.label_seq_id 
_pdbx_modification_feature.label_alt_id 
_pdbx_modification_feature.modified_residue_label_comp_id 
_pdbx_modification_feature.modified_residue_label_asym_id 
_pdbx_modification_feature.modified_residue_label_seq_id 
_pdbx_modification_feature.modified_residue_label_alt_id 
_pdbx_modification_feature.auth_comp_id 
_pdbx_modification_feature.auth_asym_id 
_pdbx_modification_feature.auth_seq_id 
_pdbx_modification_feature.PDB_ins_code 
_pdbx_modification_feature.symmetry 
_pdbx_modification_feature.modified_residue_auth_comp_id 
_pdbx_modification_feature.modified_residue_auth_asym_id 
_pdbx_modification_feature.modified_residue_auth_seq_id 
_pdbx_modification_feature.modified_residue_PDB_ins_code 
_pdbx_modification_feature.modified_residue_symmetry 
_pdbx_modification_feature.comp_id_linking_atom 
_pdbx_modification_feature.modified_residue_id_linking_atom 
_pdbx_modification_feature.modified_residue_id 
_pdbx_modification_feature.ref_pcm_id 
_pdbx_modification_feature.ref_comp_id 
_pdbx_modification_feature.type 
_pdbx_modification_feature.category 
1 CYS A 14 ? CYS A 22  ? CYS A 43 ? 1_555 CYS A 51  ? 1_555 SG SG . . . None 'Disulfide bridge' 
2 CYS A 49 ? CYS A 167 ? CYS A 78 ? 1_555 CYS A 196 ? 1_555 SG SG . . . None 'Disulfide bridge' 
# 
loop_
_struct_mon_prot_cis.pdbx_id 
_struct_mon_prot_cis.label_comp_id 
_struct_mon_prot_cis.label_seq_id 
_struct_mon_prot_cis.label_asym_id 
_struct_mon_prot_cis.label_alt_id 
_struct_mon_prot_cis.pdbx_PDB_ins_code 
_struct_mon_prot_cis.auth_comp_id 
_struct_mon_prot_cis.auth_seq_id 
_struct_mon_prot_cis.auth_asym_id 
_struct_mon_prot_cis.pdbx_label_comp_id_2 
_struct_mon_prot_cis.pdbx_label_seq_id_2 
_struct_mon_prot_cis.pdbx_label_asym_id_2 
_struct_mon_prot_cis.pdbx_PDB_ins_code_2 
_struct_mon_prot_cis.pdbx_auth_comp_id_2 
_struct_mon_prot_cis.pdbx_auth_seq_id_2 
_struct_mon_prot_cis.pdbx_auth_asym_id_2 
_struct_mon_prot_cis.pdbx_PDB_model_num 
_struct_mon_prot_cis.pdbx_omega_angle 
1 LEU 6  A . ? LEU 35 A PRO 7  A ? PRO 36 A 1 -11.76 
2 PHE 38 A . ? PHE 67 A PRO 39 A ? PRO 68 A 1 -0.98  
# 
loop_
_struct_sheet.id 
_struct_sheet.type 
_struct_sheet.number_strands 
_struct_sheet.details 
AA ? 3 ? 
AB ? 2 ? 
AC ? 2 ? 
AD ? 5 ? 
AE ? 5 ? 
# 
loop_
_struct_sheet_order.sheet_id 
_struct_sheet_order.range_id_1 
_struct_sheet_order.range_id_2 
_struct_sheet_order.offset 
_struct_sheet_order.sense 
AA 1 2 ? anti-parallel 
AA 2 3 ? anti-parallel 
AB 1 2 ? anti-parallel 
AC 1 2 ? anti-parallel 
AD 1 2 ? anti-parallel 
AD 2 3 ? anti-parallel 
AD 3 4 ? anti-parallel 
AD 4 5 ? anti-parallel 
AE 1 2 ? anti-parallel 
AE 2 3 ? anti-parallel 
AE 3 4 ? anti-parallel 
AE 4 5 ? anti-parallel 
# 
loop_
_struct_sheet_range.sheet_id 
_struct_sheet_range.id 
_struct_sheet_range.beg_label_comp_id 
_struct_sheet_range.beg_label_asym_id 
_struct_sheet_range.beg_label_seq_id 
_struct_sheet_range.pdbx_beg_PDB_ins_code 
_struct_sheet_range.end_label_comp_id 
_struct_sheet_range.end_label_asym_id 
_struct_sheet_range.end_label_seq_id 
_struct_sheet_range.pdbx_end_PDB_ins_code 
_struct_sheet_range.beg_auth_comp_id 
_struct_sheet_range.beg_auth_asym_id 
_struct_sheet_range.beg_auth_seq_id 
_struct_sheet_range.end_auth_comp_id 
_struct_sheet_range.end_auth_asym_id 
_struct_sheet_range.end_auth_seq_id 
AA 1 GLY A 2   ? LEU A 6   ? GLY A 31  LEU A 35  
AA 2 SER A 80  ? PHE A 87  ? SER A 109 PHE A 116 
AA 3 THR A 134 ? THR A 140 ? THR A 163 THR A 169 
AB 1 GLU A 33  ? PRO A 35  ? GLU A 62  PRO A 64  
AB 2 ASN A 162 ? PHE A 172 ? ASN A 191 PHE A 201 
AC 1 THR A 73  ? ARG A 74  ? THR A 102 ARG A 103 
AC 2 ASN A 162 ? PHE A 172 ? ASN A 191 PHE A 201 
AD 1 PHE A 122 ? PRO A 125 ? PHE A 151 PRO A 154 
AD 2 THR A 93  ? VAL A 100 ? THR A 122 VAL A 129 
AD 3 GLY A 147 ? VAL A 157 ? GLY A 176 VAL A 186 
AD 4 ASN A 162 ? PHE A 172 ? ASN A 191 PHE A 201 
AD 5 THR A 73  ? ARG A 74  ? THR A 102 ARG A 103 
AE 1 PHE A 122 ? PRO A 125 ? PHE A 151 PRO A 154 
AE 2 THR A 93  ? VAL A 100 ? THR A 122 VAL A 129 
AE 3 GLY A 147 ? VAL A 157 ? GLY A 176 VAL A 186 
AE 4 ASN A 162 ? PHE A 172 ? ASN A 191 PHE A 201 
AE 5 GLU A 33  ? PRO A 35  ? GLU A 62  PRO A 64  
# 
loop_
_pdbx_struct_sheet_hbond.sheet_id 
_pdbx_struct_sheet_hbond.range_id_1 
_pdbx_struct_sheet_hbond.range_id_2 
_pdbx_struct_sheet_hbond.range_1_label_atom_id 
_pdbx_struct_sheet_hbond.range_1_label_comp_id 
_pdbx_struct_sheet_hbond.range_1_label_asym_id 
_pdbx_struct_sheet_hbond.range_1_label_seq_id 
_pdbx_struct_sheet_hbond.range_1_PDB_ins_code 
_pdbx_struct_sheet_hbond.range_1_auth_atom_id 
_pdbx_struct_sheet_hbond.range_1_auth_comp_id 
_pdbx_struct_sheet_hbond.range_1_auth_asym_id 
_pdbx_struct_sheet_hbond.range_1_auth_seq_id 
_pdbx_struct_sheet_hbond.range_2_label_atom_id 
_pdbx_struct_sheet_hbond.range_2_label_comp_id 
_pdbx_struct_sheet_hbond.range_2_label_asym_id 
_pdbx_struct_sheet_hbond.range_2_label_seq_id 
_pdbx_struct_sheet_hbond.range_2_PDB_ins_code 
_pdbx_struct_sheet_hbond.range_2_auth_atom_id 
_pdbx_struct_sheet_hbond.range_2_auth_comp_id 
_pdbx_struct_sheet_hbond.range_2_auth_asym_id 
_pdbx_struct_sheet_hbond.range_2_auth_seq_id 
AA 1 2 N ASP A 5   ? N ASP A 34  O ARG A 84  ? O ARG A 113 
AA 2 3 N TRP A 85  ? N TRP A 114 O LEU A 135 ? O LEU A 164 
AB 1 2 N GLY A 34  ? N GLY A 63  O ALA A 163 ? O ALA A 192 
AC 1 2 N THR A 73  ? N THR A 102 O ASP A 169 ? O ASP A 198 
AD 1 2 N VAL A 124 ? N VAL A 153 O PHE A 96  ? O PHE A 125 
AD 2 3 N TYR A 99  ? N TYR A 128 O LEU A 152 ? O LEU A 181 
AD 3 4 N VAL A 157 ? N VAL A 186 O ASN A 162 ? O ASN A 191 
AD 4 5 N THR A 171 ? N THR A 200 O THR A 73  ? O THR A 102 
AE 1 2 N VAL A 124 ? N VAL A 153 O PHE A 96  ? O PHE A 125 
AE 2 3 N TYR A 99  ? N TYR A 128 O LEU A 152 ? O LEU A 181 
AE 3 4 N VAL A 157 ? N VAL A 186 O ASN A 162 ? O ASN A 191 
AE 4 5 N ALA A 163 ? N ALA A 192 O GLY A 34  ? O GLY A 63  
# 
loop_
_struct_site.id 
_struct_site.pdbx_evidence_code 
_struct_site.pdbx_auth_asym_id 
_struct_site.pdbx_auth_comp_id 
_struct_site.pdbx_auth_seq_id 
_struct_site.pdbx_auth_ins_code 
_struct_site.pdbx_num_residues 
_struct_site.details 
AC1 Software A CU 202 ? 3 'BINDING SITE FOR RESIDUE CU A 202' 
AC2 Software A CU 203 ? 4 'BINDING SITE FOR RESIDUE CU A 203' 
# 
loop_
_struct_site_gen.id 
_struct_site_gen.site_id 
_struct_site_gen.pdbx_num_res 
_struct_site_gen.label_comp_id 
_struct_site_gen.label_asym_id 
_struct_site_gen.label_seq_id 
_struct_site_gen.pdbx_auth_ins_code 
_struct_site_gen.auth_comp_id 
_struct_site_gen.auth_asym_id 
_struct_site_gen.auth_seq_id 
_struct_site_gen.label_atom_id 
_struct_site_gen.label_alt_id 
_struct_site_gen.symmetry 
_struct_site_gen.details 
1 AC1 3 HIS A 1   ? HIS A 30  . ? 1_555 ? 
2 AC1 3 HIS A 91  ? HIS A 120 . ? 1_555 ? 
3 AC1 3 PHE A 164 ? PHE A 193 . ? 1_555 ? 
4 AC2 4 HIS A 158 ? HIS A 187 . ? 1_555 ? 
5 AC2 4 HIS A 158 ? HIS A 187 . ? 2_656 ? 
6 AC2 4 ASP A 159 ? ASP A 188 . ? 2_656 ? 
7 AC2 4 ASP A 159 ? ASP A 188 . ? 1_555 ? 
# 
_pdbx_entry_details.entry_id                   5FTZ 
_pdbx_entry_details.compound_details           ? 
_pdbx_entry_details.source_details             ? 
_pdbx_entry_details.nonpolymer_details         ? 
_pdbx_entry_details.sequence_details           
;DATABASE ENTRY REFERS TO STREPTOMYCES LIVIDANS 1326 GENOME
SEQUENCE ANNOTATED IN STREPDB
;
_pdbx_entry_details.has_ligand_of_interest     ? 
_pdbx_entry_details.has_protein_modification   Y 
# 
loop_
_pdbx_validate_close_contact.id 
_pdbx_validate_close_contact.PDB_model_num 
_pdbx_validate_close_contact.auth_atom_id_1 
_pdbx_validate_close_contact.auth_asym_id_1 
_pdbx_validate_close_contact.auth_comp_id_1 
_pdbx_validate_close_contact.auth_seq_id_1 
_pdbx_validate_close_contact.PDB_ins_code_1 
_pdbx_validate_close_contact.label_alt_id_1 
_pdbx_validate_close_contact.auth_atom_id_2 
_pdbx_validate_close_contact.auth_asym_id_2 
_pdbx_validate_close_contact.auth_comp_id_2 
_pdbx_validate_close_contact.auth_seq_id_2 
_pdbx_validate_close_contact.PDB_ins_code_2 
_pdbx_validate_close_contact.label_alt_id_2 
_pdbx_validate_close_contact.dist 
1 1 O A PHE 201 ? ? O A HOH 2223 ? ? 1.99 
2 1 O A CYS 43  ? ? O A HOH 2019 ? ? 2.16 
# 
loop_
_pdbx_validate_torsion.id 
_pdbx_validate_torsion.PDB_model_num 
_pdbx_validate_torsion.auth_comp_id 
_pdbx_validate_torsion.auth_asym_id 
_pdbx_validate_torsion.auth_seq_id 
_pdbx_validate_torsion.PDB_ins_code 
_pdbx_validate_torsion.label_alt_id 
_pdbx_validate_torsion.phi 
_pdbx_validate_torsion.psi 
1 1 GLU A 57 ? ? -156.34 60.49   
2 1 SER A 70 ? ? -119.58 -158.38 
# 
loop_
_pdbx_struct_special_symmetry.id 
_pdbx_struct_special_symmetry.PDB_model_num 
_pdbx_struct_special_symmetry.auth_asym_id 
_pdbx_struct_special_symmetry.auth_comp_id 
_pdbx_struct_special_symmetry.auth_seq_id 
_pdbx_struct_special_symmetry.PDB_ins_code 
_pdbx_struct_special_symmetry.label_asym_id 
_pdbx_struct_special_symmetry.label_comp_id 
_pdbx_struct_special_symmetry.label_seq_id 
1 1 A CU  203  ? C CU  . 
2 1 A HOH 2227 ? D HOH . 
# 
loop_
_chem_comp_atom.comp_id 
_chem_comp_atom.atom_id 
_chem_comp_atom.type_symbol 
_chem_comp_atom.pdbx_aromatic_flag 
_chem_comp_atom.pdbx_stereo_config 
_chem_comp_atom.pdbx_ordinal 
ALA N    N  N N 1   
ALA CA   C  N S 2   
ALA C    C  N N 3   
ALA O    O  N N 4   
ALA CB   C  N N 5   
ALA OXT  O  N N 6   
ALA H    H  N N 7   
ALA H2   H  N N 8   
ALA HA   H  N N 9   
ALA HB1  H  N N 10  
ALA HB2  H  N N 11  
ALA HB3  H  N N 12  
ALA HXT  H  N N 13  
ARG N    N  N N 14  
ARG CA   C  N S 15  
ARG C    C  N N 16  
ARG O    O  N N 17  
ARG CB   C  N N 18  
ARG CG   C  N N 19  
ARG CD   C  N N 20  
ARG NE   N  N N 21  
ARG CZ   C  N N 22  
ARG NH1  N  N N 23  
ARG NH2  N  N N 24  
ARG OXT  O  N N 25  
ARG H    H  N N 26  
ARG H2   H  N N 27  
ARG HA   H  N N 28  
ARG HB2  H  N N 29  
ARG HB3  H  N N 30  
ARG HG2  H  N N 31  
ARG HG3  H  N N 32  
ARG HD2  H  N N 33  
ARG HD3  H  N N 34  
ARG HE   H  N N 35  
ARG HH11 H  N N 36  
ARG HH12 H  N N 37  
ARG HH21 H  N N 38  
ARG HH22 H  N N 39  
ARG HXT  H  N N 40  
ASN N    N  N N 41  
ASN CA   C  N S 42  
ASN C    C  N N 43  
ASN O    O  N N 44  
ASN CB   C  N N 45  
ASN CG   C  N N 46  
ASN OD1  O  N N 47  
ASN ND2  N  N N 48  
ASN OXT  O  N N 49  
ASN H    H  N N 50  
ASN H2   H  N N 51  
ASN HA   H  N N 52  
ASN HB2  H  N N 53  
ASN HB3  H  N N 54  
ASN HD21 H  N N 55  
ASN HD22 H  N N 56  
ASN HXT  H  N N 57  
ASP N    N  N N 58  
ASP CA   C  N S 59  
ASP C    C  N N 60  
ASP O    O  N N 61  
ASP CB   C  N N 62  
ASP CG   C  N N 63  
ASP OD1  O  N N 64  
ASP OD2  O  N N 65  
ASP OXT  O  N N 66  
ASP H    H  N N 67  
ASP H2   H  N N 68  
ASP HA   H  N N 69  
ASP HB2  H  N N 70  
ASP HB3  H  N N 71  
ASP HD2  H  N N 72  
ASP HXT  H  N N 73  
CU  CU   CU N N 74  
CYS N    N  N N 75  
CYS CA   C  N R 76  
CYS C    C  N N 77  
CYS O    O  N N 78  
CYS CB   C  N N 79  
CYS SG   S  N N 80  
CYS OXT  O  N N 81  
CYS H    H  N N 82  
CYS H2   H  N N 83  
CYS HA   H  N N 84  
CYS HB2  H  N N 85  
CYS HB3  H  N N 86  
CYS HG   H  N N 87  
CYS HXT  H  N N 88  
GLN N    N  N N 89  
GLN CA   C  N S 90  
GLN C    C  N N 91  
GLN O    O  N N 92  
GLN CB   C  N N 93  
GLN CG   C  N N 94  
GLN CD   C  N N 95  
GLN OE1  O  N N 96  
GLN NE2  N  N N 97  
GLN OXT  O  N N 98  
GLN H    H  N N 99  
GLN H2   H  N N 100 
GLN HA   H  N N 101 
GLN HB2  H  N N 102 
GLN HB3  H  N N 103 
GLN HG2  H  N N 104 
GLN HG3  H  N N 105 
GLN HE21 H  N N 106 
GLN HE22 H  N N 107 
GLN HXT  H  N N 108 
GLU N    N  N N 109 
GLU CA   C  N S 110 
GLU C    C  N N 111 
GLU O    O  N N 112 
GLU CB   C  N N 113 
GLU CG   C  N N 114 
GLU CD   C  N N 115 
GLU OE1  O  N N 116 
GLU OE2  O  N N 117 
GLU OXT  O  N N 118 
GLU H    H  N N 119 
GLU H2   H  N N 120 
GLU HA   H  N N 121 
GLU HB2  H  N N 122 
GLU HB3  H  N N 123 
GLU HG2  H  N N 124 
GLU HG3  H  N N 125 
GLU HE2  H  N N 126 
GLU HXT  H  N N 127 
GLY N    N  N N 128 
GLY CA   C  N N 129 
GLY C    C  N N 130 
GLY O    O  N N 131 
GLY OXT  O  N N 132 
GLY H    H  N N 133 
GLY H2   H  N N 134 
GLY HA2  H  N N 135 
GLY HA3  H  N N 136 
GLY HXT  H  N N 137 
HIS N    N  N N 138 
HIS CA   C  N S 139 
HIS C    C  N N 140 
HIS O    O  N N 141 
HIS CB   C  N N 142 
HIS CG   C  Y N 143 
HIS ND1  N  Y N 144 
HIS CD2  C  Y N 145 
HIS CE1  C  Y N 146 
HIS NE2  N  Y N 147 
HIS OXT  O  N N 148 
HIS H    H  N N 149 
HIS H2   H  N N 150 
HIS HA   H  N N 151 
HIS HB2  H  N N 152 
HIS HB3  H  N N 153 
HIS HD1  H  N N 154 
HIS HD2  H  N N 155 
HIS HE1  H  N N 156 
HIS HE2  H  N N 157 
HIS HXT  H  N N 158 
HOH O    O  N N 159 
HOH H1   H  N N 160 
HOH H2   H  N N 161 
ILE N    N  N N 162 
ILE CA   C  N S 163 
ILE C    C  N N 164 
ILE O    O  N N 165 
ILE CB   C  N S 166 
ILE CG1  C  N N 167 
ILE CG2  C  N N 168 
ILE CD1  C  N N 169 
ILE OXT  O  N N 170 
ILE H    H  N N 171 
ILE H2   H  N N 172 
ILE HA   H  N N 173 
ILE HB   H  N N 174 
ILE HG12 H  N N 175 
ILE HG13 H  N N 176 
ILE HG21 H  N N 177 
ILE HG22 H  N N 178 
ILE HG23 H  N N 179 
ILE HD11 H  N N 180 
ILE HD12 H  N N 181 
ILE HD13 H  N N 182 
ILE HXT  H  N N 183 
LEU N    N  N N 184 
LEU CA   C  N S 185 
LEU C    C  N N 186 
LEU O    O  N N 187 
LEU CB   C  N N 188 
LEU CG   C  N N 189 
LEU CD1  C  N N 190 
LEU CD2  C  N N 191 
LEU OXT  O  N N 192 
LEU H    H  N N 193 
LEU H2   H  N N 194 
LEU HA   H  N N 195 
LEU HB2  H  N N 196 
LEU HB3  H  N N 197 
LEU HG   H  N N 198 
LEU HD11 H  N N 199 
LEU HD12 H  N N 200 
LEU HD13 H  N N 201 
LEU HD21 H  N N 202 
LEU HD22 H  N N 203 
LEU HD23 H  N N 204 
LEU HXT  H  N N 205 
LYS N    N  N N 206 
LYS CA   C  N S 207 
LYS C    C  N N 208 
LYS O    O  N N 209 
LYS CB   C  N N 210 
LYS CG   C  N N 211 
LYS CD   C  N N 212 
LYS CE   C  N N 213 
LYS NZ   N  N N 214 
LYS OXT  O  N N 215 
LYS H    H  N N 216 
LYS H2   H  N N 217 
LYS HA   H  N N 218 
LYS HB2  H  N N 219 
LYS HB3  H  N N 220 
LYS HG2  H  N N 221 
LYS HG3  H  N N 222 
LYS HD2  H  N N 223 
LYS HD3  H  N N 224 
LYS HE2  H  N N 225 
LYS HE3  H  N N 226 
LYS HZ1  H  N N 227 
LYS HZ2  H  N N 228 
LYS HZ3  H  N N 229 
LYS HXT  H  N N 230 
PHE N    N  N N 231 
PHE CA   C  N S 232 
PHE C    C  N N 233 
PHE O    O  N N 234 
PHE CB   C  N N 235 
PHE CG   C  Y N 236 
PHE CD1  C  Y N 237 
PHE CD2  C  Y N 238 
PHE CE1  C  Y N 239 
PHE CE2  C  Y N 240 
PHE CZ   C  Y N 241 
PHE OXT  O  N N 242 
PHE H    H  N N 243 
PHE H2   H  N N 244 
PHE HA   H  N N 245 
PHE HB2  H  N N 246 
PHE HB3  H  N N 247 
PHE HD1  H  N N 248 
PHE HD2  H  N N 249 
PHE HE1  H  N N 250 
PHE HE2  H  N N 251 
PHE HZ   H  N N 252 
PHE HXT  H  N N 253 
PRO N    N  N N 254 
PRO CA   C  N S 255 
PRO C    C  N N 256 
PRO O    O  N N 257 
PRO CB   C  N N 258 
PRO CG   C  N N 259 
PRO CD   C  N N 260 
PRO OXT  O  N N 261 
PRO H    H  N N 262 
PRO HA   H  N N 263 
PRO HB2  H  N N 264 
PRO HB3  H  N N 265 
PRO HG2  H  N N 266 
PRO HG3  H  N N 267 
PRO HD2  H  N N 268 
PRO HD3  H  N N 269 
PRO HXT  H  N N 270 
SER N    N  N N 271 
SER CA   C  N S 272 
SER C    C  N N 273 
SER O    O  N N 274 
SER CB   C  N N 275 
SER OG   O  N N 276 
SER OXT  O  N N 277 
SER H    H  N N 278 
SER H2   H  N N 279 
SER HA   H  N N 280 
SER HB2  H  N N 281 
SER HB3  H  N N 282 
SER HG   H  N N 283 
SER HXT  H  N N 284 
THR N    N  N N 285 
THR CA   C  N S 286 
THR C    C  N N 287 
THR O    O  N N 288 
THR CB   C  N R 289 
THR OG1  O  N N 290 
THR CG2  C  N N 291 
THR OXT  O  N N 292 
THR H    H  N N 293 
THR H2   H  N N 294 
THR HA   H  N N 295 
THR HB   H  N N 296 
THR HG1  H  N N 297 
THR HG21 H  N N 298 
THR HG22 H  N N 299 
THR HG23 H  N N 300 
THR HXT  H  N N 301 
TRP N    N  N N 302 
TRP CA   C  N S 303 
TRP C    C  N N 304 
TRP O    O  N N 305 
TRP CB   C  N N 306 
TRP CG   C  Y N 307 
TRP CD1  C  Y N 308 
TRP CD2  C  Y N 309 
TRP NE1  N  Y N 310 
TRP CE2  C  Y N 311 
TRP CE3  C  Y N 312 
TRP CZ2  C  Y N 313 
TRP CZ3  C  Y N 314 
TRP CH2  C  Y N 315 
TRP OXT  O  N N 316 
TRP H    H  N N 317 
TRP H2   H  N N 318 
TRP HA   H  N N 319 
TRP HB2  H  N N 320 
TRP HB3  H  N N 321 
TRP HD1  H  N N 322 
TRP HE1  H  N N 323 
TRP HE3  H  N N 324 
TRP HZ2  H  N N 325 
TRP HZ3  H  N N 326 
TRP HH2  H  N N 327 
TRP HXT  H  N N 328 
TYR N    N  N N 329 
TYR CA   C  N S 330 
TYR C    C  N N 331 
TYR O    O  N N 332 
TYR CB   C  N N 333 
TYR CG   C  Y N 334 
TYR CD1  C  Y N 335 
TYR CD2  C  Y N 336 
TYR CE1  C  Y N 337 
TYR CE2  C  Y N 338 
TYR CZ   C  Y N 339 
TYR OH   O  N N 340 
TYR OXT  O  N N 341 
TYR H    H  N N 342 
TYR H2   H  N N 343 
TYR HA   H  N N 344 
TYR HB2  H  N N 345 
TYR HB3  H  N N 346 
TYR HD1  H  N N 347 
TYR HD2  H  N N 348 
TYR HE1  H  N N 349 
TYR HE2  H  N N 350 
TYR HH   H  N N 351 
TYR HXT  H  N N 352 
VAL N    N  N N 353 
VAL CA   C  N S 354 
VAL C    C  N N 355 
VAL O    O  N N 356 
VAL CB   C  N N 357 
VAL CG1  C  N N 358 
VAL CG2  C  N N 359 
VAL OXT  O  N N 360 
VAL H    H  N N 361 
VAL H2   H  N N 362 
VAL HA   H  N N 363 
VAL HB   H  N N 364 
VAL HG11 H  N N 365 
VAL HG12 H  N N 366 
VAL HG13 H  N N 367 
VAL HG21 H  N N 368 
VAL HG22 H  N N 369 
VAL HG23 H  N N 370 
VAL HXT  H  N N 371 
# 
loop_
_chem_comp_bond.comp_id 
_chem_comp_bond.atom_id_1 
_chem_comp_bond.atom_id_2 
_chem_comp_bond.value_order 
_chem_comp_bond.pdbx_aromatic_flag 
_chem_comp_bond.pdbx_stereo_config 
_chem_comp_bond.pdbx_ordinal 
ALA N   CA   sing N N 1   
ALA N   H    sing N N 2   
ALA N   H2   sing N N 3   
ALA CA  C    sing N N 4   
ALA CA  CB   sing N N 5   
ALA CA  HA   sing N N 6   
ALA C   O    doub N N 7   
ALA C   OXT  sing N N 8   
ALA CB  HB1  sing N N 9   
ALA CB  HB2  sing N N 10  
ALA CB  HB3  sing N N 11  
ALA OXT HXT  sing N N 12  
ARG N   CA   sing N N 13  
ARG N   H    sing N N 14  
ARG N   H2   sing N N 15  
ARG CA  C    sing N N 16  
ARG CA  CB   sing N N 17  
ARG CA  HA   sing N N 18  
ARG C   O    doub N N 19  
ARG C   OXT  sing N N 20  
ARG CB  CG   sing N N 21  
ARG CB  HB2  sing N N 22  
ARG CB  HB3  sing N N 23  
ARG CG  CD   sing N N 24  
ARG CG  HG2  sing N N 25  
ARG CG  HG3  sing N N 26  
ARG CD  NE   sing N N 27  
ARG CD  HD2  sing N N 28  
ARG CD  HD3  sing N N 29  
ARG NE  CZ   sing N N 30  
ARG NE  HE   sing N N 31  
ARG CZ  NH1  sing N N 32  
ARG CZ  NH2  doub N N 33  
ARG NH1 HH11 sing N N 34  
ARG NH1 HH12 sing N N 35  
ARG NH2 HH21 sing N N 36  
ARG NH2 HH22 sing N N 37  
ARG OXT HXT  sing N N 38  
ASN N   CA   sing N N 39  
ASN N   H    sing N N 40  
ASN N   H2   sing N N 41  
ASN CA  C    sing N N 42  
ASN CA  CB   sing N N 43  
ASN CA  HA   sing N N 44  
ASN C   O    doub N N 45  
ASN C   OXT  sing N N 46  
ASN CB  CG   sing N N 47  
ASN CB  HB2  sing N N 48  
ASN CB  HB3  sing N N 49  
ASN CG  OD1  doub N N 50  
ASN CG  ND2  sing N N 51  
ASN ND2 HD21 sing N N 52  
ASN ND2 HD22 sing N N 53  
ASN OXT HXT  sing N N 54  
ASP N   CA   sing N N 55  
ASP N   H    sing N N 56  
ASP N   H2   sing N N 57  
ASP CA  C    sing N N 58  
ASP CA  CB   sing N N 59  
ASP CA  HA   sing N N 60  
ASP C   O    doub N N 61  
ASP C   OXT  sing N N 62  
ASP CB  CG   sing N N 63  
ASP CB  HB2  sing N N 64  
ASP CB  HB3  sing N N 65  
ASP CG  OD1  doub N N 66  
ASP CG  OD2  sing N N 67  
ASP OD2 HD2  sing N N 68  
ASP OXT HXT  sing N N 69  
CYS N   CA   sing N N 70  
CYS N   H    sing N N 71  
CYS N   H2   sing N N 72  
CYS CA  C    sing N N 73  
CYS CA  CB   sing N N 74  
CYS CA  HA   sing N N 75  
CYS C   O    doub N N 76  
CYS C   OXT  sing N N 77  
CYS CB  SG   sing N N 78  
CYS CB  HB2  sing N N 79  
CYS CB  HB3  sing N N 80  
CYS SG  HG   sing N N 81  
CYS OXT HXT  sing N N 82  
GLN N   CA   sing N N 83  
GLN N   H    sing N N 84  
GLN N   H2   sing N N 85  
GLN CA  C    sing N N 86  
GLN CA  CB   sing N N 87  
GLN CA  HA   sing N N 88  
GLN C   O    doub N N 89  
GLN C   OXT  sing N N 90  
GLN CB  CG   sing N N 91  
GLN CB  HB2  sing N N 92  
GLN CB  HB3  sing N N 93  
GLN CG  CD   sing N N 94  
GLN CG  HG2  sing N N 95  
GLN CG  HG3  sing N N 96  
GLN CD  OE1  doub N N 97  
GLN CD  NE2  sing N N 98  
GLN NE2 HE21 sing N N 99  
GLN NE2 HE22 sing N N 100 
GLN OXT HXT  sing N N 101 
GLU N   CA   sing N N 102 
GLU N   H    sing N N 103 
GLU N   H2   sing N N 104 
GLU CA  C    sing N N 105 
GLU CA  CB   sing N N 106 
GLU CA  HA   sing N N 107 
GLU C   O    doub N N 108 
GLU C   OXT  sing N N 109 
GLU CB  CG   sing N N 110 
GLU CB  HB2  sing N N 111 
GLU CB  HB3  sing N N 112 
GLU CG  CD   sing N N 113 
GLU CG  HG2  sing N N 114 
GLU CG  HG3  sing N N 115 
GLU CD  OE1  doub N N 116 
GLU CD  OE2  sing N N 117 
GLU OE2 HE2  sing N N 118 
GLU OXT HXT  sing N N 119 
GLY N   CA   sing N N 120 
GLY N   H    sing N N 121 
GLY N   H2   sing N N 122 
GLY CA  C    sing N N 123 
GLY CA  HA2  sing N N 124 
GLY CA  HA3  sing N N 125 
GLY C   O    doub N N 126 
GLY C   OXT  sing N N 127 
GLY OXT HXT  sing N N 128 
HIS N   CA   sing N N 129 
HIS N   H    sing N N 130 
HIS N   H2   sing N N 131 
HIS CA  C    sing N N 132 
HIS CA  CB   sing N N 133 
HIS CA  HA   sing N N 134 
HIS C   O    doub N N 135 
HIS C   OXT  sing N N 136 
HIS CB  CG   sing N N 137 
HIS CB  HB2  sing N N 138 
HIS CB  HB3  sing N N 139 
HIS CG  ND1  sing Y N 140 
HIS CG  CD2  doub Y N 141 
HIS ND1 CE1  doub Y N 142 
HIS ND1 HD1  sing N N 143 
HIS CD2 NE2  sing Y N 144 
HIS CD2 HD2  sing N N 145 
HIS CE1 NE2  sing Y N 146 
HIS CE1 HE1  sing N N 147 
HIS NE2 HE2  sing N N 148 
HIS OXT HXT  sing N N 149 
HOH O   H1   sing N N 150 
HOH O   H2   sing N N 151 
ILE N   CA   sing N N 152 
ILE N   H    sing N N 153 
ILE N   H2   sing N N 154 
ILE CA  C    sing N N 155 
ILE CA  CB   sing N N 156 
ILE CA  HA   sing N N 157 
ILE C   O    doub N N 158 
ILE C   OXT  sing N N 159 
ILE CB  CG1  sing N N 160 
ILE CB  CG2  sing N N 161 
ILE CB  HB   sing N N 162 
ILE CG1 CD1  sing N N 163 
ILE CG1 HG12 sing N N 164 
ILE CG1 HG13 sing N N 165 
ILE CG2 HG21 sing N N 166 
ILE CG2 HG22 sing N N 167 
ILE CG2 HG23 sing N N 168 
ILE CD1 HD11 sing N N 169 
ILE CD1 HD12 sing N N 170 
ILE CD1 HD13 sing N N 171 
ILE OXT HXT  sing N N 172 
LEU N   CA   sing N N 173 
LEU N   H    sing N N 174 
LEU N   H2   sing N N 175 
LEU CA  C    sing N N 176 
LEU CA  CB   sing N N 177 
LEU CA  HA   sing N N 178 
LEU C   O    doub N N 179 
LEU C   OXT  sing N N 180 
LEU CB  CG   sing N N 181 
LEU CB  HB2  sing N N 182 
LEU CB  HB3  sing N N 183 
LEU CG  CD1  sing N N 184 
LEU CG  CD2  sing N N 185 
LEU CG  HG   sing N N 186 
LEU CD1 HD11 sing N N 187 
LEU CD1 HD12 sing N N 188 
LEU CD1 HD13 sing N N 189 
LEU CD2 HD21 sing N N 190 
LEU CD2 HD22 sing N N 191 
LEU CD2 HD23 sing N N 192 
LEU OXT HXT  sing N N 193 
LYS N   CA   sing N N 194 
LYS N   H    sing N N 195 
LYS N   H2   sing N N 196 
LYS CA  C    sing N N 197 
LYS CA  CB   sing N N 198 
LYS CA  HA   sing N N 199 
LYS C   O    doub N N 200 
LYS C   OXT  sing N N 201 
LYS CB  CG   sing N N 202 
LYS CB  HB2  sing N N 203 
LYS CB  HB3  sing N N 204 
LYS CG  CD   sing N N 205 
LYS CG  HG2  sing N N 206 
LYS CG  HG3  sing N N 207 
LYS CD  CE   sing N N 208 
LYS CD  HD2  sing N N 209 
LYS CD  HD3  sing N N 210 
LYS CE  NZ   sing N N 211 
LYS CE  HE2  sing N N 212 
LYS CE  HE3  sing N N 213 
LYS NZ  HZ1  sing N N 214 
LYS NZ  HZ2  sing N N 215 
LYS NZ  HZ3  sing N N 216 
LYS OXT HXT  sing N N 217 
PHE N   CA   sing N N 218 
PHE N   H    sing N N 219 
PHE N   H2   sing N N 220 
PHE CA  C    sing N N 221 
PHE CA  CB   sing N N 222 
PHE CA  HA   sing N N 223 
PHE C   O    doub N N 224 
PHE C   OXT  sing N N 225 
PHE CB  CG   sing N N 226 
PHE CB  HB2  sing N N 227 
PHE CB  HB3  sing N N 228 
PHE CG  CD1  doub Y N 229 
PHE CG  CD2  sing Y N 230 
PHE CD1 CE1  sing Y N 231 
PHE CD1 HD1  sing N N 232 
PHE CD2 CE2  doub Y N 233 
PHE CD2 HD2  sing N N 234 
PHE CE1 CZ   doub Y N 235 
PHE CE1 HE1  sing N N 236 
PHE CE2 CZ   sing Y N 237 
PHE CE2 HE2  sing N N 238 
PHE CZ  HZ   sing N N 239 
PHE OXT HXT  sing N N 240 
PRO N   CA   sing N N 241 
PRO N   CD   sing N N 242 
PRO N   H    sing N N 243 
PRO CA  C    sing N N 244 
PRO CA  CB   sing N N 245 
PRO CA  HA   sing N N 246 
PRO C   O    doub N N 247 
PRO C   OXT  sing N N 248 
PRO CB  CG   sing N N 249 
PRO CB  HB2  sing N N 250 
PRO CB  HB3  sing N N 251 
PRO CG  CD   sing N N 252 
PRO CG  HG2  sing N N 253 
PRO CG  HG3  sing N N 254 
PRO CD  HD2  sing N N 255 
PRO CD  HD3  sing N N 256 
PRO OXT HXT  sing N N 257 
SER N   CA   sing N N 258 
SER N   H    sing N N 259 
SER N   H2   sing N N 260 
SER CA  C    sing N N 261 
SER CA  CB   sing N N 262 
SER CA  HA   sing N N 263 
SER C   O    doub N N 264 
SER C   OXT  sing N N 265 
SER CB  OG   sing N N 266 
SER CB  HB2  sing N N 267 
SER CB  HB3  sing N N 268 
SER OG  HG   sing N N 269 
SER OXT HXT  sing N N 270 
THR N   CA   sing N N 271 
THR N   H    sing N N 272 
THR N   H2   sing N N 273 
THR CA  C    sing N N 274 
THR CA  CB   sing N N 275 
THR CA  HA   sing N N 276 
THR C   O    doub N N 277 
THR C   OXT  sing N N 278 
THR CB  OG1  sing N N 279 
THR CB  CG2  sing N N 280 
THR CB  HB   sing N N 281 
THR OG1 HG1  sing N N 282 
THR CG2 HG21 sing N N 283 
THR CG2 HG22 sing N N 284 
THR CG2 HG23 sing N N 285 
THR OXT HXT  sing N N 286 
TRP N   CA   sing N N 287 
TRP N   H    sing N N 288 
TRP N   H2   sing N N 289 
TRP CA  C    sing N N 290 
TRP CA  CB   sing N N 291 
TRP CA  HA   sing N N 292 
TRP C   O    doub N N 293 
TRP C   OXT  sing N N 294 
TRP CB  CG   sing N N 295 
TRP CB  HB2  sing N N 296 
TRP CB  HB3  sing N N 297 
TRP CG  CD1  doub Y N 298 
TRP CG  CD2  sing Y N 299 
TRP CD1 NE1  sing Y N 300 
TRP CD1 HD1  sing N N 301 
TRP CD2 CE2  doub Y N 302 
TRP CD2 CE3  sing Y N 303 
TRP NE1 CE2  sing Y N 304 
TRP NE1 HE1  sing N N 305 
TRP CE2 CZ2  sing Y N 306 
TRP CE3 CZ3  doub Y N 307 
TRP CE3 HE3  sing N N 308 
TRP CZ2 CH2  doub Y N 309 
TRP CZ2 HZ2  sing N N 310 
TRP CZ3 CH2  sing Y N 311 
TRP CZ3 HZ3  sing N N 312 
TRP CH2 HH2  sing N N 313 
TRP OXT HXT  sing N N 314 
TYR N   CA   sing N N 315 
TYR N   H    sing N N 316 
TYR N   H2   sing N N 317 
TYR CA  C    sing N N 318 
TYR CA  CB   sing N N 319 
TYR CA  HA   sing N N 320 
TYR C   O    doub N N 321 
TYR C   OXT  sing N N 322 
TYR CB  CG   sing N N 323 
TYR CB  HB2  sing N N 324 
TYR CB  HB3  sing N N 325 
TYR CG  CD1  doub Y N 326 
TYR CG  CD2  sing Y N 327 
TYR CD1 CE1  sing Y N 328 
TYR CD1 HD1  sing N N 329 
TYR CD2 CE2  doub Y N 330 
TYR CD2 HD2  sing N N 331 
TYR CE1 CZ   doub Y N 332 
TYR CE1 HE1  sing N N 333 
TYR CE2 CZ   sing Y N 334 
TYR CE2 HE2  sing N N 335 
TYR CZ  OH   sing N N 336 
TYR OH  HH   sing N N 337 
TYR OXT HXT  sing N N 338 
VAL N   CA   sing N N 339 
VAL N   H    sing N N 340 
VAL N   H2   sing N N 341 
VAL CA  C    sing N N 342 
VAL CA  CB   sing N N 343 
VAL CA  HA   sing N N 344 
VAL C   O    doub N N 345 
VAL C   OXT  sing N N 346 
VAL CB  CG1  sing N N 347 
VAL CB  CG2  sing N N 348 
VAL CB  HB   sing N N 349 
VAL CG1 HG11 sing N N 350 
VAL CG1 HG12 sing N N 351 
VAL CG1 HG13 sing N N 352 
VAL CG2 HG21 sing N N 353 
VAL CG2 HG22 sing N N 354 
VAL CG2 HG23 sing N N 355 
VAL OXT HXT  sing N N 356 
# 
_pdbx_initial_refinement_model.id               1 
_pdbx_initial_refinement_model.entity_id_list   ? 
_pdbx_initial_refinement_model.type             'experimental model' 
_pdbx_initial_refinement_model.source_name      PDB 
_pdbx_initial_refinement_model.accession_code   2BEM 
_pdbx_initial_refinement_model.details          'PDB ENTRY 2BEM' 
# 
_atom_sites.entry_id                    5FTZ 
_atom_sites.fract_transf_matrix[1][1]   -0.00624198 
_atom_sites.fract_transf_matrix[1][2]   0.00162192 
_atom_sites.fract_transf_matrix[1][3]   -0.01298357 
_atom_sites.fract_transf_matrix[2][1]   -0.00448241 
_atom_sites.fract_transf_matrix[2][2]   -0.03046379 
_atom_sites.fract_transf_matrix[2][3]   -0.00165061 
_atom_sites.fract_transf_matrix[3][1]   -0.01548478 
_atom_sites.fract_transf_matrix[3][2]   0.00199617 
_atom_sites.fract_transf_matrix[3][3]   0.00520917 
_atom_sites.fract_transf_vector[1]      0.186092 
_atom_sites.fract_transf_vector[2]      -0.011899 
_atom_sites.fract_transf_vector[3]      0.255435 
# 
loop_
_atom_type.symbol 
C  
CU 
N  
O  
S  
# 
loop_
_atom_site.group_PDB 
_atom_site.id 
_atom_site.type_symbol 
_atom_site.label_atom_id 
_atom_site.label_alt_id 
_atom_site.label_comp_id 
_atom_site.label_asym_id 
_atom_site.label_entity_id 
_atom_site.label_seq_id 
_atom_site.pdbx_PDB_ins_code 
_atom_site.Cartn_x 
_atom_site.Cartn_y 
_atom_site.Cartn_z 
_atom_site.occupancy 
_atom_site.B_iso_or_equiv 
_atom_site.pdbx_formal_charge 
_atom_site.auth_seq_id 
_atom_site.auth_comp_id 
_atom_site.auth_asym_id 
_atom_site.auth_atom_id 
_atom_site.pdbx_PDB_model_num 
ATOM   1    N  N   . HIS A 1 1   ? -12.743 -4.974  -2.179  1.00   12.64 ? 30   HIS A N   1 
ATOM   2    C  CA  . HIS A 1 1   ? -11.911 -5.509  -1.050  1.00   11.34 ? 30   HIS A CA  1 
ATOM   3    C  C   . HIS A 1 1   ? -10.753 -6.295  -1.588  1.00   10.42 ? 30   HIS A C   1 
ATOM   4    O  O   . HIS A 1 1   ? -10.891 -7.177  -2.436  1.00   11.06 ? 30   HIS A O   1 
ATOM   5    C  CB  . HIS A 1 1   ? -12.747 -6.307  -0.048  1.00   12.33 ? 30   HIS A CB  1 
ATOM   6    C  CG  . HIS A 1 1   ? -13.657 -5.441  0.777   1.00   13.41 ? 30   HIS A CG  1 
ATOM   7    N  ND1 . HIS A 1 1   ? -14.651 -4.669  0.235   1.00   14.67 ? 30   HIS A ND1 1 
ATOM   8    C  CD2 . HIS A 1 1   ? -13.690 -5.180  2.099   1.00   15.25 ? 30   HIS A CD2 1 
ATOM   9    C  CE1 . HIS A 1 1   ? -15.259 -3.963  1.167   1.00   16.27 ? 30   HIS A CE1 1 
ATOM   10   N  NE2 . HIS A 1 1   ? -14.695 -4.269  2.314   1.00   16.15 ? 30   HIS A NE2 1 
ATOM   11   N  N   . GLY A 1 2   ? -9.563  -5.923  -1.130  1.00   10.04 ? 31   GLY A N   1 
ATOM   12   C  CA  . GLY A 1 2   ? -8.349  -6.561  -1.579  1.00   10.27 ? 31   GLY A CA  1 
ATOM   13   C  C   . GLY A 1 2   ? -7.124  -5.908  -1.006  1.00   9.59  ? 31   GLY A C   1 
ATOM   14   O  O   . GLY A 1 2   ? -7.211  -4.877  -0.342  1.00   9.44  ? 31   GLY A O   1 
ATOM   15   N  N   . TYR A 1 3   ? -5.957  -6.452  -1.372  1.00   9.25  ? 32   TYR A N   1 
ATOM   16   C  CA  . TYR A 1 3   ? -4.677  -5.944  -0.872  1.00   9.82  ? 32   TYR A CA  1 
ATOM   17   C  C   . TYR A 1 3   ? -3.606  -6.362  -1.873  1.00   9.15  ? 32   TYR A C   1 
ATOM   18   O  O   . TYR A 1 3   ? -3.792  -7.292  -2.658  1.00   9.76  ? 32   TYR A O   1 
ATOM   19   C  CB  . TYR A 1 3   ? -4.359  -6.545  0.523   1.00   10.74 ? 32   TYR A CB  1 
ATOM   20   C  CG  . TYR A 1 3   ? -4.460  -8.028  0.594   1.00   10.94 ? 32   TYR A CG  1 
ATOM   21   C  CD1 . TYR A 1 3   ? -3.410  -8.845  0.209   1.00   11.07 ? 32   TYR A CD1 1 
ATOM   22   C  CD2 . TYR A 1 3   ? -5.635  -8.633  0.978   1.00   12.24 ? 32   TYR A CD2 1 
ATOM   23   C  CE1 . TYR A 1 3   ? -3.539  -10.222 0.148   1.00   13.25 ? 32   TYR A CE1 1 
ATOM   24   C  CE2 . TYR A 1 3   ? -5.777  -10.029 1.006   1.00   13.46 ? 32   TYR A CE2 1 
ATOM   25   C  CZ  . TYR A 1 3   ? -4.716  -10.819 0.582   1.00   14.05 ? 32   TYR A CZ  1 
ATOM   26   O  OH  . TYR A 1 3   ? -4.751  -12.199 0.591   1.00   17.78 ? 32   TYR A OH  1 
ATOM   27   N  N   . THR A 1 4   ? -2.437  -5.801  -1.731  1.00   8.68  ? 33   THR A N   1 
ATOM   28   C  CA  . THR A 1 4   ? -1.307  -6.238  -2.543  1.00   8.55  ? 33   THR A CA  1 
ATOM   29   C  C   . THR A 1 4   ? -0.557  -7.356  -1.825  1.00   9.30  ? 33   THR A C   1 
ATOM   30   O  O   . THR A 1 4   ? -0.267  -7.280  -0.620  1.00   9.22  ? 33   THR A O   1 
ATOM   31   C  CB  . THR A 1 4   ? -0.330  -5.097  -2.817  1.00   9.87  ? 33   THR A CB  1 
ATOM   32   O  OG1 . THR A 1 4   ? -0.177  -4.385  -1.616  1.00   11.09 ? 33   THR A OG1 1 
ATOM   33   C  CG2 . THR A 1 4   ? -0.841  -4.137  -3.899  1.00   11.77 ? 33   THR A CG2 1 
ATOM   34   N  N   . ASP A 1 5   ? -0.207  -8.364  -2.599  1.00   9.71  ? 34   ASP A N   1 
ATOM   35   C  CA  . ASP A 1 5   ? 0.714   -9.389  -2.088  1.00   10.45 ? 34   ASP A CA  1 
ATOM   36   C  C   . ASP A 1 5   ? 2.072   -9.375  -2.782  1.00   10.22 ? 34   ASP A C   1 
ATOM   37   O  O   . ASP A 1 5   ? 2.963   -10.011 -2.288  1.00   11.12 ? 34   ASP A O   1 
ATOM   38   C  CB  . ASP A 1 5   ? 0.088   -10.800 -2.004  1.00   13.68 ? 34   ASP A CB  1 
ATOM   39   C  CG  . ASP A 1 5   ? -0.087  -11.417 -3.273  1.00   16.13 ? 34   ASP A CG  1 
ATOM   40   O  OD1 . ASP A 1 5   ? -0.046  -10.773 -4.304  1.00   15.64 ? 34   ASP A OD1 1 
ATOM   41   O  OD2 . ASP A 1 5   ? -0.262  -12.671 -3.323  1.00   16.78 ? 34   ASP A OD2 1 
ATOM   42   N  N   . LEU A 1 6   ? 2.242   -8.536  -3.800  1.00   10.32 ? 35   LEU A N   1 
ATOM   43   C  CA  . LEU A 1 6   ? 3.570   -8.263  -4.376  1.00   10.18 ? 35   LEU A CA  1 
ATOM   44   C  C   . LEU A 1 6   ? 3.660   -6.787  -4.696  1.00   9.87  ? 35   LEU A C   1 
ATOM   45   O  O   . LEU A 1 6   ? 2.878   -6.304  -5.531  1.00   10.43 ? 35   LEU A O   1 
ATOM   46   C  CB  . LEU A 1 6   ? 3.880   -9.057  -5.669  1.00   11.11 ? 35   LEU A CB  1 
ATOM   47   C  CG  . LEU A 1 6   ? 3.990   -10.534 -5.508  1.00   13.10 ? 35   LEU A CG  1 
ATOM   48   C  CD1 . LEU A 1 6   ? 3.990   -11.208 -6.856  1.00   15.33 ? 35   LEU A CD1 1 
ATOM   49   C  CD2 . LEU A 1 6   ? 5.235   -10.907 -4.690  1.00   14.58 ? 35   LEU A CD2 1 
ATOM   50   N  N   . PRO A 1 7   ? 4.571   -6.021  -4.058  1.00   9.64  ? 36   PRO A N   1 
ATOM   51   C  CA  . PRO A 1 7   ? 5.352   -6.409  -2.889  1.00   10.05 ? 36   PRO A CA  1 
ATOM   52   C  C   . PRO A 1 7   ? 4.378   -6.550  -1.702  1.00   9.38  ? 36   PRO A C   1 
ATOM   53   O  O   . PRO A 1 7   ? 3.416   -5.773  -1.616  1.00   11.15 ? 36   PRO A O   1 
ATOM   54   C  CB  . PRO A 1 7   ? 6.277   -5.188  -2.698  1.00   11.03 ? 36   PRO A CB  1 
ATOM   55   C  CG  . PRO A 1 7   ? 5.546   -4.021  -3.268  1.00   11.75 ? 36   PRO A CG  1 
ATOM   56   C  CD  . PRO A 1 7   ? 4.630   -4.573  -4.329  1.00   10.66 ? 36   PRO A CD  1 
ATOM   57   N  N   . VAL A 1 8   ? 4.609   -7.527  -0.855  1.00   8.93  ? 37   VAL A N   1 
ATOM   58   C  CA  . VAL A 1 8   ? 3.640   -7.835  0.193   1.00   9.06  ? 37   VAL A CA  1 
ATOM   59   C  C   . VAL A 1 8   ? 3.389   -6.637  1.091   1.00   8.70  ? 37   VAL A C   1 
ATOM   60   O  O   . VAL A 1 8   ? 4.327   -6.001  1.592   1.00   9.07  ? 37   VAL A O   1 
ATOM   61   C  CB  . VAL A 1 8   ? 4.011   -9.116  0.946   1.00   10.52 ? 37   VAL A CB  1 
ATOM   62   C  CG1 . VAL A 1 8   ? 5.271   -8.956  1.726   1.00   9.92  ? 37   VAL A CG1 1 
ATOM   63   C  CG2 . VAL A 1 8   ? 2.854   -9.539  1.809   1.00   11.55 ? 37   VAL A CG2 1 
ATOM   64   N  N   . SER A 1 9   ? 2.123   -6.339  1.338   1.00   7.72  ? 38   SER A N   1 
ATOM   65   C  CA  . SER A 1 9   ? 1.709   -5.187  2.129   1.00   8.38  ? 38   SER A CA  1 
ATOM   66   C  C   . SER A 1 9   ? 1.648   -5.499  3.598   1.00   7.85  ? 38   SER A C   1 
ATOM   67   O  O   . SER A 1 9   ? 1.607   -6.644  4.026   1.00   8.42  ? 38   SER A O   1 
ATOM   68   C  CB  . SER A 1 9   ? 0.362   -4.689  1.647   1.00   9.19  ? 38   SER A CB  1 
ATOM   69   O  OG  . SER A 1 9   ? -0.619  -5.739  1.696   1.00   10.94 ? 38   SER A OG  1 
ATOM   70   N  N   . ARG A 1 10  ? 1.657   -4.450  4.421   1.00   7.17  ? 39   ARG A N   1 
ATOM   71   C  CA  . ARG A 1 10  ? 1.589   -4.589  5.853   1.00   7.37  ? 39   ARG A CA  1 
ATOM   72   C  C   . ARG A 1 10  ? 0.382   -5.376  6.292   1.00   7.37  ? 39   ARG A C   1 
ATOM   73   O  O   . ARG A 1 10  ? 0.508   -6.185  7.228   1.00   7.19  ? 39   ARG A O   1 
ATOM   74   C  CB  . ARG A 1 10  ? 1.712   -3.229  6.553   1.00   7.30  ? 39   ARG A CB  1 
ATOM   75   C  CG  . ARG A 1 10  ? 3.070   -2.569  6.444   1.00   8.05  ? 39   ARG A CG  1 
ATOM   76   C  CD  . ARG A 1 10  ? 3.073   -1.226  7.139   1.00   8.13  ? 39   ARG A CD  1 
ATOM   77   N  NE  . ARG A 1 10  ? 4.393   -0.583  7.008   1.00   8.59  ? 39   ARG A NE  1 
ATOM   78   C  CZ  . ARG A 1 10  ? 4.649   0.675   7.359   1.00   9.18  ? 39   ARG A CZ  1 
ATOM   79   N  NH1 . ARG A 1 10  ? 3.707   1.430   7.880   1.00   9.07  ? 39   ARG A NH1 1 
ATOM   80   N  NH2 . ARG A 1 10  ? 5.875   1.167   7.130   1.00   10.07 ? 39   ARG A NH2 1 
ATOM   81   N  N   . GLN A 1 11  ? -0.780  -5.119  5.711   1.00   7.89  ? 40   GLN A N   1 
ATOM   82   C  CA  . GLN A 1 11  ? -1.936  -5.880  6.147   1.00   7.85  ? 40   GLN A CA  1 
ATOM   83   C  C   . GLN A 1 11  ? -1.757  -7.365  5.886   1.00   8.57  ? 40   GLN A C   1 
ATOM   84   O  O   . GLN A 1 11  ? -2.244  -8.193  6.685   1.00   8.53  ? 40   GLN A O   1 
ATOM   85   C  CB  . GLN A 1 11  ? -3.224  -5.334  5.515   1.00   7.86  ? 40   GLN A CB  1 
ATOM   86   C  CG  . GLN A 1 11  ? -3.265  -5.144  4.000   1.00   7.89  ? 40   GLN A CG  1 
ATOM   87   C  CD  . GLN A 1 11  ? -2.965  -3.745  3.596   1.00   8.44  ? 40   GLN A CD  1 
ATOM   88   O  OE1 . GLN A 1 11  ? -1.893  -3.235  3.884   1.00   8.25  ? 40   GLN A OE1 1 
ATOM   89   N  NE2 . GLN A 1 11  ? -3.882  -3.112  2.918   1.00   8.87  ? 40   GLN A NE2 1 
ATOM   90   N  N   . LYS A 1 12  ? -1.092  -7.717  4.800   1.00   8.70  ? 41   LYS A N   1 
ATOM   91   C  CA  . LYS A 1 12  ? -0.904  -9.131  4.500   1.00   9.81  ? 41   LYS A CA  1 
ATOM   92   C  C   . LYS A 1 12  ? 0.171   -9.756  5.363   1.00   10.04 ? 41   LYS A C   1 
ATOM   93   O  O   . LYS A 1 12  ? 0.001   -10.927 5.772   1.00   10.39 ? 41   LYS A O   1 
ATOM   94   C  CB  . LYS A 1 12  ? -0.606  -9.299  3.017   1.00   10.67 ? 41   LYS A CB  1 
ATOM   95   C  CG  . LYS A 1 12  ? -0.482  -10.748 2.530   1.00   11.72 ? 41   LYS A CG  1 
ATOM   96   C  CD  . LYS A 1 12  ? -1.702  -11.593 2.863   1.00   12.39 ? 41   LYS A CD  1 
ATOM   97   C  CE  . LYS A 1 12  ? -1.625  -12.910 2.105   1.00   14.33 ? 41   LYS A CE  1 
ATOM   98   N  NZ  . LYS A 1 12  ? -2.881  -13.650 2.344   1.00   16.80 ? 41   LYS A NZ  1 
ATOM   99   N  N   . VAL A 1 13  ? 1.255   -9.059  5.698   1.00   9.54  ? 42   VAL A N   1 
ATOM   100  C  CA  . VAL A 1 13  ? 2.211   -9.626  6.616   1.00   11.42 ? 42   VAL A CA  1 
ATOM   101  C  C   . VAL A 1 13  ? 1.615   -9.800  7.995   1.00   11.33 ? 42   VAL A C   1 
ATOM   102  O  O   . VAL A 1 13  ? 1.983   -10.754 8.702   1.00   11.98 ? 42   VAL A O   1 
ATOM   103  C  CB  . VAL A 1 13  ? 3.574   -8.916  6.704   1.00   13.28 ? 42   VAL A CB  1 
ATOM   104  C  CG1 . VAL A 1 13  ? 4.247   -8.896  5.330   1.00   14.33 ? 42   VAL A CG1 1 
ATOM   105  C  CG2 . VAL A 1 13  ? 3.545   -7.580  7.285   1.00   13.35 ? 42   VAL A CG2 1 
ATOM   106  N  N   . CYS A 1 14  ? 0.661   -8.973  8.372   1.00   10.28 ? 43   CYS A N   1 
ATOM   107  C  CA  . CYS A 1 14  ? -0.081  -9.187  9.629   1.00   11.74 ? 43   CYS A CA  1 
ATOM   108  C  C   . CYS A 1 14  ? -0.976  -10.444 9.505   1.00   13.21 ? 43   CYS A C   1 
ATOM   109  O  O   . CYS A 1 14  ? -0.912  -11.356 10.366  1.00   19.78 ? 43   CYS A O   1 
ATOM   110  C  CB  . CYS A 1 14  ? -0.875  -7.918  9.926   1.00   12.12 ? 43   CYS A CB  1 
ATOM   111  S  SG  . CYS A 1 14  ? 0.081   -6.509  10.492  1.00   13.98 ? 43   CYS A SG  1 
ATOM   112  N  N   . GLN A 1 15  ? -1.658  -10.639 8.419   1.00   11.03 ? 44   GLN A N   1 
ATOM   113  C  CA  . GLN A 1 15  ? -2.543  -11.805 8.279   1.00   12.22 ? 44   GLN A CA  1 
ATOM   114  C  C   . GLN A 1 15  ? -1.747  -13.109 8.162   1.00   12.41 ? 44   GLN A C   1 
ATOM   115  O  O   . GLN A 1 15  ? -2.200  -14.153 8.699   1.00   13.95 ? 44   GLN A O   1 
ATOM   116  C  CB  . GLN A 1 15  ? -3.495  -11.628 7.133   1.00   13.13 ? 44   GLN A CB  1 
ATOM   117  C  CG  . GLN A 1 15  ? -4.493  -12.769 6.944   1.00   13.59 ? 44   GLN A CG  1 
ATOM   118  C  CD  . GLN A 1 15  ? -3.918  -13.865 6.094   1.00   16.55 ? 44   GLN A CD  1 
ATOM   119  O  OE1 . GLN A 1 15  ? -3.012  -13.679 5.266   1.00   17.35 ? 44   GLN A OE1 1 
ATOM   120  N  NE2 . GLN A 1 15  ? -4.468  -15.070 6.273   1.00   18.34 ? 44   GLN A NE2 1 
ATOM   121  N  N   . ASN A 1 16  ? -0.587  -13.095 7.525   1.00   12.37 ? 45   ASN A N   1 
ATOM   122  C  CA  . ASN A 1 16  ? 0.043   -14.324 7.115   1.00   14.12 ? 45   ASN A CA  1 
ATOM   123  C  C   . ASN A 1 16  ? 0.941   -14.932 8.183   1.00   15.79 ? 45   ASN A C   1 
ATOM   124  O  O   . ASN A 1 16  ? 1.535   -15.971 7.932   1.00   17.53 ? 45   ASN A O   1 
ATOM   125  C  CB  . ASN A 1 16  ? 0.660   -14.205 5.726   1.00   16.86 ? 45   ASN A CB  1 
ATOM   126  C  CG  . ASN A 1 16  ? 1.936   -13.512 5.713   1.00   16.69 ? 45   ASN A CG  1 
ATOM   127  O  OD1 . ASN A 1 16  ? 2.515   -13.199 6.769   1.00   18.06 ? 45   ASN A OD1 1 
ATOM   128  N  ND2 . ASN A 1 16  ? 2.407   -13.178 4.459   1.00   18.10 ? 45   ASN A ND2 1 
ATOM   129  N  N   . GLY A 1 17  ? 1.019   -14.300 9.345   1.00   16.02 ? 46   GLY A N   1 
ATOM   130  C  CA  . GLY A 1 17  ? 1.797   -14.889 10.429  1.00   19.28 ? 46   GLY A CA  1 
ATOM   131  C  C   . GLY A 1 17  ? 3.180   -14.328 10.533  1.00   17.76 ? 46   GLY A C   1 
ATOM   132  O  O   . GLY A 1 17  ? 3.936   -14.697 11.437  1.00   19.07 ? 46   GLY A O   1 
ATOM   133  N  N   . THR A 1 18  ? 3.572   -13.457 9.608   1.00   15.36 ? 47   THR A N   1 
ATOM   134  C  CA  . THR A 1 18  ? 4.927   -12.968 9.609   1.00   13.95 ? 47   THR A CA  1 
ATOM   135  C  C   . THR A 1 18  ? 5.172   -11.963 10.729  1.00   14.46 ? 47   THR A C   1 
ATOM   136  O  O   . THR A 1 18  ? 6.304   -11.889 11.237  1.00   17.19 ? 47   THR A O   1 
ATOM   137  C  CB  . THR A 1 18  ? 5.291   -12.340 8.244   1.00   15.52 ? 47   THR A CB  1 
ATOM   138  O  OG1 . THR A 1 18  ? 5.064   -13.347 7.217   1.00   18.28 ? 47   THR A OG1 1 
ATOM   139  C  CG2 . THR A 1 18  ? 6.755   -11.964 8.172   1.00   17.80 ? 47   THR A CG2 1 
ATOM   140  N  N   . VAL A 1 19  ? 4.157   -11.179 11.034  1.00   13.60 ? 48   VAL A N   1 
ATOM   141  C  CA  . VAL A 1 19  ? 4.198   -10.151 12.059  1.00   15.14 ? 48   VAL A CA  1 
ATOM   142  C  C   . VAL A 1 19  ? 3.074   -10.444 12.997  1.00   14.33 ? 48   VAL A C   1 
ATOM   143  O  O   . VAL A 1 19  ? 1.931   -10.555 12.575  1.00   16.31 ? 48   VAL A O   1 
ATOM   144  C  CB  . VAL A 1 19  ? 3.979   -8.748  11.396  1.00   15.28 ? 48   VAL A CB  1 
ATOM   145  C  CG1 . VAL A 1 19  ? 3.730   -7.659  12.381  1.00   16.90 ? 48   VAL A CG1 1 
ATOM   146  C  CG2 . VAL A 1 19  ? 5.202   -8.420  10.552  1.00   16.98 ? 48   VAL A CG2 1 
ATOM   147  N  N   . GLY A 1 20  ? 3.374   -10.484 14.277  1.00   13.85 ? 49   GLY A N   1 
ATOM   148  C  CA  . GLY A 1 20  ? 2.338   -10.677 15.288  1.00   13.56 ? 49   GLY A CA  1 
ATOM   149  C  C   . GLY A 1 20  ? 1.856   -9.374  15.894  1.00   13.55 ? 49   GLY A C   1 
ATOM   150  O  O   . GLY A 1 20  ? 2.479   -8.319  15.739  1.00   12.99 ? 49   GLY A O   1 
ATOM   151  N  N   . GLY A 1 21  ? 0.742   -9.396  16.606  1.00   12.96 ? 50   GLY A N   1 
ATOM   152  C  CA  . GLY A 1 21  ? 0.311   -8.270  17.419  1.00   13.34 ? 50   GLY A CA  1 
ATOM   153  C  C   . GLY A 1 21  ? -0.459  -7.171  16.697  1.00   13.74 ? 50   GLY A C   1 
ATOM   154  O  O   . GLY A 1 21  ? -0.711  -6.143  17.273  1.00   15.39 ? 50   GLY A O   1 
ATOM   155  N  N   . CYS A 1 22  ? -0.933  -7.410  15.464  1.00   14.25 ? 51   CYS A N   1 
ATOM   156  C  CA  . CYS A 1 22  ? -1.500  -6.329  14.670  1.00   16.07 ? 51   CYS A CA  1 
ATOM   157  C  C   . CYS A 1 22  ? -2.940  -6.039  14.925  1.00   15.19 ? 51   CYS A C   1 
ATOM   158  O  O   . CYS A 1 22  ? -3.413  -4.993  14.433  1.00   16.78 ? 51   CYS A O   1 
ATOM   159  C  CB  . CYS A 1 22  ? -1.420  -6.608  13.167  1.00   16.19 ? 51   CYS A CB  1 
ATOM   160  S  SG  . CYS A 1 22  ? 0.276   -6.840  12.528  1.00   20.02 ? 51   CYS A SG  1 
ATOM   161  N  N   . GLY A 1 23  ? -3.618  -6.869  15.722  1.00   14.19 ? 52   GLY A N   1 
ATOM   162  C  CA  . GLY A 1 23  ? -5.030  -6.585  16.021  1.00   14.35 ? 52   GLY A CA  1 
ATOM   163  C  C   . GLY A 1 23  ? -5.973  -7.110  14.942  1.00   12.77 ? 52   GLY A C   1 
ATOM   164  O  O   . GLY A 1 23  ? -5.707  -8.104  14.273  1.00   13.10 ? 52   GLY A O   1 
ATOM   165  N  N   . ALA A 1 24  ? -7.089  -6.413  14.787  1.00   12.63 ? 53   ALA A N   1 
ATOM   166  C  CA  . ALA A 1 24  ? -8.233  -6.825  13.951  1.00   12.78 ? 53   ALA A CA  1 
ATOM   167  C  C   . ALA A 1 24  ? -7.849  -7.129  12.505  1.00   11.77 ? 53   ALA A C   1 
ATOM   168  O  O   . ALA A 1 24  ? -8.469  -7.951  11.854  1.00   11.86 ? 53   ALA A O   1 
ATOM   169  C  CB  . ALA A 1 24  ? -9.323  -5.740  13.956  1.00   14.56 ? 53   ALA A CB  1 
ATOM   170  N  N   . ILE A 1 25  ? -6.877  -6.378  11.994  1.00   10.43 ? 54   ILE A N   1 
ATOM   171  C  CA  . ILE A 1 25  ? -6.455  -6.568  10.578  1.00   10.40 ? 54   ILE A CA  1 
ATOM   172  C  C   . ILE A 1 25  ? -6.049  -7.961  10.223  1.00   10.39 ? 54   ILE A C   1 
ATOM   173  O  O   . ILE A 1 25  ? -6.183  -8.409  9.081   1.00   11.12 ? 54   ILE A O   1 
ATOM   174  C  CB  . ILE A 1 25  ? -5.356  -5.543  10.183  1.00   11.32 ? 54   ILE A CB  1 
ATOM   175  C  CG1 . ILE A 1 25  ? -5.169  -5.464  8.697   1.00   10.45 ? 54   ILE A CG1 1 
ATOM   176  C  CG2 . ILE A 1 25  ? -4.019  -5.893  10.853  1.00   11.77 ? 54   ILE A CG2 1 
ATOM   177  C  CD1 . ILE A 1 25  ? -6.322  -4.862  7.980   1.00   10.78 ? 54   ILE A CD1 1 
ATOM   178  N  N   . GLN A 1 26  ? -5.562  -8.717  11.205  1.00   10.72 ? 55   GLN A N   1 
ATOM   179  C  CA  . GLN A 1 26  ? -5.082  -10.033 10.902  1.00   10.91 ? 55   GLN A CA  1 
ATOM   180  C  C   . GLN A 1 26  ? -6.182  -10.999 10.360  1.00   10.65 ? 55   GLN A C   1 
ATOM   181  O  O   . GLN A 1 26  ? -5.888  -11.976 9.736   1.00   13.07 ? 55   GLN A O   1 
ATOM   182  C  CB  . GLN A 1 26  ? -4.430  -10.694 12.106  1.00   13.33 ? 55   GLN A CB  1 
ATOM   183  C  CG  . GLN A 1 26  ? -5.448  -11.116 13.148  1.00   14.66 ? 55   GLN A CG  1 
ATOM   184  C  CD  . GLN A 1 26  ? -4.884  -11.575 14.503  1.00   17.77 ? 55   GLN A CD  1 
ATOM   185  O  OE1 . GLN A 1 26  ? -4.272  -12.611 14.573  1.00   19.55 ? 55   GLN A OE1 1 
ATOM   186  N  NE2 . GLN A 1 26  ? -5.114  -10.792 15.554  1.00   22.59 ? 55   GLN A NE2 1 
ATOM   187  N  N   . TRP A 1 27  ? -7.444  -10.674 10.620  1.00   10.98 ? 56   TRP A N   1 
ATOM   188  C  CA  . TRP A 1 27  ? -8.576  -11.496 10.144  1.00   11.66 ? 56   TRP A CA  1 
ATOM   189  C  C   . TRP A 1 27  ? -9.173  -10.968 8.859   1.00   11.31 ? 56   TRP A C   1 
ATOM   190  O  O   . TRP A 1 27  ? -10.043 -11.650 8.297   1.00   11.37 ? 56   TRP A O   1 
ATOM   191  C  CB  . TRP A 1 27  ? -9.704  -11.473 11.201  1.00   13.52 ? 56   TRP A CB  1 
ATOM   192  C  CG  . TRP A 1 27  ? -9.294  -11.776 12.600  1.00   14.41 ? 56   TRP A CG  1 
ATOM   193  C  CD1 . TRP A 1 27  ? -9.393  -10.950 13.642  1.00   16.21 ? 56   TRP A CD1 1 
ATOM   194  C  CD2 . TRP A 1 27  ? -8.569  -12.908 13.054  1.00   15.81 ? 56   TRP A CD2 1 
ATOM   195  N  NE1 . TRP A 1 27  ? -8.816  -11.494 14.772  1.00   19.65 ? 56   TRP A NE1 1 
ATOM   196  C  CE2 . TRP A 1 27  ? -8.326  -12.710 14.434  1.00   16.18 ? 56   TRP A CE2 1 
ATOM   197  C  CE3 . TRP A 1 27  ? -8.154  -14.085 12.460  1.00   15.80 ? 56   TRP A CE3 1 
ATOM   198  C  CZ2 . TRP A 1 27  ? -7.640  -13.649 15.211  1.00   19.08 ? 56   TRP A CZ2 1 
ATOM   199  C  CZ3 . TRP A 1 27  ? -7.463  -15.017 13.273  1.00   18.11 ? 56   TRP A CZ3 1 
ATOM   200  C  CH2 . TRP A 1 27  ? -7.241  -14.766 14.597  1.00   18.75 ? 56   TRP A CH2 1 
ATOM   201  N  N   . GLU A 1 28  ? -8.740  -9.791  8.403   1.00   10.05 ? 57   GLU A N   1 
ATOM   202  C  CA  . GLU A 1 28  ? -9.407  -9.124  7.269   1.00   11.26 ? 57   GLU A CA  1 
ATOM   203  C  C   . GLU A 1 28  ? -8.490  -8.159  6.552   1.00   9.11  ? 57   GLU A C   1 
ATOM   204  O  O   . GLU A 1 28  ? -8.784  -6.990  6.441   1.00   9.95  ? 57   GLU A O   1 
ATOM   205  C  CB  . GLU A 1 28  ? -10.673 -8.403  7.680   1.00   12.53 ? 57   GLU A CB  1 
ATOM   206  C  CG  . GLU A 1 28  ? -10.536 -7.445  8.841   1.00   14.79 ? 57   GLU A CG  1 
ATOM   207  C  CD  . GLU A 1 28  ? -11.867 -6.825  9.162   1.00   21.96 ? 57   GLU A CD  1 
ATOM   208  O  OE1 . GLU A 1 28  ? -12.584 -6.339  8.223   1.00   24.68 ? 57   GLU A OE1 1 
ATOM   209  O  OE2 . GLU A 1 28  ? -12.211 -6.812  10.344  1.00   25.45 ? 57   GLU A OE2 1 
ATOM   210  N  N   . PRO A 1 29  ? -7.379  -8.696  6.011   1.00   9.46  ? 58   PRO A N   1 
ATOM   211  C  CA  . PRO A 1 29  ? -6.416  -7.806  5.345   1.00   9.66  ? 58   PRO A CA  1 
ATOM   212  C  C   . PRO A 1 29  ? -6.978  -7.081  4.135   1.00   9.92  ? 58   PRO A C   1 
ATOM   213  O  O   . PRO A 1 29  ? -6.447  -6.053  3.727   1.00   10.08 ? 58   PRO A O   1 
ATOM   214  C  CB  . PRO A 1 29  ? -5.302  -8.735  4.921   1.00   10.69 ? 58   PRO A CB  1 
ATOM   215  C  CG  . PRO A 1 29  ? -5.971  -10.077 4.801   1.00   10.52 ? 58   PRO A CG  1 
ATOM   216  C  CD  . PRO A 1 29  ? -6.931  -10.070 5.961   1.00   9.97  ? 58   PRO A CD  1 
ATOM   217  N  N   . GLN A 1 30  ? -8.076  -7.594  3.570   1.00   9.14  ? 59   GLN A N   1 
ATOM   218  C  CA  . GLN A 1 30  ? -8.793  -6.946  2.457   1.00   9.95  ? 59   GLN A CA  1 
ATOM   219  C  C   . GLN A 1 30  ? -9.519  -5.669  2.745   1.00   10.18 ? 59   GLN A C   1 
ATOM   220  O  O   . GLN A 1 30  ? -10.065 -5.059  1.817   1.00   10.79 ? 59   GLN A O   1 
ATOM   221  C  CB  . GLN A 1 30  ? -9.754  -7.980  1.818   1.00   10.91 ? 59   GLN A CB  1 
ATOM   222  C  CG  . GLN A 1 30  ? -10.949 -8.316  2.726   1.00   10.83 ? 59   GLN A CG  1 
ATOM   223  C  CD  . GLN A 1 30  ? -10.762 -9.454  3.683   1.00   10.89 ? 59   GLN A CD  1 
ATOM   224  O  OE1 . GLN A 1 30  ? -9.648  -9.842  4.017   1.00   10.80 ? 59   GLN A OE1 1 
ATOM   225  N  NE2 . GLN A 1 30  ? -11.869 -10.011 4.128   1.00   12.08 ? 59   GLN A NE2 1 
ATOM   226  N  N   . SER A 1 31  ? -9.600  -5.236  3.992   1.00   9.38  ? 60   SER A N   1 
ATOM   227  C  CA  . SER A 1 31  ? -10.611 -4.256  4.418   1.00   10.39 ? 60   SER A CA  1 
ATOM   228  C  C   . SER A 1 31  ? -10.065 -2.835  4.609   1.00   9.97  ? 60   SER A C   1 
ATOM   229  O  O   . SER A 1 31  ? -10.728 -1.995  5.192   1.00   10.46 ? 60   SER A O   1 
ATOM   230  C  CB  . SER A 1 31  ? -11.254 -4.693  5.727   1.00   12.70 ? 60   SER A CB  1 
ATOM   231  O  OG  . SER A 1 31  ? -11.916 -5.907  5.499   1.00   14.41 ? 60   SER A OG  1 
ATOM   232  N  N   . VAL A 1 32  ? -8.870  -2.514  4.079   1.00   9.15  ? 61   VAL A N   1 
ATOM   233  C  CA  . VAL A 1 32  ? -8.256  -1.184  4.331   1.00   9.35  ? 61   VAL A CA  1 
ATOM   234  C  C   . VAL A 1 32  ? -8.745  -0.173  3.294   1.00   9.24  ? 61   VAL A C   1 
ATOM   235  O  O   . VAL A 1 32  ? -8.062  0.168   2.338   1.00   10.30 ? 61   VAL A O   1 
ATOM   236  C  CB  . VAL A 1 32  ? -6.726  -1.287  4.401   1.00   8.46  ? 61   VAL A CB  1 
ATOM   237  C  CG1 . VAL A 1 32  ? -6.115  0.015   4.809   1.00   8.54  ? 61   VAL A CG1 1 
ATOM   238  C  CG2 . VAL A 1 32  ? -6.305  -2.369  5.366   1.00   8.47  ? 61   VAL A CG2 1 
ATOM   239  N  N   . GLU A 1 33  ? -9.964  0.297   3.533   1.00   10.20 ? 62   GLU A N   1 
ATOM   240  C  CA  . GLU A 1 33  ? -10.763 1.143   2.644   1.00   11.09 ? 62   GLU A CA  1 
ATOM   241  C  C   . GLU A 1 33  ? -10.886 2.505   3.252   1.00   12.18 ? 62   GLU A C   1 
ATOM   242  O  O   . GLU A 1 33  ? -11.281 2.643   4.418   1.00   13.00 ? 62   GLU A O   1 
ATOM   243  C  CB  . GLU A 1 33  ? -12.147 0.503   2.452   1.00   14.07 ? 62   GLU A CB  1 
ATOM   244  C  CG  . GLU A 1 33  ? -12.990 1.184   1.410   1.00   16.24 ? 62   GLU A CG  1 
ATOM   245  C  CD  . GLU A 1 33  ? -14.306 0.473   1.138   1.00   23.60 ? 62   GLU A CD  1 
ATOM   246  O  OE1 . GLU A 1 33  ? -14.760 -0.274  2.001   1.00   28.30 ? 62   GLU A OE1 1 
ATOM   247  O  OE2 . GLU A 1 33  ? -14.845 0.613   0.005   1.00   28.96 ? 62   GLU A OE2 1 
ATOM   248  N  N   . GLY A 1 34  ? -10.672 3.535   2.443   1.00   10.56 ? 63   GLY A N   1 
ATOM   249  C  CA  . GLY A 1 34  ? -10.892 4.908   2.913   1.00   11.17 ? 63   GLY A CA  1 
ATOM   250  C  C   . GLY A 1 34  ? -11.336 5.792   1.775   1.00   11.44 ? 63   GLY A C   1 
ATOM   251  O  O   . GLY A 1 34  ? -11.565 5.292   0.674   1.00   10.99 ? 63   GLY A O   1 
ATOM   252  N  N   . PRO A 1 35  ? -11.434 7.095   1.992   1.00   11.83 ? 64   PRO A N   1 
ATOM   253  C  CA  . PRO A 1 35  ? -11.858 7.968   0.925   1.00   11.24 ? 64   PRO A CA  1 
ATOM   254  C  C   . PRO A 1 35  ? -10.859 7.975   -0.204  1.00   11.21 ? 64   PRO A C   1 
ATOM   255  O  O   . PRO A 1 35  ? -9.643  7.918   0.025   1.00   11.13 ? 64   PRO A O   1 
ATOM   256  C  CB  . PRO A 1 35  ? -11.936 9.341   1.601   1.00   13.19 ? 64   PRO A CB  1 
ATOM   257  C  CG  . PRO A 1 35  ? -12.108 9.040   3.030   1.00   15.47 ? 64   PRO A CG  1 
ATOM   258  C  CD  . PRO A 1 35  ? -11.311 7.803   3.292   1.00   13.71 ? 64   PRO A CD  1 
ATOM   259  N  N   . LYS A 1 36  ? -11.354 8.080   -1.437  1.00   10.60 ? 65   LYS A N   1 
ATOM   260  C  CA  . LYS A 1 36  ? -10.545 8.246   -2.627  1.00   11.80 ? 65   LYS A CA  1 
ATOM   261  C  C   . LYS A 1 36  ? -9.995  9.663   -2.759  1.00   12.74 ? 65   LYS A C   1 
ATOM   262  O  O   . LYS A 1 36  ? -10.299 10.508  -1.929  1.00   12.56 ? 65   LYS A O   1 
ATOM   263  C  CB  . LYS A 1 36  ? -11.310 7.845   -3.898  1.00   11.91 ? 65   LYS A CB  1 
ATOM   264  C  CG  . LYS A 1 36  ? -12.409 8.847   -4.293  1.00   13.85 ? 65   LYS A CG  1 
ATOM   265  C  CD  . LYS A 1 36  ? -13.052 8.402   -5.572  1.00   15.23 ? 65   LYS A CD  1 
ATOM   266  C  CE  . LYS A 1 36  ? -14.003 9.455   -6.102  1.00   19.09 ? 65   LYS A CE  1 
ATOM   267  N  NZ  . LYS A 1 36  ? -14.677 8.904   -7.303  1.00   22.52 ? 65   LYS A NZ  1 
ATOM   268  N  N   . GLY A 1 37  ? -9.206  9.879   -3.798  1.00   13.60 ? 66   GLY A N   1 
ATOM   269  C  CA  . GLY A 1 37  ? -8.731  11.210  -4.168  1.00   13.38 ? 66   GLY A CA  1 
ATOM   270  C  C   . GLY A 1 37  ? -7.384  11.578  -3.559  1.00   14.42 ? 66   GLY A C   1 
ATOM   271  O  O   . GLY A 1 37  ? -6.986  12.747  -3.587  1.00   15.83 ? 66   GLY A O   1 
ATOM   272  N  N   . PHE A 1 38  ? -6.634  10.577  -3.100  1.00   15.20 ? 67   PHE A N   1 
ATOM   273  C  CA  . PHE A 1 38  ? -5.253  10.801  -2.624  1.00   14.44 ? 67   PHE A CA  1 
ATOM   274  C  C   . PHE A 1 38  ? -4.399  11.371  -3.736  1.00   15.41 ? 67   PHE A C   1 
ATOM   275  O  O   . PHE A 1 38  ? -4.493  10.908  -4.858  1.00   16.56 ? 67   PHE A O   1 
ATOM   276  C  CB  . PHE A 1 38  ? -4.700  9.452   -2.203  1.00   14.56 ? 67   PHE A CB  1 
ATOM   277  C  CG  . PHE A 1 38  ? -3.367  9.530   -1.499  1.00   13.43 ? 67   PHE A CG  1 
ATOM   278  C  CD1 . PHE A 1 38  ? -3.285  9.807   -0.175  1.00   13.27 ? 67   PHE A CD1 1 
ATOM   279  C  CD2 . PHE A 1 38  ? -2.214  9.337   -2.251  1.00   14.28 ? 67   PHE A CD2 1 
ATOM   280  C  CE1 . PHE A 1 38  ? -2.054  9.910   0.434   1.00   13.76 ? 67   PHE A CE1 1 
ATOM   281  C  CE2 . PHE A 1 38  ? -0.973  9.432   -1.651  1.00   14.23 ? 67   PHE A CE2 1 
ATOM   282  C  CZ  . PHE A 1 38  ? -0.900  9.753   -0.310  1.00   13.15 ? 67   PHE A CZ  1 
ATOM   283  N  N   . PRO A 1 39  ? -3.496  12.311  -3.430  1.00   15.68 ? 68   PRO A N   1 
ATOM   284  C  CA  . PRO A 1 39  ? -3.219  12.900  -2.130  1.00   16.12 ? 68   PRO A CA  1 
ATOM   285  C  C   . PRO A 1 39  ? -4.007  14.129  -1.718  1.00   16.19 ? 68   PRO A C   1 
ATOM   286  O  O   . PRO A 1 39  ? -3.941  14.573  -0.588  1.00   16.83 ? 68   PRO A O   1 
ATOM   287  C  CB  . PRO A 1 39  ? -1.737  13.298  -2.269  1.00   17.19 ? 68   PRO A CB  1 
ATOM   288  C  CG  . PRO A 1 39  ? -1.693  13.701  -3.702  1.00   17.70 ? 68   PRO A CG  1 
ATOM   289  C  CD  . PRO A 1 39  ? -2.493  12.690  -4.434  1.00   17.91 ? 68   PRO A CD  1 
ATOM   290  N  N   . ALA A 1 40  ? -4.770  14.739  -2.627  1.00   18.14 ? 69   ALA A N   1 
ATOM   291  C  CA  . ALA A 1 40  ? -5.484  15.950  -2.249  1.00   19.25 ? 69   ALA A CA  1 
ATOM   292  C  C   . ALA A 1 40  ? -6.521  15.705  -1.184  1.00   21.07 ? 69   ALA A C   1 
ATOM   293  O  O   . ALA A 1 40  ? -6.688  16.487  -0.267  1.00   22.43 ? 69   ALA A O   1 
ATOM   294  C  CB  . ALA A 1 40  ? -6.125  16.564  -3.488  1.00   21.94 ? 69   ALA A CB  1 
ATOM   295  N  N   . SER A 1 41  ? -7.228  14.583  -1.315  1.00   20.11 ? 70   SER A N   1 
ATOM   296  C  CA  . SER A 1 41  ? -8.123  14.126  -0.280  1.00   18.42 ? 70   SER A CA  1 
ATOM   297  C  C   . SER A 1 41  ? -7.625  12.741  0.175   1.00   17.01 ? 70   SER A C   1 
ATOM   298  O  O   . SER A 1 41  ? -6.448  12.444  0.032   1.00   16.71 ? 70   SER A O   1 
ATOM   299  C  CB  . SER A 1 41  ? -9.559  14.138  -0.785  1.00   22.72 ? 70   SER A CB  1 
ATOM   300  O  OG  . SER A 1 41  ? -9.698  13.336  -1.911  1.00   28.40 ? 70   SER A OG  1 
ATOM   301  N  N   . GLY A 1 42  ? -8.496  11.952  0.774   1.00   15.36 ? 71   GLY A N   1 
ATOM   302  C  CA  . GLY A 1 42  ? -8.137  10.621  1.253   1.00   14.33 ? 71   GLY A CA  1 
ATOM   303  C  C   . GLY A 1 42  ? -7.738  10.649  2.710   1.00   14.23 ? 71   GLY A C   1 
ATOM   304  O  O   . GLY A 1 42  ? -7.867  11.656  3.375   1.00   15.73 ? 71   GLY A O   1 
ATOM   305  N  N   . PRO A 1 43  ? -7.223  9.543   3.259   1.00   13.26 ? 72   PRO A N   1 
ATOM   306  C  CA  . PRO A 1 43  ? -6.871  9.476   4.660   1.00   13.44 ? 72   PRO A CA  1 
ATOM   307  C  C   . PRO A 1 43  ? -5.875  10.556  5.087   1.00   12.62 ? 72   PRO A C   1 
ATOM   308  O  O   . PRO A 1 43  ? -4.958  10.899  4.338   1.00   13.81 ? 72   PRO A O   1 
ATOM   309  C  CB  . PRO A 1 43  ? -6.221  8.086   4.826   1.00   14.23 ? 72   PRO A CB  1 
ATOM   310  C  CG  . PRO A 1 43  ? -6.378  7.404   3.520   1.00   15.11 ? 72   PRO A CG  1 
ATOM   311  C  CD  . PRO A 1 43  ? -6.838  8.349   2.486   1.00   13.33 ? 72   PRO A CD  1 
ATOM   312  N  N   . ALA A 1 44  ? -6.063  11.015  6.299   1.00   12.19 ? 73   ALA A N   1 
ATOM   313  C  CA  . ALA A 1 44  ? -5.158  12.007  6.937   1.00   14.19 ? 73   ALA A CA  1 
ATOM   314  C  C   . ALA A 1 44  ? -3.741  11.485  7.042   1.00   13.09 ? 73   ALA A C   1 
ATOM   315  O  O   . ALA A 1 44  ? -3.546  10.288  7.246   1.00   12.71 ? 73   ALA A O   1 
ATOM   316  C  CB  . ALA A 1 44  ? -5.665  12.329  8.318   1.00   16.16 ? 73   ALA A CB  1 
ATOM   317  N  N   . ASP A 1 45  ? -2.747  12.367  6.997   1.00   13.67 ? 74   ASP A N   1 
ATOM   318  C  CA  . ASP A 1 45  ? -1.359  12.025  7.321   1.00   12.43 ? 74   ASP A CA  1 
ATOM   319  C  C   . ASP A 1 45  ? -1.259  11.288  8.626   1.00   13.20 ? 74   ASP A C   1 
ATOM   320  O  O   . ASP A 1 45  ? -1.945  11.586  9.609   1.00   13.41 ? 74   ASP A O   1 
ATOM   321  C  CB  . ASP A 1 45  ? -0.514  13.316  7.371   1.00   14.38 ? 74   ASP A CB  1 
ATOM   322  C  CG  . ASP A 1 45  ? -0.113  13.832  5.991   1.00   17.42 ? 74   ASP A CG  1 
ATOM   323  O  OD1 . ASP A 1 45  ? -0.270  13.147  4.954   1.00   14.38 ? 74   ASP A OD1 1 
ATOM   324  O  OD2 . ASP A 1 45  ? 0.383   14.978  5.952   1.00   18.43 ? 74   ASP A OD2 1 
ATOM   325  N  N   . GLY A 1 46  ? -0.467  10.229  8.593   1.00   11.96 ? 75   GLY A N   1 
ATOM   326  C  CA  . GLY A 1 46  ? -0.312  9.371   9.743   1.00   12.12 ? 75   GLY A CA  1 
ATOM   327  C  C   . GLY A 1 46  ? -1.347  8.287   9.875   1.00   12.20 ? 75   GLY A C   1 
ATOM   328  O  O   . GLY A 1 46  ? -1.247  7.487   10.805  1.00   14.38 ? 75   GLY A O   1 
ATOM   329  N  N   . THR A 1 47  ? -2.320  8.261   8.977   1.00   12.11 ? 76   THR A N   1 
ATOM   330  C  CA  . THR A 1 47  ? -3.342  7.207   8.943   1.00   11.59 ? 76   THR A CA  1 
ATOM   331  C  C   . THR A 1 47  ? -3.480  6.677   7.519   1.00   12.37 ? 76   THR A C   1 
ATOM   332  O  O   . THR A 1 47  ? -4.441  5.934   7.238   1.00   14.57 ? 76   THR A O   1 
ATOM   333  C  CB  . THR A 1 47  ? -4.712  7.674   9.405   1.00   13.05 ? 76   THR A CB  1 
ATOM   334  O  OG1 . THR A 1 47  ? -5.309  8.527   8.405   1.00   15.31 ? 76   THR A OG1 1 
ATOM   335  C  CG2 . THR A 1 47  ? -4.651  8.361   10.745  1.00   16.13 ? 76   THR A CG2 1 
ATOM   336  N  N   . ILE A 1 48  ? -2.486  6.903   6.670   1.00   10.85 ? 77   ILE A N   1 
ATOM   337  C  CA  . ILE A 1 48  ? -2.576  6.472   5.295   1.00   11.43 ? 77   ILE A CA  1 
ATOM   338  C  C   . ILE A 1 48  ? -2.618  4.957   5.203   1.00   10.65 ? 77   ILE A C   1 
ATOM   339  O  O   . ILE A 1 48  ? -3.511  4.370   4.554   1.00   10.79 ? 77   ILE A O   1 
ATOM   340  C  CB  . ILE A 1 48  ? -1.450  7.034   4.441   1.00   11.76 ? 77   ILE A CB  1 
ATOM   341  C  CG1 . ILE A 1 48  ? -1.553  8.569   4.370   1.00   12.88 ? 77   ILE A CG1 1 
ATOM   342  C  CG2 . ILE A 1 48  ? -1.511  6.474   3.037   1.00   13.09 ? 77   ILE A CG2 1 
ATOM   343  C  CD1 . ILE A 1 48  ? -0.263  9.216   3.923   1.00   13.35 ? 77   ILE A CD1 1 
ATOM   344  N  N   . CYS A 1 49  ? -1.694  4.285   5.875   1.00   10.53 ? 78   CYS A N   1 
ATOM   345  C  CA  . CYS A 1 49  ? -1.560  2.824   5.741   1.00   11.74 ? 78   CYS A CA  1 
ATOM   346  C  C   . CYS A 1 49  ? -2.707  2.087   6.387   1.00   11.04 ? 78   CYS A C   1 
ATOM   347  O  O   . CYS A 1 49  ? -2.961  0.936   6.017   1.00   11.29 ? 78   CYS A O   1 
ATOM   348  C  CB  . CYS A 1 49  ? -0.241  2.334   6.308   1.00   12.65 ? 78   CYS A CB  1 
ATOM   349  S  SG  . CYS A 1 49  ? 1.218   3.116   5.531   1.00   15.96 ? 78   CYS A SG  1 
ATOM   350  N  N   . SER A 1 50  ? -3.475  2.730   7.280   1.00   9.78  ? 79   SER A N   1 
ATOM   351  C  CA  . SER A 1 50  ? -4.680  2.165   7.872   1.00   10.52 ? 79   SER A CA  1 
ATOM   352  C  C   . SER A 1 50  ? -5.947  2.644   7.182   1.00   10.21 ? 79   SER A C   1 
ATOM   353  O  O   . SER A 1 50  ? -7.034  2.300   7.623   1.00   10.90 ? 79   SER A O   1 
ATOM   354  C  CB  . SER A 1 50  ? -4.788  2.504   9.368   1.00   10.89 ? 79   SER A CB  1 
ATOM   355  O  OG  . SER A 1 50  ? -4.913  3.907   9.581   1.00   12.74 ? 79   SER A OG  1 
ATOM   356  N  N   . ALA A 1 51  ? -5.820  3.462   6.169   1.00   10.41 ? 80   ALA A N   1 
ATOM   357  C  CA  . ALA A 1 51  ? -6.934  4.159   5.477   1.00   11.78 ? 80   ALA A CA  1 
ATOM   358  C  C   . ALA A 1 51  ? -7.856  4.883   6.450   1.00   13.36 ? 80   ALA A C   1 
ATOM   359  O  O   . ALA A 1 51  ? -9.070  5.014   6.192   1.00   15.36 ? 80   ALA A O   1 
ATOM   360  C  CB  . ALA A 1 51  ? -7.705  3.249   4.584   1.00   11.74 ? 80   ALA A CB  1 
ATOM   361  N  N   . GLY A 1 52  ? -7.309  5.403   7.531   1.00   13.85 ? 81   GLY A N   1 
ATOM   362  C  CA  . GLY A 1 52  ? -8.114  6.126   8.521   1.00   16.81 ? 81   GLY A CA  1 
ATOM   363  C  C   . GLY A 1 52  ? -8.844  5.298   9.565   1.00   17.19 ? 81   GLY A C   1 
ATOM   364  O  O   . GLY A 1 52  ? -9.524  5.855   10.408  1.00   20.77 ? 81   GLY A O   1 
ATOM   365  N  N   . HIS A 1 53  ? -8.717  3.970   9.560   1.00   15.67 ? 82   HIS A N   1 
ATOM   366  C  CA  . HIS A 1 53  ? -9.360  3.088   10.527  1.00   15.72 ? 82   HIS A CA  1 
ATOM   367  C  C   . HIS A 1 53  ? -8.551  2.927   11.794  1.00   15.90 ? 82   HIS A C   1 
ATOM   368  O  O   . HIS A 1 53  ? -7.474  2.296   11.818  1.00   15.58 ? 82   HIS A O   1 
ATOM   369  C  CB  . HIS A 1 53  ? -9.578  1.735   9.928   1.00   17.15 ? 82   HIS A CB  1 
ATOM   370  C  CG  . HIS A 1 53  ? -10.535 1.733   8.818   1.00   18.47 ? 82   HIS A CG  1 
ATOM   371  N  ND1 . HIS A 1 53  ? -11.895 1.795   9.026   1.00   23.55 ? 82   HIS A ND1 1 
ATOM   372  C  CD2 . HIS A 1 53  ? -10.352 1.764   7.478   1.00   17.79 ? 82   HIS A CD2 1 
ATOM   373  C  CE1 . HIS A 1 53  ? -12.517 1.831   7.855   1.00   25.39 ? 82   HIS A CE1 1 
ATOM   374  N  NE2 . HIS A 1 53  ? -11.601 1.780   6.902   1.00   21.14 ? 82   HIS A NE2 1 
ATOM   375  N  N   . GLY A 1 54  ? -9.063  3.468   12.888  1.00   17.00 ? 83   GLY A N   1 
ATOM   376  C  CA  . GLY A 1 54  ? -8.422  3.288   14.183  1.00   17.33 ? 83   GLY A CA  1 
ATOM   377  C  C   . GLY A 1 54  ? -8.186  1.843   14.565  1.00   16.42 ? 83   GLY A C   1 
ATOM   378  O  O   . GLY A 1 54  ? -7.154  1.538   15.168  1.00   18.16 ? 83   GLY A O   1 
ATOM   379  N  N   . SER A 1 55  ? -9.105  0.956   14.188  1.00   16.52 ? 84   SER A N   1 
ATOM   380  C  CA  . SER A 1 55  ? -8.958  -0.480  14.452  1.00   16.26 ? 84   SER A CA  1 
ATOM   381  C  C   . SER A 1 55  ? -7.755  -1.142  13.732  1.00   13.56 ? 84   SER A C   1 
ATOM   382  O  O   . SER A 1 55  ? -7.361  -2.204  14.110  1.00   13.59 ? 84   SER A O   1 
ATOM   383  C  CB  . SER A 1 55  ? -10.225 -1.260  14.069  1.00   18.99 ? 84   SER A CB  1 
ATOM   384  O  OG  . SER A 1 55  ? -10.481 -1.123  12.683  1.00   25.88 ? 84   SER A OG  1 
ATOM   385  N  N   . PHE A 1 56  ? -7.248  -0.490  12.694  1.00   11.63 ? 85   PHE A N   1 
ATOM   386  C  CA  . PHE A 1 56  ? -6.095  -0.953  11.892  1.00   11.23 ? 85   PHE A CA  1 
ATOM   387  C  C   . PHE A 1 56  ? -4.875  -0.045  12.088  1.00   10.94 ? 85   PHE A C   1 
ATOM   388  O  O   . PHE A 1 56  ? -3.928  -0.089  11.278  1.00   10.23 ? 85   PHE A O   1 
ATOM   389  C  CB  . PHE A 1 56  ? -6.430  -0.996  10.396  1.00   11.49 ? 85   PHE A CB  1 
ATOM   390  C  CG  . PHE A 1 56  ? -7.636  -1.843  10.028  1.00   11.16 ? 85   PHE A CG  1 
ATOM   391  C  CD1 . PHE A 1 56  ? -8.054  -2.926  10.796  1.00   12.38 ? 85   PHE A CD1 1 
ATOM   392  C  CD2 . PHE A 1 56  ? -8.391  -1.499  8.920   1.00   12.81 ? 85   PHE A CD2 1 
ATOM   393  C  CE1 . PHE A 1 56  ? -9.211  -3.637  10.456  1.00   12.31 ? 85   PHE A CE1 1 
ATOM   394  C  CE2 . PHE A 1 56  ? -9.477  -2.272  8.540   1.00   12.43 ? 85   PHE A CE2 1 
ATOM   395  C  CZ  . PHE A 1 56  ? -9.901  -3.323  9.338   1.00   12.50 ? 85   PHE A CZ  1 
ATOM   396  N  N   . ALA A 1 57  ? -4.810  0.711   13.193  1.00   12.35 ? 86   ALA A N   1 
ATOM   397  C  CA  . ALA A 1 57  ? -3.733  1.675   13.435  1.00   12.92 ? 86   ALA A CA  1 
ATOM   398  C  C   . ALA A 1 57  ? -2.364  1.024   13.496  1.00   12.37 ? 86   ALA A C   1 
ATOM   399  O  O   . ALA A 1 57  ? -1.368  1.704   13.176  1.00   12.44 ? 86   ALA A O   1 
ATOM   400  C  CB  . ALA A 1 57  ? -3.981  2.471   14.731  1.00   15.42 ? 86   ALA A CB  1 
ATOM   401  N  N   . ALA A 1 58  ? -2.272  -0.239  13.867  1.00   11.70 ? 87   ALA A N   1 
ATOM   402  C  CA  . ALA A 1 58  ? -0.948  -0.892  13.793  1.00   11.64 ? 87   ALA A CA  1 
ATOM   403  C  C   . ALA A 1 58  ? -0.283  -0.754  12.440  1.00   10.83 ? 87   ALA A C   1 
ATOM   404  O  O   . ALA A 1 58  ? 0.959   -0.700  12.349  1.00   11.60 ? 87   ALA A O   1 
ATOM   405  C  CB  . ALA A 1 58  ? -1.033  -2.352  14.168  1.00   14.19 ? 87   ALA A CB  1 
ATOM   406  N  N   . LEU A 1 59  ? -1.066  -0.717  11.373  1.00   9.64  ? 88   LEU A N   1 
ATOM   407  C  CA  . LEU A 1 59  ? -0.469  -0.570  10.032  1.00   9.51  ? 88   LEU A CA  1 
ATOM   408  C  C   . LEU A 1 59  ? 0.241   0.737   9.776   1.00   10.56 ? 88   LEU A C   1 
ATOM   409  O  O   . LEU A 1 59  ? 1.099   0.792   8.896   1.00   10.78 ? 88   LEU A O   1 
ATOM   410  C  CB  . LEU A 1 59  ? -1.566  -0.717  8.964   1.00   9.01  ? 88   LEU A CB  1 
ATOM   411  C  CG  . LEU A 1 59  ? -2.369  -2.011  8.953   1.00   9.88  ? 88   LEU A CG  1 
ATOM   412  C  CD1 . LEU A 1 59  ? -3.376  -2.003  7.816   1.00   10.40 ? 88   LEU A CD1 1 
ATOM   413  C  CD2 . LEU A 1 59  ? -1.451  -3.226  8.860   1.00   11.31 ? 88   LEU A CD2 1 
ATOM   414  N  N   . ASP A 1 60  ? -0.131  1.774   10.510  1.00   10.83 ? 89   ASP A N   1 
ATOM   415  C  CA  . ASP A 1 60  ? 0.497   3.102   10.361  1.00   12.30 ? 89   ASP A CA  1 
ATOM   416  C  C   . ASP A 1 60  ? 1.782   3.327   11.130  1.00   10.83 ? 89   ASP A C   1 
ATOM   417  O  O   . ASP A 1 60  ? 2.476   4.330   10.901  1.00   11.94 ? 89   ASP A O   1 
ATOM   418  C  CB  . ASP A 1 60  ? -0.459  4.175   10.864  1.00   14.12 ? 89   ASP A CB  1 
ATOM   419  C  CG  . ASP A 1 60  ? -1.711  4.261   10.133  1.00   18.18 ? 89   ASP A CG  1 
ATOM   420  O  OD1 . ASP A 1 60  ? -1.673  4.314   8.888   1.00   19.89 ? 89   ASP A OD1 1 
ATOM   421  O  OD2 . ASP A 1 60  ? -2.770  4.388   10.821  1.00   21.35 ? 89   ASP A OD2 1 
ATOM   422  N  N   . SER A 1 61  ? 2.063   2.461   12.093  1.00   9.90  ? 90   SER A N   1 
ATOM   423  C  CA  . SER A 1 61  ? 3.247   2.618   12.918  1.00   10.32 ? 90   SER A CA  1 
ATOM   424  C  C   . SER A 1 61  ? 4.517   2.473   12.083  1.00   10.80 ? 90   SER A C   1 
ATOM   425  O  O   . SER A 1 61  ? 4.516   1.677   11.109  1.00   10.97 ? 90   SER A O   1 
ATOM   426  C  CB  . SER A 1 61  ? 3.207   1.606   14.013  1.00   11.57 ? 90   SER A CB  1 
ATOM   427  O  OG  . SER A 1 61  ? 4.395   1.681   14.777  1.00   14.20 ? 90   SER A OG  1 
ATOM   428  N  N   . PRO A 1 62  ? 5.596   3.193   12.440  1.00   9.84  ? 91   PRO A N   1 
ATOM   429  C  CA  . PRO A 1 62  ? 6.849   3.028   11.718  1.00   10.27 ? 91   PRO A CA  1 
ATOM   430  C  C   . PRO A 1 62  ? 7.527   1.680   11.999  1.00   10.39 ? 91   PRO A C   1 
ATOM   431  O  O   . PRO A 1 62  ? 8.493   1.351   11.315  1.00   10.00 ? 91   PRO A O   1 
ATOM   432  C  CB  . PRO A 1 62  ? 7.686   4.159   12.266  1.00   10.98 ? 91   PRO A CB  1 
ATOM   433  C  CG  . PRO A 1 62  ? 7.115   4.523   13.566  1.00   11.21 ? 91   PRO A CG  1 
ATOM   434  C  CD  . PRO A 1 62  ? 5.657   4.267   13.454  1.00   10.40 ? 91   PRO A CD  1 
ATOM   435  N  N   . LYS A 1 63  ? 7.076   0.935   13.015  1.00   10.41 ? 92   LYS A N   1 
ATOM   436  C  CA  . LYS A 1 63  ? 7.633   -0.365  13.360  1.00   10.47 ? 92   LYS A CA  1 
ATOM   437  C  C   . LYS A 1 63  ? 6.483   -1.355  13.435  1.00   10.38 ? 92   LYS A C   1 
ATOM   438  O  O   . LYS A 1 63  ? 5.318   -0.965  13.594  1.00   10.03 ? 92   LYS A O   1 
ATOM   439  C  CB  . LYS A 1 63  ? 8.299   -0.307  14.719  1.00   11.49 ? 92   LYS A CB  1 
ATOM   440  C  CG  . LYS A 1 63  ? 9.428   0.725   14.865  1.00   14.03 ? 92   LYS A CG  1 
ATOM   441  C  CD  . LYS A 1 63  ? 10.588  0.305   14.077  1.00   16.93 ? 92   LYS A CD  1 
ATOM   442  C  CE  . LYS A 1 63  ? 11.821  1.131   14.422  1.00   22.42 ? 92   LYS A CE  1 
ATOM   443  N  NZ  . LYS A 1 63  ? 13.033  0.529   13.819  1.00   28.09 ? 92   LYS A NZ  1 
ATOM   444  N  N   . GLN A 1 64  ? 6.804   -2.648  13.363  1.00   10.81 ? 93   GLN A N   1 
ATOM   445  C  CA  . GLN A 1 64  ? 5.803   -3.653  13.656  1.00   11.53 ? 93   GLN A CA  1 
ATOM   446  C  C   . GLN A 1 64  ? 5.404   -3.564  15.154  1.00   10.70 ? 93   GLN A C   1 
ATOM   447  O  O   . GLN A 1 64  ? 6.015   -2.848  15.959  1.00   10.69 ? 93   GLN A O   1 
ATOM   448  C  CB  . GLN A 1 64  ? 6.259   -5.013  13.143  1.00   15.23 ? 93   GLN A CB  1 
ATOM   449  C  CG  . GLN A 1 64  ? 7.369   -5.587  13.914  1.00   15.64 ? 93   GLN A CG  1 
ATOM   450  C  CD  . GLN A 1 64  ? 7.651   -7.022  13.470  1.00   14.16 ? 93   GLN A CD  1 
ATOM   451  O  OE1 . GLN A 1 64  ? 6.993   -7.943  13.971  1.00   15.26 ? 93   GLN A OE1 1 
ATOM   452  N  NE2 . GLN A 1 64  ? 8.665   -7.217  12.634  1.00   14.27 ? 93   GLN A NE2 1 
ATOM   453  N  N   . PRO A 1 65  ? 4.289   -4.202  15.526  1.00   10.66 ? 94   PRO A N   1 
ATOM   454  C  CA  . PRO A 1 65  ? 3.765   -3.999  16.869  1.00   11.03 ? 94   PRO A CA  1 
ATOM   455  C  C   . PRO A 1 65  ? 4.781   -4.281  18.013  1.00   10.40 ? 94   PRO A C   1 
ATOM   456  O  O   . PRO A 1 65  ? 4.774   -3.557  19.010  1.00   12.26 ? 94   PRO A O   1 
ATOM   457  C  CB  . PRO A 1 65  ? 2.587   -4.974  16.903  1.00   11.98 ? 94   PRO A CB  1 
ATOM   458  C  CG  . PRO A 1 65  ? 2.101   -4.950  15.484  1.00   10.96 ? 94   PRO A CG  1 
ATOM   459  C  CD  . PRO A 1 65  ? 3.331   -4.906  14.657  1.00   10.77 ? 94   PRO A CD  1 
ATOM   460  N  N   . ASN A 1 66  ? 5.704   -5.225  17.827  1.00   10.10 ? 95   ASN A N   1 
ATOM   461  C  CA  . ASN A 1 66  ? 6.698   -5.527  18.862  1.00   11.91 ? 95   ASN A CA  1 
ATOM   462  C  C   . ASN A 1 66  ? 7.878   -4.567  18.884  1.00   11.95 ? 95   ASN A C   1 
ATOM   463  O  O   . ASN A 1 66  ? 8.824   -4.811  19.647  1.00   13.63 ? 95   ASN A O   1 
ATOM   464  C  CB  . ASN A 1 66  ? 7.161   -6.980  18.756  1.00   12.28 ? 95   ASN A CB  1 
ATOM   465  C  CG  . ASN A 1 66  ? 8.033   -7.232  17.581  1.00   13.25 ? 95   ASN A CG  1 
ATOM   466  O  OD1 . ASN A 1 66  ? 8.343   -6.353  16.803  1.00   12.80 ? 95   ASN A OD1 1 
ATOM   467  N  ND2 . ASN A 1 66  ? 8.418   -8.465  17.427  1.00   15.11 ? 95   ASN A ND2 1 
ATOM   468  N  N   . GLY A 1 67  ? 7.852   -3.540  18.047  1.00   11.13 ? 96   GLY A N   1 
ATOM   469  C  CA  . GLY A 1 67  ? 8.918   -2.546  18.028  1.00   11.25 ? 96   GLY A CA  1 
ATOM   470  C  C   . GLY A 1 67  ? 10.102  -2.849  17.150  1.00   11.18 ? 96   GLY A C   1 
ATOM   471  O  O   . GLY A 1 67  ? 11.006  -1.988  16.982  1.00   13.49 ? 96   GLY A O   1 
ATOM   472  N  N   . GLN A 1 68  ? 10.115  -4.037  16.517  1.00   11.25 ? 97   GLN A N   1 
ATOM   473  C  CA  . GLN A 1 68  ? 11.142  -4.342  15.548  1.00   11.72 ? 97   GLN A CA  1 
ATOM   474  C  C   . GLN A 1 68  ? 10.799  -3.703  14.187  1.00   11.38 ? 97   GLN A C   1 
ATOM   475  O  O   . GLN A 1 68  ? 9.650   -3.324  13.922  1.00   9.65  ? 97   GLN A O   1 
ATOM   476  C  CB  . GLN A 1 68  ? 11.258  -5.832  15.428  1.00   13.52 ? 97   GLN A CB  1 
ATOM   477  C  CG  . GLN A 1 68  ? 11.688  -6.545  16.740  1.00   15.96 ? 97   GLN A CG  1 
ATOM   478  C  CD  . GLN A 1 68  ? 13.099  -6.258  17.070  1.00   20.32 ? 97   GLN A CD  1 
ATOM   479  O  OE1 . GLN A 1 68  ? 13.985  -6.792  16.455  1.00   27.51 ? 97   GLN A OE1 1 
ATOM   480  N  NE2 . GLN A 1 68  ? 13.324  -5.328  17.993  1.00   19.49 ? 97   GLN A NE2 1 
ATOM   481  N  N   . ALA A 1 69  ? 11.769  -3.585  13.307  1.00   11.39 ? 98   ALA A N   1 
ATOM   482  C  CA  . ALA A 1 69  ? 11.489  -3.127  11.961  1.00   11.46 ? 98   ALA A CA  1 
ATOM   483  C  C   . ALA A 1 69  ? 10.464  -4.006  11.231  1.00   10.31 ? 98   ALA A C   1 
ATOM   484  O  O   . ALA A 1 69  ? 10.371  -5.211  11.418  1.00   11.64 ? 98   ALA A O   1 
ATOM   485  C  CB  . ALA A 1 69  ? 12.771  -3.114  11.148  1.00   14.42 ? 98   ALA A CB  1 
ATOM   486  N  N   . TRP A 1 70  ? 9.630   -3.388  10.406  1.00   10.13 ? 99   TRP A N   1 
ATOM   487  C  CA  . TRP A 1 70  ? 8.796   -4.158  9.525   1.00   10.42 ? 99   TRP A CA  1 
ATOM   488  C  C   . TRP A 1 70  ? 9.650   -5.010  8.628   1.00   11.02 ? 99   TRP A C   1 
ATOM   489  O  O   . TRP A 1 70  ? 10.705  -4.602  8.224   1.00   11.78 ? 99   TRP A O   1 
ATOM   490  C  CB  . TRP A 1 70  ? 7.921   -3.278  8.636   1.00   10.18 ? 99   TRP A CB  1 
ATOM   491  C  CG  . TRP A 1 70  ? 6.828   -2.510  9.340   1.00   9.41  ? 99   TRP A CG  1 
ATOM   492  C  CD1 . TRP A 1 70  ? 6.857   -1.198  9.697   1.00   9.98  ? 99   TRP A CD1 1 
ATOM   493  C  CD2 . TRP A 1 70  ? 5.536   -3.014  9.702   1.00   9.49  ? 99   TRP A CD2 1 
ATOM   494  N  NE1 . TRP A 1 70  ? 5.688   -0.873  10.280  1.00   10.28 ? 99   TRP A NE1 1 
ATOM   495  C  CE2 . TRP A 1 70  ? 4.854   -1.966  10.312  1.00   9.83  ? 99   TRP A CE2 1 
ATOM   496  C  CE3 . TRP A 1 70  ? 4.900   -4.250  9.562   1.00   9.46  ? 99   TRP A CE3 1 
ATOM   497  C  CZ2 . TRP A 1 70  ? 3.550   -2.105  10.771  1.00   9.84  ? 99   TRP A CZ2 1 
ATOM   498  C  CZ3 . TRP A 1 70  ? 3.590   -4.364  10.034  1.00   10.05 ? 99   TRP A CZ3 1 
ATOM   499  C  CH2 . TRP A 1 70  ? 2.954   -3.322  10.608  1.00   10.34 ? 99   TRP A CH2 1 
ATOM   500  N  N   . PRO A 1 71  ? 9.189   -6.232  8.321   1.00   11.42 ? 100  PRO A N   1 
ATOM   501  C  CA  . PRO A 1 71  ? 9.913   -7.001  7.283   1.00   11.26 ? 100  PRO A CA  1 
ATOM   502  C  C   . PRO A 1 71  ? 9.811   -6.334  5.958   1.00   11.84 ? 100  PRO A C   1 
ATOM   503  O  O   . PRO A 1 71  ? 8.796   -5.693  5.652   1.00   11.55 ? 100  PRO A O   1 
ATOM   504  C  CB  . PRO A 1 71  ? 9.193   -8.351  7.247   1.00   12.61 ? 100  PRO A CB  1 
ATOM   505  C  CG  . PRO A 1 71  ? 7.887   -8.124  7.824   1.00   14.29 ? 100  PRO A CG  1 
ATOM   506  C  CD  . PRO A 1 71  ? 7.983   -6.936  8.756   1.00   12.40 ? 100  PRO A CD  1 
ATOM   507  N  N   . THR A 1 72  ? 10.816  -6.524  5.114   1.00   11.53 ? 101  THR A N   1 
ATOM   508  C  CA  . THR A 1 72  ? 10.826  -5.847  3.805   1.00   13.11 ? 101  THR A CA  1 
ATOM   509  C  C   . THR A 1 72  ? 11.022  -6.840  2.663   1.00   13.02 ? 101  THR A C   1 
ATOM   510  O  O   . THR A 1 72  ? 11.617  -7.906  2.843   1.00   14.53 ? 101  THR A O   1 
ATOM   511  C  CB  . THR A 1 72  ? 11.962  -4.830  3.665   1.00   15.25 ? 101  THR A CB  1 
ATOM   512  O  OG1 . THR A 1 72  ? 13.224  -5.503  3.639   1.00   18.74 ? 101  THR A OG1 1 
ATOM   513  C  CG2 . THR A 1 72  ? 12.027  -3.812  4.759   1.00   14.49 ? 101  THR A CG2 1 
ATOM   514  N  N   . THR A 1 73  ? 10.564  -6.456  1.478   1.00   11.01 ? 102  THR A N   1 
ATOM   515  C  CA  . THR A 1 73  ? 10.810  -7.149  0.246   1.00   11.26 ? 102  THR A CA  1 
ATOM   516  C  C   . THR A 1 73  ? 12.000  -6.443  -0.419  1.00   12.49 ? 102  THR A C   1 
ATOM   517  O  O   . THR A 1 73  ? 11.983  -5.226  -0.645  1.00   10.90 ? 102  THR A O   1 
ATOM   518  C  CB  . THR A 1 73  ? 9.602   -7.097  -0.659  1.00   13.06 ? 102  THR A CB  1 
ATOM   519  O  OG1 . THR A 1 73  ? 8.471   -7.718  -0.029  1.00   14.10 ? 102  THR A OG1 1 
ATOM   520  C  CG2 . THR A 1 73  ? 9.839   -7.800  -2.006  1.00   13.44 ? 102  THR A CG2 1 
ATOM   521  N  N   . ARG A 1 74  ? 13.043  -7.187  -0.754  1.00   13.18 ? 103  ARG A N   1 
ATOM   522  C  CA  . ARG A 1 74  ? 14.171  -6.661  -1.508  1.00   14.38 ? 103  ARG A CA  1 
ATOM   523  C  C   . ARG A 1 74  ? 13.813  -6.468  -2.953  1.00   13.37 ? 103  ARG A C   1 
ATOM   524  O  O   . ARG A 1 74  ? 13.220  -7.360  -3.577  1.00   15.49 ? 103  ARG A O   1 
ATOM   525  C  CB  . ARG A 1 74  ? 15.346  -7.637  -1.416  1.00   17.63 ? 103  ARG A CB  1 
ATOM   526  C  CG  . ARG A 1 74  ? 16.156  -7.385  -0.142  1.00   22.75 ? 103  ARG A CG  1 
ATOM   527  C  CD  . ARG A 1 74  ? 17.340  -6.416  -0.375  1.00   26.03 ? 103  ARG A CD  1 
ATOM   528  N  NE  . ARG A 1 74  ? 18.616  -7.162  -0.310  0.0000 35.73 ? 103  ARG A NE  1 
ATOM   529  C  CZ  . ARG A 1 74  ? 19.779  -6.965  -0.928  0.0000 37.40 ? 103  ARG A CZ  1 
ATOM   530  N  NH1 . ARG A 1 74  ? 19.892  -6.068  -1.900  0.0000 36.90 ? 103  ARG A NH1 1 
ATOM   531  N  NH2 . ARG A 1 74  ? 20.833  -7.701  -0.593  0.0000 39.01 ? 103  ARG A NH2 1 
ATOM   532  N  N   . VAL A 1 75  ? 14.086  -5.268  -3.459  1.00   11.99 ? 104  VAL A N   1 
ATOM   533  C  CA  . VAL A 1 75  ? 13.757  -4.890  -4.858  1.00   13.76 ? 104  VAL A CA  1 
ATOM   534  C  C   . VAL A 1 75  ? 14.945  -4.209  -5.510  1.00   13.97 ? 104  VAL A C   1 
ATOM   535  O  O   . VAL A 1 75  ? 15.808  -3.633  -4.831  1.00   14.64 ? 104  VAL A O   1 
ATOM   536  C  CB  . VAL A 1 75  ? 12.518  -3.991  -4.952  1.00   15.39 ? 104  VAL A CB  1 
ATOM   537  C  CG1 . VAL A 1 75  ? 11.306  -4.711  -4.391  1.00   17.28 ? 104  VAL A CG1 1 
ATOM   538  C  CG2 . VAL A 1 75  ? 12.730  -2.674  -4.229  1.00   15.92 ? 104  VAL A CG2 1 
ATOM   539  N  N   . ASN A 1 76  ? 14.952  -4.270  -6.844  1.00   15.23 ? 105  ASN A N   1 
ATOM   540  C  CA  . ASN A 1 76  ? 16.013  -3.591  -7.614  1.00   16.32 ? 105  ASN A CA  1 
ATOM   541  C  C   . ASN A 1 76  ? 15.485  -2.367  -8.344  1.00   13.90 ? 105  ASN A C   1 
ATOM   542  O  O   . ASN A 1 76  ? 14.638  -2.448  -9.227  1.00   14.15 ? 105  ASN A O   1 
ATOM   543  C  CB  . ASN A 1 76  ? 16.612  -4.553  -8.634  1.00   17.96 ? 105  ASN A CB  1 
ATOM   544  C  CG  . ASN A 1 76  ? 17.170  -5.813  -7.999  1.00   22.99 ? 105  ASN A CG  1 
ATOM   545  O  OD1 . ASN A 1 76  ? 16.669  -6.900  -8.262  1.00   37.25 ? 105  ASN A OD1 1 
ATOM   546  N  ND2 . ASN A 1 76  ? 18.132  -5.671  -7.132  1.00   23.75 ? 105  ASN A ND2 1 
ATOM   547  N  N   . GLY A 1 77  ? 15.994  -1.201  -8.008  1.00   14.76 ? 106  GLY A N   1 
ATOM   548  C  CA  . GLY A 1 77  ? 15.542  0.006   -8.651  1.00   14.44 ? 106  GLY A CA  1 
ATOM   549  C  C   . GLY A 1 77  ? 15.721  -0.018  -10.153 1.00   14.29 ? 106  GLY A C   1 
ATOM   550  O  O   . GLY A 1 77  ? 16.742  -0.547  -10.667 1.00   14.60 ? 106  GLY A O   1 
ATOM   551  N  N   . GLY A 1 78  ? 14.800  0.615   -10.851 1.00   12.68 ? 107  GLY A N   1 
ATOM   552  C  CA  . GLY A 1 78  ? 14.881  0.738   -12.290 1.00   14.26 ? 107  GLY A CA  1 
ATOM   553  C  C   . GLY A 1 78  ? 14.549  -0.518  -13.073 1.00   13.82 ? 107  GLY A C   1 
ATOM   554  O  O   . GLY A 1 78  ? 14.689  -0.528  -14.272 1.00   18.19 ? 107  GLY A O   1 
ATOM   555  N  N   . GLN A 1 79  ? 14.150  -1.592  -12.409 1.00   12.94 ? 108  GLN A N   1 
ATOM   556  C  CA  . GLN A 1 79  ? 13.859  -2.873  -13.032 1.00   13.35 ? 108  GLN A CA  1 
ATOM   557  C  C   . GLN A 1 79  ? 12.352  -3.062  -13.085 1.00   12.52 ? 108  GLN A C   1 
ATOM   558  O  O   . GLN A 1 79  ? 11.614  -2.650  -12.172 1.00   12.52 ? 108  GLN A O   1 
ATOM   559  C  CB  . GLN A 1 79  ? 14.461  -3.954  -12.123 1.00   15.78 ? 108  GLN A CB  1 
ATOM   560  C  CG  . GLN A 1 79  ? 14.440  -5.383  -12.538 1.00   20.28 ? 108  GLN A CG  1 
ATOM   561  C  CD  . GLN A 1 79  ? 15.494  -6.209  -11.765 1.00   18.35 ? 108  GLN A CD  1 
ATOM   562  O  OE1 . GLN A 1 79  ? 16.731  -5.996  -11.919 1.00   21.13 ? 108  GLN A OE1 1 
ATOM   563  N  NE2 . GLN A 1 79  ? 15.034  -7.135  -10.977 1.00   20.14 ? 108  GLN A NE2 1 
ATOM   564  N  N   . SER A 1 80  ? 11.882  -3.774  -14.088 1.00   12.03 ? 109  SER A N   1 
ATOM   565  C  CA  . SER A 1 80  ? 10.472  -4.142  -14.164 1.00   11.64 ? 109  SER A CA  1 
ATOM   566  C  C   . SER A 1 80  ? 10.120  -5.116  -13.034 1.00   10.34 ? 109  SER A C   1 
ATOM   567  O  O   . SER A 1 80  ? 10.920  -5.898  -12.570 1.00   10.60 ? 109  SER A O   1 
ATOM   568  C  CB  . SER A 1 80  ? 10.141  -4.764  -15.514 1.00   12.17 ? 109  SER A CB  1 
ATOM   569  O  OG  . SER A 1 80  ? 8.758   -4.676  -15.700 1.00   14.45 ? 109  SER A OG  1 
ATOM   570  N  N   . TYR A 1 81  ? 8.880   -5.024  -12.576 1.00   9.32  ? 110  TYR A N   1 
ATOM   571  C  CA  . TYR A 1 81  ? 8.416   -5.805  -11.427 1.00   9.64  ? 110  TYR A CA  1 
ATOM   572  C  C   . TYR A 1 81  ? 6.949   -6.127  -11.607 1.00   9.44  ? 110  TYR A C   1 
ATOM   573  O  O   . TYR A 1 81  ? 6.195   -5.315  -12.145 1.00   10.18 ? 110  TYR A O   1 
ATOM   574  C  CB  . TYR A 1 81  ? 8.660   -4.997  -10.155 1.00   10.58 ? 110  TYR A CB  1 
ATOM   575  C  CG  . TYR A 1 81  ? 8.326   -5.701  -8.837  1.00   10.96 ? 110  TYR A CG  1 
ATOM   576  C  CD1 . TYR A 1 81  ? 9.244   -6.524  -8.231  1.00   12.04 ? 110  TYR A CD1 1 
ATOM   577  C  CD2 . TYR A 1 81  ? 7.121   -5.513  -8.220  1.00   11.01 ? 110  TYR A CD2 1 
ATOM   578  C  CE1 . TYR A 1 81  ? 8.977   -7.190  -7.024  1.00   11.91 ? 110  TYR A CE1 1 
ATOM   579  C  CE2 . TYR A 1 81  ? 6.771   -6.165  -7.022  1.00   11.61 ? 110  TYR A CE2 1 
ATOM   580  C  CZ  . TYR A 1 81  ? 7.712   -6.971  -6.423  1.00   12.97 ? 110  TYR A CZ  1 
ATOM   581  O  OH  . TYR A 1 81  ? 7.399   -7.661  -5.232  1.00   15.16 ? 110  TYR A OH  1 
ATOM   582  N  N   . THR A 1 82  ? 6.533   -7.315  -11.197 1.00   9.59  ? 111  THR A N   1 
ATOM   583  C  CA  . THR A 1 82  ? 5.095   -7.663  -11.183 1.00   9.59  ? 111  THR A CA  1 
ATOM   584  C  C   . THR A 1 82  ? 4.458   -7.236  -9.890  1.00   10.02 ? 111  THR A C   1 
ATOM   585  O  O   . THR A 1 82  ? 4.777   -7.771  -8.829  1.00   11.62 ? 111  THR A O   1 
ATOM   586  C  CB  . THR A 1 82  ? 4.914   -9.152  -11.396 1.00   10.95 ? 111  THR A CB  1 
ATOM   587  O  OG1 . THR A 1 82  ? 5.300   -9.456  -12.740 1.00   11.86 ? 111  THR A OG1 1 
ATOM   588  C  CG2 . THR A 1 82  ? 3.477   -9.574  -11.204 1.00   12.36 ? 111  THR A CG2 1 
ATOM   589  N  N   . PHE A 1 83  ? 3.542   -6.271  -9.980  1.00   8.72  ? 112  PHE A N   1 
ATOM   590  C  CA  . PHE A 1 83  ? 2.739   -5.848  -8.844  1.00   9.88  ? 112  PHE A CA  1 
ATOM   591  C  C   . PHE A 1 83  ? 1.499   -6.709  -8.850  1.00   9.19  ? 112  PHE A C   1 
ATOM   592  O  O   . PHE A 1 83  ? 0.940   -6.968  -9.931  1.00   10.11 ? 112  PHE A O   1 
ATOM   593  C  CB  . PHE A 1 83  ? 2.402   -4.341  -8.964  1.00   10.29 ? 112  PHE A CB  1 
ATOM   594  C  CG  . PHE A 1 83  ? 3.589   -3.481  -8.824  1.00   10.80 ? 112  PHE A CG  1 
ATOM   595  C  CD1 . PHE A 1 83  ? 4.371   -3.154  -9.948  1.00   11.73 ? 112  PHE A CD1 1 
ATOM   596  C  CD2 . PHE A 1 83  ? 3.974   -3.008  -7.595  1.00   10.86 ? 112  PHE A CD2 1 
ATOM   597  C  CE1 . PHE A 1 83  ? 5.504   -2.389  -9.811  1.00   12.06 ? 112  PHE A CE1 1 
ATOM   598  C  CE2 . PHE A 1 83  ? 5.108   -2.224  -7.470  1.00   12.08 ? 112  PHE A CE2 1 
ATOM   599  C  CZ  . PHE A 1 83  ? 5.870   -1.928  -8.578  1.00   11.99 ? 112  PHE A CZ  1 
ATOM   600  N  N   . ARG A 1 84  ? 1.073   -7.218  -7.690  1.00   9.27  ? 113  ARG A N   1 
ATOM   601  C  CA  . ARG A 1 84  ? -0.033  -8.135  -7.668  1.00   9.47  ? 113  ARG A CA  1 
ATOM   602  C  C   . ARG A 1 84  ? -0.983  -7.831  -6.507  1.00   8.85  ? 113  ARG A C   1 
ATOM   603  O  O   . ARG A 1 84  ? -0.538  -7.633  -5.363  1.00   9.22  ? 113  ARG A O   1 
ATOM   604  C  CB  . ARG A 1 84  ? 0.491   -9.557  -7.548  1.00   11.17 ? 113  ARG A CB  1 
ATOM   605  C  CG  . ARG A 1 84  ? -0.562  -10.635 -7.660  1.00   12.19 ? 113  ARG A CG  1 
ATOM   606  C  CD  . ARG A 1 84  ? 0.013   -12.052 -7.761  1.00   14.82 ? 113  ARG A CD  1 
ATOM   607  N  NE  . ARG A 1 84  ? 0.522   -12.496 -6.505  1.00   16.64 ? 113  ARG A NE  1 
ATOM   608  C  CZ  . ARG A 1 84  ? 1.462   -13.431 -6.336  1.00   20.75 ? 113  ARG A CZ  1 
ATOM   609  N  NH1 . ARG A 1 84  ? 2.039   -14.020 -7.383  1.00   23.27 ? 113  ARG A NH1 1 
ATOM   610  N  NH2 . ARG A 1 84  ? 1.840   -13.761 -5.117  1.00   21.00 ? 113  ARG A NH2 1 
ATOM   611  N  N   . TRP A 1 85  ? -2.263  -7.821  -6.845  1.00   9.11  ? 114  TRP A N   1 
ATOM   612  C  CA  . TRP A 1 85  ? -3.376  -7.681  -5.921  1.00   9.95  ? 114  TRP A CA  1 
ATOM   613  C  C   . TRP A 1 85  ? -4.087  -8.991  -5.808  1.00   9.92  ? 114  TRP A C   1 
ATOM   614  O  O   . TRP A 1 85  ? -4.305  -9.710  -6.832  1.00   10.90 ? 114  TRP A O   1 
ATOM   615  C  CB  . TRP A 1 85  ? -4.401  -6.651  -6.414  1.00   10.18 ? 114  TRP A CB  1 
ATOM   616  C  CG  . TRP A 1 85  ? -3.953  -5.196  -6.285  1.00   9.68  ? 114  TRP A CG  1 
ATOM   617  C  CD1 . TRP A 1 85  ? -3.061  -4.545  -7.127  1.00   10.51 ? 114  TRP A CD1 1 
ATOM   618  C  CD2 . TRP A 1 85  ? -4.277  -4.268  -5.277  1.00   8.89  ? 114  TRP A CD2 1 
ATOM   619  N  NE1 . TRP A 1 85  ? -2.830  -3.290  -6.694  1.00   10.00 ? 114  TRP A NE1 1 
ATOM   620  C  CE2 . TRP A 1 85  ? -3.617  -3.045  -5.595  1.00   9.79  ? 114  TRP A CE2 1 
ATOM   621  C  CE3 . TRP A 1 85  ? -5.107  -4.315  -4.172  1.00   9.22  ? 114  TRP A CE3 1 
ATOM   622  C  CZ2 . TRP A 1 85  ? -3.723  -1.916  -4.751  1.00   9.98  ? 114  TRP A CZ2 1 
ATOM   623  C  CZ3 . TRP A 1 85  ? -5.226  -3.196  -3.359  1.00   8.74  ? 114  TRP A CZ3 1 
ATOM   624  C  CH2 . TRP A 1 85  ? -4.553  -1.998  -3.679  1.00   10.09 ? 114  TRP A CH2 1 
ATOM   625  N  N   . GLN A 1 86  ? -4.626  -9.244  -4.630  1.00   9.71  ? 115  GLN A N   1 
ATOM   626  C  CA  . GLN A 1 86  ? -5.571  -10.349 -4.396  1.00   11.40 ? 115  GLN A CA  1 
ATOM   627  C  C   . GLN A 1 86  ? -6.856  -9.708  -3.952  1.00   11.41 ? 115  GLN A C   1 
ATOM   628  O  O   . GLN A 1 86  ? -6.864  -8.817  -3.080  1.00   12.76 ? 115  GLN A O   1 
ATOM   629  C  CB  . GLN A 1 86  ? -5.068  -11.276 -3.283  1.00   12.93 ? 115  GLN A CB  1 
ATOM   630  C  CG  . GLN A 1 86  ? -3.742  -11.929 -3.571  1.00   15.37 ? 115  GLN A CG  1 
ATOM   631  C  CD  . GLN A 1 86  ? -3.701  -12.959 -4.666  1.00   17.73 ? 115  GLN A CD  1 
ATOM   632  O  OE1 . GLN A 1 86  ? -4.734  -13.372 -5.191  1.00   21.73 ? 115  GLN A OE1 1 
ATOM   633  N  NE2 . GLN A 1 86  ? -2.498  -13.385 -5.005  1.00   19.57 ? 115  GLN A NE2 1 
ATOM   634  N  N   . PHE A 1 87  ? -7.996  -10.049 -4.582  1.00   11.89 ? 116  PHE A N   1 
ATOM   635  C  CA  . PHE A 1 87  ? -9.249  -9.444  -4.233  1.00   12.77 ? 116  PHE A CA  1 
ATOM   636  C  C   . PHE A 1 87  ? -10.230 -10.476 -3.613  1.00   14.51 ? 116  PHE A C   1 
ATOM   637  O  O   . PHE A 1 87  ? -10.278 -11.618 -4.048  1.00   16.99 ? 116  PHE A O   1 
ATOM   638  C  CB  . PHE A 1 87  ? -9.915  -8.885  -5.488  1.00   12.53 ? 116  PHE A CB  1 
ATOM   639  C  CG  . PHE A 1 87  ? -9.083  -7.868  -6.211  1.00   12.40 ? 116  PHE A CG  1 
ATOM   640  C  CD1 . PHE A 1 87  ? -8.868  -6.615  -5.707  1.00   12.79 ? 116  PHE A CD1 1 
ATOM   641  C  CD2 . PHE A 1 87  ? -8.438  -8.199  -7.402  1.00   12.96 ? 116  PHE A CD2 1 
ATOM   642  C  CE1 . PHE A 1 87  ? -8.093  -5.701  -6.401  1.00   12.45 ? 116  PHE A CE1 1 
ATOM   643  C  CE2 . PHE A 1 87  ? -7.669  -7.289  -8.075  1.00   12.14 ? 116  PHE A CE2 1 
ATOM   644  C  CZ  . PHE A 1 87  ? -7.481  -6.033  -7.580  1.00   12.04 ? 116  PHE A CZ  1 
ATOM   645  N  N   . THR A 1 88  ? -10.979 -10.043 -2.633  1.00   13.97 ? 117  THR A N   1 
ATOM   646  C  CA  . THR A 1 88  ? -12.099 -10.814 -2.113  1.00   17.15 ? 117  THR A CA  1 
ATOM   647  C  C   . THR A 1 88  ? -13.417 -10.298 -2.678  1.00   18.90 ? 117  THR A C   1 
ATOM   648  O  O   . THR A 1 88  ? -14.416 -11.022 -2.581  1.00   20.41 ? 117  THR A O   1 
ATOM   649  C  CB  . THR A 1 88  ? -12.155 -10.759 -0.589  1.00   18.88 ? 117  THR A CB  1 
ATOM   650  O  OG1 . THR A 1 88  ? -12.258 -9.404  -0.182  1.00   19.98 ? 117  THR A OG1 1 
ATOM   651  C  CG2 . THR A 1 88  ? -10.867 -11.289 0.021   1.00   19.69 ? 117  THR A CG2 1 
ATOM   652  N  N   . ALA A 1 89  ? -13.446 -9.062  -3.206  1.00   17.57 ? 118  ALA A N   1 
ATOM   653  C  CA  . ALA A 1 89  ? -14.602 -8.526  -3.938  1.00   19.42 ? 118  ALA A CA  1 
ATOM   654  C  C   . ALA A 1 89  ? -14.057 -7.693  -5.116  1.00   19.00 ? 118  ALA A C   1 
ATOM   655  O  O   . ALA A 1 89  ? -13.360 -6.665  -4.905  1.00   18.49 ? 118  ALA A O   1 
ATOM   656  C  CB  . ALA A 1 89  ? -15.496 -7.731  -3.045  1.00   21.41 ? 118  ALA A CB  1 
ATOM   657  N  N   . ARG A 1 90  ? -14.376 -8.095  -6.347  1.00   19.28 ? 119  ARG A N   1 
ATOM   658  C  CA  . ARG A 1 90  ? -13.765 -7.530  -7.585  1.00   18.14 ? 119  ARG A CA  1 
ATOM   659  C  C   . ARG A 1 90  ? -14.539 -6.332  -8.193  1.00   17.12 ? 119  ARG A C   1 
ATOM   660  O  O   . ARG A 1 90  ? -15.157 -6.418  -9.260  1.00   20.53 ? 119  ARG A O   1 
ATOM   661  C  CB  . ARG A 1 90  ? -13.680 -8.625  -8.619  1.00   21.07 ? 119  ARG A CB  1 
ATOM   662  C  CG  . ARG A 1 90  ? -12.677 -9.712  -8.250  1.00   22.17 ? 119  ARG A CG  1 
ATOM   663  C  CD  . ARG A 1 90  ? -13.054 -11.026 -8.882  1.00   25.95 ? 119  ARG A CD  1 
ATOM   664  N  NE  . ARG A 1 90  ? -13.074 -10.940 -10.319 1.00   28.09 ? 119  ARG A NE  1 
ATOM   665  C  CZ  . ARG A 1 90  ? -13.458 -11.923 -11.116 1.00   33.47 ? 119  ARG A CZ  1 
ATOM   666  N  NH1 . ARG A 1 90  ? -13.800 -13.124 -10.615 1.00   33.93 ? 119  ARG A NH1 1 
ATOM   667  N  NH2 . ARG A 1 90  ? -13.471 -11.706 -12.421 1.00   34.25 ? 119  ARG A NH2 1 
ATOM   668  N  N   . HIS A 1 91  ? -14.464 -5.224  -7.528  1.00   15.50 ? 120  HIS A N   1 
ATOM   669  C  CA  . HIS A 1 91  ? -15.317 -4.094  -7.893  1.00   14.87 ? 120  HIS A CA  1 
ATOM   670  C  C   . HIS A 1 91  ? -14.865 -3.486  -9.202  1.00   12.28 ? 120  HIS A C   1 
ATOM   671  O  O   . HIS A 1 91  ? -13.663 -3.537  -9.548  1.00   12.25 ? 120  HIS A O   1 
ATOM   672  C  CB  . HIS A 1 91  ? -15.147 -2.984  -6.876  1.00   15.24 ? 120  HIS A CB  1 
ATOM   673  C  CG  . HIS A 1 91  ? -15.491 -3.353  -5.475  1.00   17.69 ? 120  HIS A CG  1 
ATOM   674  N  ND1 . HIS A 1 91  ? -16.734 -3.826  -5.118  1.00   21.14 ? 120  HIS A ND1 1 
ATOM   675  C  CD2 . HIS A 1 91  ? -14.744 -3.341  -4.340  1.00   17.77 ? 120  HIS A CD2 1 
ATOM   676  C  CE1 . HIS A 1 91  ? -16.757 -4.069  -3.828  1.00   22.36 ? 120  HIS A CE1 1 
ATOM   677  N  NE2 . HIS A 1 91  ? -15.557 -3.803  -3.338  1.00   19.57 ? 120  HIS A NE2 1 
ATOM   678  N  N   . ALA A 1 92  ? -15.789 -2.917  -9.946  1.00   11.13 ? 121  ALA A N   1 
ATOM   679  C  CA  . ALA A 1 92  ? -15.481 -2.033  -11.066 1.00   10.31 ? 121  ALA A CA  1 
ATOM   680  C  C   . ALA A 1 92  ? -14.451 -1.011  -10.573 1.00   9.82  ? 121  ALA A C   1 
ATOM   681  O  O   . ALA A 1 92  ? -14.590 -0.426  -9.504  1.00   9.31  ? 121  ALA A O   1 
ATOM   682  C  CB  . ALA A 1 92  ? -16.724 -1.327  -11.570 1.00   11.06 ? 121  ALA A CB  1 
ATOM   683  N  N   . THR A 1 93  ? -13.422 -0.768  -11.392 1.00   9.10  ? 122  THR A N   1 
ATOM   684  C  CA  . THR A 1 93  ? -12.248 -0.074  -10.962 1.00   9.55  ? 122  THR A CA  1 
ATOM   685  C  C   . THR A 1 93  ? -11.976 1.125   -11.862 1.00   10.28 ? 122  THR A C   1 
ATOM   686  O  O   . THR A 1 93  ? -11.987 0.996   -13.108 1.00   11.21 ? 122  THR A O   1 
ATOM   687  C  CB  . THR A 1 93  ? -11.057 -1.052  -11.012 1.00   9.40  ? 122  THR A CB  1 
ATOM   688  O  OG1 . THR A 1 93  ? -11.340 -2.066  -9.998  1.00   9.97  ? 122  THR A OG1 1 
ATOM   689  C  CG2 . THR A 1 93  ? -9.720  -0.358  -10.711 1.00   9.53  ? 122  THR A CG2 1 
ATOM   690  N  N   . THR A 1 94  ? -11.595 2.248   -11.241 1.00   9.50  ? 123  THR A N   1 
ATOM   691  C  CA  . THR A 1 94  ? -11.138 3.430   -11.930 1.00   10.07 ? 123  THR A CA  1 
ATOM   692  C  C   . THR A 1 94  ? -9.658  3.281   -12.252 1.00   9.74  ? 123  THR A C   1 
ATOM   693  O  O   . THR A 1 94  ? -9.298  3.317   -13.426 1.00   10.30 ? 123  THR A O   1 
ATOM   694  C  CB  . THR A 1 94  ? -11.367 4.694   -11.100 1.00   10.17 ? 123  THR A CB  1 
ATOM   695  O  OG1 . THR A 1 94  ? -12.773 4.821   -10.890 1.00   11.57 ? 123  THR A OG1 1 
ATOM   696  C  CG2 . THR A 1 94  ? -10.842 5.953   -11.768 1.00   11.33 ? 123  THR A CG2 1 
ATOM   697  N  N   . ASP A 1 95  ? -8.784  3.088   -11.267 1.00   9.41  ? 124  ASP A N   1 
ATOM   698  C  CA  . ASP A 1 95  ? -7.355  2.953   -11.537 1.00   10.52 ? 124  ASP A CA  1 
ATOM   699  C  C   . ASP A 1 95  ? -6.606  2.340   -10.357 1.00   9.23  ? 124  ASP A C   1 
ATOM   700  O  O   . ASP A 1 95  ? -7.153  2.121   -9.268  1.00   9.25  ? 124  ASP A O   1 
ATOM   701  C  CB  . ASP A 1 95  ? -6.719  4.281   -11.961 1.00   13.54 ? 124  ASP A CB  1 
ATOM   702  C  CG  . ASP A 1 95  ? -6.557  5.248   -10.871 1.00   19.96 ? 124  ASP A CG  1 
ATOM   703  O  OD1 . ASP A 1 95  ? -7.010  5.052   -9.772  1.00   23.99 ? 124  ASP A OD1 1 
ATOM   704  O  OD2 . ASP A 1 95  ? -5.893  6.284   -11.142 1.00   31.84 ? 124  ASP A OD2 1 
ATOM   705  N  N   . PHE A 1 96  ? -5.368  2.004   -10.661 1.00   8.67  ? 125  PHE A N   1 
ATOM   706  C  CA  . PHE A 1 96  ? -4.341  1.621   -9.670  1.00   9.16  ? 125  PHE A CA  1 
ATOM   707  C  C   . PHE A 1 96  ? -3.212  2.609   -9.749  1.00   10.30 ? 125  PHE A C   1 
ATOM   708  O  O   . PHE A 1 96  ? -2.760  2.892   -10.884 1.00   9.58  ? 125  PHE A O   1 
ATOM   709  C  CB  . PHE A 1 96  ? -3.809  0.204   -9.922  1.00   9.55  ? 125  PHE A CB  1 
ATOM   710  C  CG  . PHE A 1 96  ? -4.858  -0.883  -9.833  1.00   8.35  ? 125  PHE A CG  1 
ATOM   711  C  CD1 . PHE A 1 96  ? -5.177  -1.490  -8.616  1.00   8.81  ? 125  PHE A CD1 1 
ATOM   712  C  CD2 . PHE A 1 96  ? -5.593  -1.254  -10.930 1.00   9.83  ? 125  PHE A CD2 1 
ATOM   713  C  CE1 . PHE A 1 96  ? -6.158  -2.466  -8.519  1.00   9.03  ? 125  PHE A CE1 1 
ATOM   714  C  CE2 . PHE A 1 96  ? -6.548  -2.225  -10.852 1.00   9.64  ? 125  PHE A CE2 1 
ATOM   715  C  CZ  . PHE A 1 96  ? -6.847  -2.822  -9.640  1.00   9.20  ? 125  PHE A CZ  1 
ATOM   716  N  N   . LYS A 1 97  ? -2.726  3.093   -8.629  1.00   9.36  ? 126  LYS A N   1 
ATOM   717  C  CA  . LYS A 1 97  ? -1.586  4.024   -8.618  1.00   9.81  ? 126  LYS A CA  1 
ATOM   718  C  C   . LYS A 1 97  ? -0.608  3.544   -7.583  1.00   9.16  ? 126  LYS A C   1 
ATOM   719  O  O   . LYS A 1 97  ? -1.029  3.069   -6.499  1.00   9.49  ? 126  LYS A O   1 
ATOM   720  C  CB  . LYS A 1 97  ? -1.969  5.440   -8.291  1.00   11.49 ? 126  LYS A CB  1 
ATOM   721  C  CG  . LYS A 1 97  ? -2.859  6.081   -9.331  1.00   13.10 ? 126  LYS A CG  1 
ATOM   722  C  CD  . LYS A 1 97  ? -3.278  7.456   -8.906  1.00   17.19 ? 126  LYS A CD  1 
ATOM   723  C  CE  . LYS A 1 97  ? -3.881  8.217   -10.075 1.00   22.01 ? 126  LYS A CE  1 
ATOM   724  N  NZ  . LYS A 1 97  ? -5.069  8.914   -9.612  1.00   27.97 ? 126  LYS A NZ  1 
ATOM   725  N  N   . TYR A 1 98  ? 0.667   3.674   -7.861  1.00   7.44  ? 127  TYR A N   1 
ATOM   726  C  CA  . TYR A 1 98  ? 1.716   3.218   -6.974  1.00   7.55  ? 127  TYR A CA  1 
ATOM   727  C  C   . TYR A 1 98  ? 2.698   4.349   -6.733  1.00   7.48  ? 127  TYR A C   1 
ATOM   728  O  O   . TYR A 1 98  ? 3.152   4.982   -7.692  1.00   7.67  ? 127  TYR A O   1 
ATOM   729  C  CB  . TYR A 1 98  ? 2.453   2.016   -7.570  1.00   8.27  ? 127  TYR A CB  1 
ATOM   730  C  CG  . TYR A 1 98  ? 1.589   0.846   -7.827  1.00   8.24  ? 127  TYR A CG  1 
ATOM   731  C  CD1 . TYR A 1 98  ? 0.879   0.736   -9.046  1.00   7.99  ? 127  TYR A CD1 1 
ATOM   732  C  CD2 . TYR A 1 98  ? 1.431   -0.180  -6.904  1.00   8.14  ? 127  TYR A CD2 1 
ATOM   733  C  CE1 . TYR A 1 98  ? 0.046   -0.340  -9.309  1.00   9.37  ? 127  TYR A CE1 1 
ATOM   734  C  CE2 . TYR A 1 98  ? 0.604   -1.276  -7.148  1.00   8.59  ? 127  TYR A CE2 1 
ATOM   735  C  CZ  . TYR A 1 98  ? -0.067  -1.366  -8.339  1.00   9.72  ? 127  TYR A CZ  1 
ATOM   736  O  OH  . TYR A 1 98  ? -0.893  -2.438  -8.602  1.00   11.26 ? 127  TYR A OH  1 
ATOM   737  N  N   . TYR A 1 99  ? 2.998   4.628   -5.472  1.00   6.94  ? 128  TYR A N   1 
ATOM   738  C  CA  . TYR A 1 99  ? 3.811   5.759   -5.017  1.00   7.36  ? 128  TYR A CA  1 
ATOM   739  C  C   . TYR A 1 99  ? 4.978   5.201   -4.240  1.00   7.06  ? 128  TYR A C   1 
ATOM   740  O  O   . TYR A 1 99  ? 4.866   4.132   -3.646  1.00   8.17  ? 128  TYR A O   1 
ATOM   741  C  CB  . TYR A 1 99  ? 3.046   6.695   -4.077  1.00   8.55  ? 128  TYR A CB  1 
ATOM   742  C  CG  . TYR A 1 99  ? 1.740   7.261   -4.617  1.00   9.44  ? 128  TYR A CG  1 
ATOM   743  C  CD1 . TYR A 1 99  ? 0.585   6.536   -4.605  1.00   9.82  ? 128  TYR A CD1 1 
ATOM   744  C  CD2 . TYR A 1 99  ? 1.696   8.511   -5.173  1.00   10.35 ? 128  TYR A CD2 1 
ATOM   745  C  CE1 . TYR A 1 99  ? -0.592  7.075   -5.078  1.00   11.46 ? 128  TYR A CE1 1 
ATOM   746  C  CE2 . TYR A 1 99  ? 0.479   9.060   -5.644  1.00   12.33 ? 128  TYR A CE2 1 
ATOM   747  C  CZ  . TYR A 1 99  ? -0.621  8.333   -5.589  1.00   12.32 ? 128  TYR A CZ  1 
ATOM   748  O  OH  . TYR A 1 99  ? -1.871  8.759   -6.043  1.00   17.53 ? 128  TYR A OH  1 
ATOM   749  N  N   . VAL A 1 100 ? 6.116   5.893   -4.212  1.00   7.20  ? 129  VAL A N   1 
ATOM   750  C  CA  . VAL A 1 100 ? 7.233   5.514   -3.411  1.00   7.42  ? 129  VAL A CA  1 
ATOM   751  C  C   . VAL A 1 100 ? 7.655   6.690   -2.482  1.00   7.56  ? 129  VAL A C   1 
ATOM   752  O  O   . VAL A 1 100 ? 7.439   7.866   -2.839  1.00   8.45  ? 129  VAL A O   1 
ATOM   753  C  CB  . VAL A 1 100 ? 8.408   5.034   -4.258  1.00   8.31  ? 129  VAL A CB  1 
ATOM   754  C  CG1 . VAL A 1 100 ? 8.984   6.168   -5.066  1.00   9.05  ? 129  VAL A CG1 1 
ATOM   755  C  CG2 . VAL A 1 100 ? 9.457   4.311   -3.440  1.00   8.69  ? 129  VAL A CG2 1 
ATOM   756  N  N   . THR A 1 101 ? 8.279   6.395   -1.388  1.00   7.34  ? 130  THR A N   1 
ATOM   757  C  CA  . THR A 1 101 ? 8.892   7.386   -0.534  1.00   8.24  ? 130  THR A CA  1 
ATOM   758  C  C   . THR A 1 101 ? 10.092  8.041   -1.218  1.00   9.56  ? 130  THR A C   1 
ATOM   759  O  O   . THR A 1 101 ? 10.660  7.537   -2.179  1.00   10.55 ? 130  THR A O   1 
ATOM   760  C  CB  . THR A 1 101 ? 9.261   6.753   0.804   1.00   8.25  ? 130  THR A CB  1 
ATOM   761  O  OG1 . THR A 1 101 ? 9.910   5.491   0.573   1.00   8.14  ? 130  THR A OG1 1 
ATOM   762  C  CG2 . THR A 1 101 ? 8.009   6.574   1.672   1.00   8.26  ? 130  THR A CG2 1 
ATOM   763  N  N   . LYS A 1 102 ? 10.432  9.231   -0.694  1.00   10.14 ? 131  LYS A N   1 
ATOM   764  C  CA  . LYS A 1 102 ? 11.567  10.016  -1.195  1.00   11.72 ? 131  LYS A CA  1 
ATOM   765  C  C   . LYS A 1 102 ? 12.810  9.732   -0.402  1.00   10.79 ? 131  LYS A C   1 
ATOM   766  O  O   . LYS A 1 102 ? 12.752  9.344   0.755   1.00   11.20 ? 131  LYS A O   1 
ATOM   767  C  CB  . LYS A 1 102 ? 11.289  11.522  -0.985  1.00   14.56 ? 131  LYS A CB  1 
ATOM   768  C  CG  . LYS A 1 102 ? 10.164  12.014  -1.838  1.00   20.25 ? 131  LYS A CG  1 
ATOM   769  C  CD  . LYS A 1 102 ? 9.883   13.499  -1.636  1.00   23.90 ? 131  LYS A CD  1 
ATOM   770  C  CE  . LYS A 1 102 ? 9.320   13.767  -0.291  1.00   22.82 ? 131  LYS A CE  1 
ATOM   771  N  NZ  . LYS A 1 102 ? 8.399   14.950  -0.320  1.00   26.96 ? 131  LYS A NZ  1 
ATOM   772  N  N   . PRO A 1 103 ? 13.990  9.915   -1.011  1.00   11.58 ? 132  PRO A N   1 
ATOM   773  C  CA  . PRO A 1 103 ? 15.200  9.881   -0.167  1.00   11.78 ? 132  PRO A CA  1 
ATOM   774  C  C   . PRO A 1 103 ? 15.119  10.784  1.039   1.00   12.44 ? 132  PRO A C   1 
ATOM   775  O  O   . PRO A 1 103 ? 14.659  11.896  0.932   1.00   13.64 ? 132  PRO A O   1 
ATOM   776  C  CB  . PRO A 1 103 ? 16.317  10.316  -1.137  1.00   12.54 ? 132  PRO A CB  1 
ATOM   777  C  CG  . PRO A 1 103 ? 15.788  9.970   -2.462  1.00   13.79 ? 132  PRO A CG  1 
ATOM   778  C  CD  . PRO A 1 103 ? 14.315  10.345  -2.357  1.00   12.99 ? 132  PRO A CD  1 
ATOM   779  N  N   . GLY A 1 104 ? 15.504  10.278  2.185   1.00   12.60 ? 133  GLY A N   1 
ATOM   780  C  CA  . GLY A 1 104 ? 15.497  11.089  3.398   1.00   11.44 ? 133  GLY A CA  1 
ATOM   781  C  C   . GLY A 1 104 ? 14.157  11.161  4.086   1.00   11.89 ? 133  GLY A C   1 
ATOM   782  O  O   . GLY A 1 104 ? 13.985  11.930  5.041   1.00   13.74 ? 133  GLY A O   1 
ATOM   783  N  N   . TRP A 1 105 ? 13.190  10.328  3.675   1.00   10.27 ? 134  TRP A N   1 
ATOM   784  C  CA  . TRP A 1 105 ? 11.873  10.308  4.313   1.00   10.27 ? 134  TRP A CA  1 
ATOM   785  C  C   . TRP A 1 105 ? 11.989  9.969   5.810   1.00   10.23 ? 134  TRP A C   1 
ATOM   786  O  O   . TRP A 1 105 ? 12.968  9.321   6.216   1.00   11.43 ? 134  TRP A O   1 
ATOM   787  C  CB  . TRP A 1 105 ? 10.956  9.345   3.567   1.00   10.10 ? 134  TRP A CB  1 
ATOM   788  C  CG  . TRP A 1 105 ? 11.308  7.898   3.678   1.00   9.22  ? 134  TRP A CG  1 
ATOM   789  C  CD1 . TRP A 1 105 ? 12.332  7.198   3.054   1.00   8.97  ? 134  TRP A CD1 1 
ATOM   790  C  CD2 . TRP A 1 105 ? 10.591  6.913   4.431   1.00   9.24  ? 134  TRP A CD2 1 
ATOM   791  N  NE1 . TRP A 1 105 ? 12.279  5.871   3.367   1.00   9.25  ? 134  TRP A NE1 1 
ATOM   792  C  CE2 . TRP A 1 105 ? 11.196  5.670   4.180   1.00   9.71  ? 134  TRP A CE2 1 
ATOM   793  C  CE3 . TRP A 1 105 ? 9.461   6.950   5.239   1.00   10.35 ? 134  TRP A CE3 1 
ATOM   794  C  CZ2 . TRP A 1 105 ? 10.733  4.494   4.742   1.00   9.91  ? 134  TRP A CZ2 1 
ATOM   795  C  CZ3 . TRP A 1 105 ? 9.010   5.792   5.767   1.00   11.33 ? 134  TRP A CZ3 1 
ATOM   796  C  CH2 . TRP A 1 105 ? 9.636   4.586   5.547   1.00   10.87 ? 134  TRP A CH2 1 
ATOM   797  N  N   . ASN A 1 106 ? 10.966  10.391  6.568   1.00   10.57 ? 135  ASN A N   1 
ATOM   798  C  CA  . ASN A 1 106 ? 10.986  10.226  7.986   1.00   11.67 ? 135  ASN A CA  1 
ATOM   799  C  C   . ASN A 1 106 ? 10.502  8.798   8.324   1.00   11.03 ? 135  ASN A C   1 
ATOM   800  O  O   . ASN A 1 106 ? 9.315   8.500   8.333   1.00   12.04 ? 135  ASN A O   1 
ATOM   801  C  CB  . ASN A 1 106 ? 10.152  11.272  8.682   1.00   12.58 ? 135  ASN A CB  1 
ATOM   802  C  CG  . ASN A 1 106 ? 10.263  11.222  10.177  1.00   13.84 ? 135  ASN A CG  1 
ATOM   803  O  OD1 . ASN A 1 106 ? 10.779  10.269  10.790  1.00   14.13 ? 135  ASN A OD1 1 
ATOM   804  N  ND2 . ASN A 1 106 ? 9.687   12.251  10.811  1.00   14.53 ? 135  ASN A ND2 1 
ATOM   805  N  N   . GLN A 1 107 ? 11.450  7.940   8.641   1.00   10.68 ? 136  GLN A N   1 
ATOM   806  C  CA  . GLN A 1 107 ? 11.187  6.543   8.940   1.00   10.93 ? 136  GLN A CA  1 
ATOM   807  C  C   . GLN A 1 107 ? 10.740  6.331   10.391  1.00   11.39 ? 136  GLN A C   1 
ATOM   808  O  O   . GLN A 1 107 ? 10.463  5.211   10.771  1.00   13.26 ? 136  GLN A O   1 
ATOM   809  C  CB  . GLN A 1 107 ? 12.444  5.715   8.692   1.00   11.58 ? 136  GLN A CB  1 
ATOM   810  C  CG  . GLN A 1 107 ? 12.895  5.727   7.272   1.00   12.21 ? 136  GLN A CG  1 
ATOM   811  C  CD  . GLN A 1 107 ? 14.011  4.783   6.999   1.00   13.60 ? 136  GLN A CD  1 
ATOM   812  O  OE1 . GLN A 1 107 ? 13.943  3.583   7.388   1.00   14.92 ? 136  GLN A OE1 1 
ATOM   813  N  NE2 . GLN A 1 107 ? 14.952  5.223   6.212   1.00   14.95 ? 136  GLN A NE2 1 
ATOM   814  N  N   . ASN A 1 108 ? 10.735  7.382   11.196  1.00   12.01 ? 137  ASN A N   1 
ATOM   815  C  CA  . ASN A 1 108 ? 10.454  7.285   12.618  1.00   13.35 ? 137  ASN A CA  1 
ATOM   816  C  C   . ASN A 1 108 ? 9.100   7.788   13.041  1.00   13.96 ? 137  ASN A C   1 
ATOM   817  O  O   . ASN A 1 108 ? 8.812   7.832   14.226  1.00   16.48 ? 137  ASN A O   1 
ATOM   818  C  CB  . ASN A 1 108 ? 11.544  8.066   13.351  1.00   16.77 ? 137  ASN A CB  1 
ATOM   819  C  CG  . ASN A 1 108 ? 12.882  7.450   13.125  1.00   20.55 ? 137  ASN A CG  1 
ATOM   820  O  OD1 . ASN A 1 108 ? 13.011  6.259   13.237  1.00   24.72 ? 137  ASN A OD1 1 
ATOM   821  N  ND2 . ASN A 1 108 ? 13.872  8.246   12.768  1.00   26.73 ? 137  ASN A ND2 1 
ATOM   822  N  N   . HIS A 1 109 ? 8.225   8.138   12.114  1.00   12.78 ? 138  HIS A N   1 
ATOM   823  C  CA  . HIS A 1 109 ? 6.859   8.559   12.482  1.00   12.16 ? 138  HIS A CA  1 
ATOM   824  C  C   . HIS A 1 109 ? 5.890   7.810   11.579  1.00   11.39 ? 138  HIS A C   1 
ATOM   825  O  O   . HIS A 1 109 ? 6.356   7.045   10.690  1.00   12.05 ? 138  HIS A O   1 
ATOM   826  C  CB  . HIS A 1 109 ? 6.728   10.075  12.385  1.00   13.37 ? 138  HIS A CB  1 
ATOM   827  C  CG  . HIS A 1 109 ? 6.574   10.623  11.006  1.00   14.10 ? 138  HIS A CG  1 
ATOM   828  N  ND1 . HIS A 1 109 ? 5.997   11.849  10.761  1.00   16.17 ? 138  HIS A ND1 1 
ATOM   829  C  CD2 . HIS A 1 109 ? 6.885   10.111  9.784   1.00   14.01 ? 138  HIS A CD2 1 
ATOM   830  C  CE1 . HIS A 1 109 ? 5.928   12.053  9.454   1.00   16.84 ? 138  HIS A CE1 1 
ATOM   831  N  NE2 . HIS A 1 109 ? 6.497   11.034  8.845   1.00   16.64 ? 138  HIS A NE2 1 
ATOM   832  N  N   . ASN A 1 110 ? 4.604   8.047   11.705  1.00   9.67  ? 139  ASN A N   1 
ATOM   833  C  CA  . ASN A 1 110 ? 3.639   7.371   10.830  1.00   9.70  ? 139  ASN A CA  1 
ATOM   834  C  C   . ASN A 1 110 ? 3.709   7.992   9.430   1.00   10.40 ? 139  ASN A C   1 
ATOM   835  O  O   . ASN A 1 110 ? 3.728   9.205   9.296   1.00   12.13 ? 139  ASN A O   1 
ATOM   836  C  CB  . ASN A 1 110 ? 2.240   7.546   11.329  1.00   10.63 ? 139  ASN A CB  1 
ATOM   837  C  CG  . ASN A 1 110 ? 1.953   6.841   12.638  1.00   11.66 ? 139  ASN A CG  1 
ATOM   838  O  OD1 . ASN A 1 110 ? 2.838   6.413   13.379  1.00   12.36 ? 139  ASN A OD1 1 
ATOM   839  N  ND2 . ASN A 1 110 ? 0.692   6.801   12.935  1.00   12.42 ? 139  ASN A ND2 1 
ATOM   840  N  N   . LEU A 1 111 ? 3.655   7.181   8.377   1.00   9.83  ? 140  LEU A N   1 
ATOM   841  C  CA  . LEU A 1 111 ? 3.785   7.654   7.000   1.00   11.70 ? 140  LEU A CA  1 
ATOM   842  C  C   . LEU A 1 111 ? 2.842   8.816   6.719   1.00   11.17 ? 140  LEU A C   1 
ATOM   843  O  O   . LEU A 1 111 ? 1.633   8.777   7.028   1.00   10.86 ? 140  LEU A O   1 
ATOM   844  C  CB  . LEU A 1 111 ? 3.450   6.511   6.032   1.00   12.38 ? 140  LEU A CB  1 
ATOM   845  C  CG  . LEU A 1 111 ? 3.835   6.763   4.575   1.00   13.08 ? 140  LEU A CG  1 
ATOM   846  C  CD1 . LEU A 1 111 ? 5.324   6.655   4.389   1.00   13.86 ? 140  LEU A CD1 1 
ATOM   847  C  CD2 . LEU A 1 111 ? 3.080   5.763   3.689   1.00   13.78 ? 140  LEU A CD2 1 
ATOM   848  N  N   . ALA A 1 112 ? 3.379   9.804   6.010   1.00   10.86 ? 141  ALA A N   1 
ATOM   849  C  CA  . ALA A 1 112 ? 2.616   10.980  5.638   1.00   11.07 ? 141  ALA A CA  1 
ATOM   850  C  C   . ALA A 1 112 ? 2.939   11.422  4.217   1.00   11.26 ? 141  ALA A C   1 
ATOM   851  O  O   . ALA A 1 112 ? 3.938   10.941  3.613   1.00   11.15 ? 141  ALA A O   1 
ATOM   852  C  CB  . ALA A 1 112 ? 2.994   12.113  6.583   1.00   11.55 ? 141  ALA A CB  1 
ATOM   853  N  N   . ARG A 1 113 ? 2.097   12.299  3.652   1.00   10.86 ? 142  ARG A N   1 
ATOM   854  C  CA  . ARG A 1 113 ? 2.358   12.820  2.304   1.00   11.45 ? 142  ARG A CA  1 
ATOM   855  C  C   . ARG A 1 113 ? 3.751   13.404  2.120   1.00   10.62 ? 142  ARG A C   1 
ATOM   856  O  O   . ARG A 1 113 ? 4.345   13.260  1.070   1.00   11.32 ? 142  ARG A O   1 
ATOM   857  C  CB  . ARG A 1 113 ? 1.284   13.815  1.913   1.00   12.62 ? 142  ARG A CB  1 
ATOM   858  C  CG  . ARG A 1 113 ? -0.078  13.157  1.663   1.00   12.99 ? 142  ARG A CG  1 
ATOM   859  C  CD  . ARG A 1 113 ? -1.185  14.207  1.822   1.00   13.87 ? 142  ARG A CD  1 
ATOM   860  N  NE  . ARG A 1 113 ? -2.498  13.637  1.574   1.00   15.33 ? 142  ARG A NE  1 
ATOM   861  C  CZ  . ARG A 1 113 ? -3.187  12.846  2.403   1.00   14.76 ? 142  ARG A CZ  1 
ATOM   862  N  NH1 . ARG A 1 113 ? -2.704  12.450  3.565   1.00   14.08 ? 142  ARG A NH1 1 
ATOM   863  N  NH2 . ARG A 1 113 ? -4.360  12.398  2.012   1.00   15.29 ? 142  ARG A NH2 1 
ATOM   864  N  N   . SER A 1 114 ? 4.277   14.063  3.142   1.00   10.81 ? 143  SER A N   1 
ATOM   865  C  CA  . SER A 1 114 ? 5.617   14.672  3.059   1.00   12.70 ? 143  SER A CA  1 
ATOM   866  C  C   . SER A 1 114 ? 6.730   13.640  2.864   1.00   11.30 ? 143  SER A C   1 
ATOM   867  O  O   . SER A 1 114 ? 7.821   13.949  2.405   1.00   12.85 ? 143  SER A O   1 
ATOM   868  C  CB  . SER A 1 114 ? 5.901   15.473  4.324   1.00   13.39 ? 143  SER A CB  1 
ATOM   869  O  OG  . SER A 1 114 ? 5.673   14.733  5.536   1.00   17.81 ? 143  SER A OG  1 
ATOM   870  N  N   . ASP A 1 115 ? 6.434   12.365  3.202   1.00   10.68 ? 144  ASP A N   1 
ATOM   871  C  CA  . ASP A 1 115 ? 7.402   11.275  2.981   1.00   10.86 ? 144  ASP A CA  1 
ATOM   872  C  C   . ASP A 1 115 ? 7.400   10.710  1.579   1.00   9.72  ? 144  ASP A C   1 
ATOM   873  O  O   . ASP A 1 115 ? 8.341   10.028  1.217   1.00   10.03 ? 144  ASP A O   1 
ATOM   874  C  CB  . ASP A 1 115 ? 7.107   10.131  3.932   1.00   10.53 ? 144  ASP A CB  1 
ATOM   875  C  CG  . ASP A 1 115 ? 7.213   10.563  5.390   1.00   13.47 ? 144  ASP A CG  1 
ATOM   876  O  OD1 . ASP A 1 115 ? 8.276   11.159  5.699   1.00   13.04 ? 144  ASP A OD1 1 
ATOM   877  O  OD2 . ASP A 1 115 ? 6.224   10.359  6.197   1.00   13.76 ? 144  ASP A OD2 1 
ATOM   878  N  N   . LEU A 1 116 ? 6.364   11.007  0.825   1.00   9.65  ? 145  LEU A N   1 
ATOM   879  C  CA  . LEU A 1 116 ? 6.093   10.376  -0.439  1.00   10.19 ? 145  LEU A CA  1 
ATOM   880  C  C   . LEU A 1 116 ? 6.419   11.259  -1.614  1.00   11.28 ? 145  LEU A C   1 
ATOM   881  O  O   . LEU A 1 116 ? 6.208   12.498  -1.566  1.00   13.10 ? 145  LEU A O   1 
ATOM   882  C  CB  . LEU A 1 116 ? 4.633   9.947   -0.520  1.00   11.29 ? 145  LEU A CB  1 
ATOM   883  C  CG  . LEU A 1 116 ? 4.220   8.761   0.335   1.00   11.95 ? 145  LEU A CG  1 
ATOM   884  C  CD1 . LEU A 1 116 ? 2.690   8.718   0.552   1.00   14.04 ? 145  LEU A CD1 1 
ATOM   885  C  CD2 . LEU A 1 116 ? 4.745   7.455   -0.263  1.00   12.35 ? 145  LEU A CD2 1 
ATOM   886  N  N   . ASN A 1 117 ? 6.912   10.678  -2.697  1.00   10.40 ? 146  ASN A N   1 
ATOM   887  C  CA  . ASN A 1 117 ? 6.880   11.339  -3.975  1.00   12.13 ? 146  ASN A CA  1 
ATOM   888  C  C   . ASN A 1 117 ? 5.449   11.259  -4.462  1.00   12.77 ? 146  ASN A C   1 
ATOM   889  O  O   . ASN A 1 117 ? 4.937   10.149  -4.762  1.00   12.20 ? 146  ASN A O   1 
ATOM   890  C  CB  . ASN A 1 117 ? 7.870   10.660  -4.907  1.00   13.20 ? 146  ASN A CB  1 
ATOM   891  C  CG  . ASN A 1 117 ? 7.856   11.251  -6.300  1.00   16.39 ? 146  ASN A CG  1 
ATOM   892  O  OD1 . ASN A 1 117 ? 6.995   12.029  -6.677  1.00   17.49 ? 146  ASN A OD1 1 
ATOM   893  N  ND2 . ASN A 1 117 ? 8.859   10.872  -7.062  1.00   19.43 ? 146  ASN A ND2 1 
ATOM   894  N  N   . LEU A 1 118 ? 4.708   12.380  -4.513  1.00   12.96 ? 147  LEU A N   1 
ATOM   895  C  CA  . LEU A 1 118 ? 3.312   12.319  -4.766  1.00   13.65 ? 147  LEU A CA  1 
ATOM   896  C  C   . LEU A 1 118 ? 2.914   12.207  -6.257  1.00   13.20 ? 147  LEU A C   1 
ATOM   897  O  O   . LEU A 1 118 ? 1.708   12.050  -6.528  1.00   15.07 ? 147  LEU A O   1 
ATOM   898  C  CB  . LEU A 1 118 ? 2.627   13.491  -4.104  1.00   15.50 ? 147  LEU A CB  1 
ATOM   899  C  CG  . LEU A 1 118 ? 2.714   13.512  -2.573  1.00   16.70 ? 147  LEU A CG  1 
ATOM   900  C  CD1 . LEU A 1 118 ? 2.084   14.839  -2.148  1.00   17.21 ? 147  LEU A CD1 1 
ATOM   901  C  CD2 . LEU A 1 118 ? 2.004   12.364  -1.953  1.00   18.70 ? 147  LEU A CD2 1 
ATOM   902  N  N   . THR A 1 119 ? 3.890   12.131  -7.158  1.00   13.09 ? 148  THR A N   1 
ATOM   903  C  CA  . THR A 1 119 ? 3.623   11.678  -8.536  1.00   14.66 ? 148  THR A CA  1 
ATOM   904  C  C   . THR A 1 119 ? 3.857   10.149  -8.535  1.00   12.58 ? 148  THR A C   1 
ATOM   905  O  O   . THR A 1 119 ? 4.998   9.732   -8.372  1.00   13.48 ? 148  THR A O   1 
ATOM   906  C  CB  . THR A 1 119 ? 4.555   12.348  -9.554  1.00   19.01 ? 148  THR A CB  1 
ATOM   907  O  OG1 . THR A 1 119 ? 4.266   13.756  -9.567  1.00   22.97 ? 148  THR A OG1 1 
ATOM   908  C  CG2 . THR A 1 119 ? 4.371   11.804  -11.013 1.00   19.82 ? 148  THR A CG2 1 
ATOM   909  N  N   . PRO A 1 120 ? 2.818   9.381   -8.832  1.00   11.59 ? 149  PRO A N   1 
ATOM   910  C  CA  . PRO A 1 120 ? 3.002   7.924   -8.831  1.00   10.99 ? 149  PRO A CA  1 
ATOM   911  C  C   . PRO A 1 120 ? 4.037   7.469   -9.837  1.00   10.31 ? 149  PRO A C   1 
ATOM   912  O  O   . PRO A 1 120 ? 4.174   8.049   -10.937 1.00   12.42 ? 149  PRO A O   1 
ATOM   913  C  CB  . PRO A 1 120 ? 1.659   7.371   -9.210  1.00   12.72 ? 149  PRO A CB  1 
ATOM   914  C  CG  . PRO A 1 120 ? 0.816   8.477   -9.628  1.00   13.96 ? 149  PRO A CG  1 
ATOM   915  C  CD  . PRO A 1 120 ? 1.432   9.742   -9.137  1.00   12.77 ? 149  PRO A CD  1 
ATOM   916  N  N   . PHE A 1 121 ? 4.815   6.473   -9.495  1.00   9.06  ? 150  PHE A N   1 
ATOM   917  C  CA  . PHE A 1 121 ? 5.793   5.944   -10.436 1.00   9.47  ? 150  PHE A CA  1 
ATOM   918  C  C   . PHE A 1 121 ? 5.180   4.988   -11.461 1.00   9.84  ? 150  PHE A C   1 
ATOM   919  O  O   . PHE A 1 121 ? 5.830   4.657   -12.454 1.00   10.86 ? 150  PHE A O   1 
ATOM   920  C  CB  . PHE A 1 121 ? 6.980   5.338   -9.736  1.00   9.16  ? 150  PHE A CB  1 
ATOM   921  C  CG  . PHE A 1 121 ? 6.690   4.061   -8.965  1.00   9.00  ? 150  PHE A CG  1 
ATOM   922  C  CD1 . PHE A 1 121 ? 6.704   2.813   -9.589  1.00   9.37  ? 150  PHE A CD1 1 
ATOM   923  C  CD2 . PHE A 1 121 ? 6.389   4.105   -7.601  1.00   9.23  ? 150  PHE A CD2 1 
ATOM   924  C  CE1 . PHE A 1 121 ? 6.435   1.678   -8.899  1.00   9.49  ? 150  PHE A CE1 1 
ATOM   925  C  CE2 . PHE A 1 121 ? 6.150   2.925   -6.903  1.00   8.54  ? 150  PHE A CE2 1 
ATOM   926  C  CZ  . PHE A 1 121 ? 6.138   1.741   -7.561  1.00   9.77  ? 150  PHE A CZ  1 
ATOM   927  N  N   . PHE A 1 122 ? 3.971   4.514   -11.201 1.00   9.42  ? 151  PHE A N   1 
ATOM   928  C  CA  . PHE A 1 122 ? 3.285   3.573   -12.071 1.00   9.15  ? 151  PHE A CA  1 
ATOM   929  C  C   . PHE A 1 122 ? 1.814   3.800   -11.871 1.00   8.81  ? 151  PHE A C   1 
ATOM   930  O  O   . PHE A 1 122 ? 1.341   3.830   -10.722 1.00   9.70  ? 151  PHE A O   1 
ATOM   931  C  CB  . PHE A 1 122 ? 3.697   2.141   -11.687 1.00   10.32 ? 151  PHE A CB  1 
ATOM   932  C  CG  . PHE A 1 122 ? 3.016   1.047   -12.449 1.00   11.77 ? 151  PHE A CG  1 
ATOM   933  C  CD1 . PHE A 1 122 ? 2.752   1.132   -13.795 1.00   12.80 ? 151  PHE A CD1 1 
ATOM   934  C  CD2 . PHE A 1 122 ? 2.727   -0.156  -11.782 1.00   12.48 ? 151  PHE A CD2 1 
ATOM   935  C  CE1 . PHE A 1 122 ? 2.157   0.051   -14.459 1.00   14.97 ? 151  PHE A CE1 1 
ATOM   936  C  CE2 . PHE A 1 122 ? 2.130   -1.214  -12.443 1.00   13.29 ? 151  PHE A CE2 1 
ATOM   937  C  CZ  . PHE A 1 122 ? 1.860   -1.106  -13.793 1.00   13.50 ? 151  PHE A CZ  1 
ATOM   938  N  N   . THR A 1 123 ? 1.081   3.968   -12.972 1.00   9.46  ? 152  THR A N   1 
ATOM   939  C  CA  . THR A 1 123 ? -0.375  4.166   -12.942 1.00   10.29 ? 152  THR A CA  1 
ATOM   940  C  C   . THR A 1 123 ? -1.008  3.243   -13.941 1.00   10.47 ? 152  THR A C   1 
ATOM   941  O  O   . THR A 1 123 ? -0.486  3.172   -15.067 1.00   11.22 ? 152  THR A O   1 
ATOM   942  C  CB  . THR A 1 123 ? -0.740  5.635   -13.327 1.00   11.64 ? 152  THR A CB  1 
ATOM   943  O  OG1 . THR A 1 123 ? -0.100  6.547   -12.418 1.00   14.60 ? 152  THR A OG1 1 
ATOM   944  C  CG2 . THR A 1 123 ? -2.230  5.887   -13.299 1.00   12.54 ? 152  THR A CG2 1 
ATOM   945  N  N   . VAL A 1 124 ? -2.137  2.623   -13.577 1.00   9.77  ? 153  VAL A N   1 
ATOM   946  C  CA  . VAL A 1 124 ? -2.915  1.782   -14.519 1.00   11.04 ? 153  VAL A CA  1 
ATOM   947  C  C   . VAL A 1 124 ? -4.345  2.286   -14.565 1.00   11.98 ? 153  VAL A C   1 
ATOM   948  O  O   . VAL A 1 124 ? -5.141  1.973   -13.665 1.00   10.63 ? 153  VAL A O   1 
ATOM   949  C  CB  . VAL A 1 124 ? -2.827  0.327   -14.112 1.00   11.98 ? 153  VAL A CB  1 
ATOM   950  C  CG1 . VAL A 1 124 ? -3.514  -0.560  -15.109 1.00   13.47 ? 153  VAL A CG1 1 
ATOM   951  C  CG2 . VAL A 1 124 ? -1.366  -0.108  -14.015 1.00   13.68 ? 153  VAL A CG2 1 
ATOM   952  N  N   . PRO A 1 125 ? -4.692  3.094   -15.595 1.00   12.78 ? 154  PRO A N   1 
ATOM   953  C  CA  . PRO A 1 125 ? -6.095  3.449   -15.784 1.00   13.64 ? 154  PRO A CA  1 
ATOM   954  C  C   . PRO A 1 125 ? -6.832  2.144   -16.120 1.00   14.00 ? 154  PRO A C   1 
ATOM   955  O  O   . PRO A 1 125 ? -6.344  1.343   -16.959 1.00   16.69 ? 154  PRO A O   1 
ATOM   956  C  CB  . PRO A 1 125 ? -6.059  4.410   -16.961 1.00   14.76 ? 154  PRO A CB  1 
ATOM   957  C  CG  . PRO A 1 125 ? -4.625  4.862   -17.079 1.00   15.52 ? 154  PRO A CG  1 
ATOM   958  C  CD  . PRO A 1 125 ? -3.825  3.682   -16.638 1.00   14.19 ? 154  PRO A CD  1 
ATOM   959  N  N   . TYR A 1 126 ? -8.005  1.892   -15.501 1.00   11.77 ? 155  TYR A N   1 
ATOM   960  C  CA  . TYR A 1 126 ? -8.665  0.593   -15.674 1.00   12.00 ? 155  TYR A CA  1 
ATOM   961  C  C   . TYR A 1 126 ? -10.051 0.666   -16.320 1.00   13.06 ? 155  TYR A C   1 
ATOM   962  O  O   . TYR A 1 126 ? -10.669 -0.361  -16.567 1.00   14.40 ? 155  TYR A O   1 
ATOM   963  C  CB  . TYR A 1 126 ? -8.769  -0.136  -14.325 1.00   12.71 ? 155  TYR A CB  1 
ATOM   964  C  CG  . TYR A 1 126 ? -8.613  -1.627  -14.388 1.00   12.79 ? 155  TYR A CG  1 
ATOM   965  C  CD1 . TYR A 1 126 ? -7.390  -2.206  -14.650 1.00   12.87 ? 155  TYR A CD1 1 
ATOM   966  C  CD2 . TYR A 1 126 ? -9.709  -2.472  -14.252 1.00   11.88 ? 155  TYR A CD2 1 
ATOM   967  C  CE1 . TYR A 1 126 ? -7.234  -3.582  -14.714 1.00   13.17 ? 155  TYR A CE1 1 
ATOM   968  C  CE2 . TYR A 1 126 ? -9.569  -3.836  -14.339 1.00   13.67 ? 155  TYR A CE2 1 
ATOM   969  C  CZ  . TYR A 1 126 ? -8.321  -4.383  -14.602 1.00   13.92 ? 155  TYR A CZ  1 
ATOM   970  O  OH  . TYR A 1 126 ? -8.191  -5.778  -14.701 1.00   15.79 ? 155  TYR A OH  1 
ATOM   971  N  N   . GLY A 1 127 ? -10.532 1.844   -16.635 1.00   12.60 ? 156  GLY A N   1 
ATOM   972  C  CA  . GLY A 1 127 ? -11.696 1.981   -17.509 1.00   13.82 ? 156  GLY A CA  1 
ATOM   973  C  C   . GLY A 1 127 ? -13.000 1.511   -16.925 1.00   14.18 ? 156  GLY A C   1 
ATOM   974  O  O   . GLY A 1 127 ? -13.925 1.216   -17.705 1.00   15.94 ? 156  GLY A O   1 
ATOM   975  N  N   . GLY A 1 128 ? -13.146 1.393   -15.599 1.00   12.52 ? 157  GLY A N   1 
ATOM   976  C  CA  . GLY A 1 128 ? -14.386 0.916   -15.024 1.00   13.22 ? 157  GLY A CA  1 
ATOM   977  C  C   . GLY A 1 128 ? -14.574 -0.583  -15.027 1.00   13.52 ? 157  GLY A C   1 
ATOM   978  O  O   . GLY A 1 128 ? -15.626 -1.069  -14.651 1.00   14.35 ? 157  GLY A O   1 
ATOM   979  N  N   . LYS A 1 129 ? -13.574 -1.314  -15.510 1.00   13.02 ? 158  LYS A N   1 
ATOM   980  C  CA  . LYS A 1 129 ? -13.692 -2.751  -15.608 1.00   13.60 ? 158  LYS A CA  1 
ATOM   981  C  C   . LYS A 1 129 ? -13.471 -3.439  -14.250 1.00   12.42 ? 158  LYS A C   1 
ATOM   982  O  O   . LYS A 1 129 ? -12.900 -2.874  -13.327 1.00   11.59 ? 158  LYS A O   1 
ATOM   983  C  CB  . LYS A 1 129 ? -12.726 -3.270  -16.656 1.00   15.77 ? 158  LYS A CB  1 
ATOM   984  C  CG  . LYS A 1 129 ? -13.032 -2.759  -18.085 1.00   21.09 ? 158  LYS A CG  1 
ATOM   985  C  CD  . LYS A 1 129 ? -14.406 -3.172  -18.571 1.00   25.02 ? 158  LYS A CD  1 
ATOM   986  C  CE  . LYS A 1 129 ? -14.537 -2.903  -20.055 1.00   28.59 ? 158  LYS A CE  1 
ATOM   987  N  NZ  . LYS A 1 129 ? -15.755 -2.114  -20.334 1.00   33.63 ? 158  LYS A NZ  1 
ATOM   988  N  N   . GLN A 1 130 ? -13.929 -4.671  -14.156 1.00   13.69 ? 159  GLN A N   1 
ATOM   989  C  CA  . GLN A 1 130 ? -13.711 -5.530  -12.995 1.00   14.31 ? 159  GLN A CA  1 
ATOM   990  C  C   . GLN A 1 130 ? -12.449 -6.337  -13.128 1.00   14.14 ? 159  GLN A C   1 
ATOM   991  O  O   . GLN A 1 130 ? -12.318 -7.104  -14.088 1.00   15.26 ? 159  GLN A O   1 
ATOM   992  C  CB  . GLN A 1 130 ? -14.833 -6.493  -12.838 1.00   17.08 ? 159  GLN A CB  1 
ATOM   993  C  CG  . GLN A 1 130 ? -16.123 -5.827  -12.519 1.00   20.11 ? 159  GLN A CG  1 
ATOM   994  C  CD  . GLN A 1 130 ? -17.107 -6.893  -12.161 1.00   27.85 ? 159  GLN A CD  1 
ATOM   995  O  OE1 . GLN A 1 130 ? -17.756 -7.446  -13.053 1.00   34.22 ? 159  GLN A OE1 1 
ATOM   996  N  NE2 . GLN A 1 130 ? -17.106 -7.311  -10.885 1.00   31.94 ? 159  GLN A NE2 1 
ATOM   997  N  N   . PRO A 1 131 ? -11.520 -6.211  -12.180 1.00   13.33 ? 160  PRO A N   1 
ATOM   998  C  CA  . PRO A 1 131 ? -10.319 -6.991  -12.281 1.00   13.73 ? 160  PRO A CA  1 
ATOM   999  C  C   . PRO A 1 131 ? -10.597 -8.480  -12.085 1.00   13.63 ? 160  PRO A C   1 
ATOM   1000 O  O   . PRO A 1 131 ? -11.596 -8.803  -11.459 1.00   13.22 ? 160  PRO A O   1 
ATOM   1001 C  CB  . PRO A 1 131 ? -9.453  -6.468  -11.131 1.00   15.67 ? 160  PRO A CB  1 
ATOM   1002 C  CG  . PRO A 1 131 ? -10.465 -6.031  -10.101 1.00   15.27 ? 160  PRO A CG  1 
ATOM   1003 C  CD  . PRO A 1 131 ? -11.582 -5.445  -10.904 1.00   14.64 ? 160  PRO A CD  1 
ATOM   1004 N  N   . PRO A 1 132 ? -9.659  -9.327  -12.531 1.00   14.00 ? 161  PRO A N   1 
ATOM   1005 C  CA  . PRO A 1 132 ? -9.695  -10.758 -12.100 1.00   15.18 ? 161  PRO A CA  1 
ATOM   1006 C  C   . PRO A 1 132 ? -9.452  -10.850 -10.588 1.00   15.49 ? 161  PRO A C   1 
ATOM   1007 O  O   . PRO A 1 132 ? -8.943  -9.882  -9.999  1.00   15.53 ? 161  PRO A O   1 
ATOM   1008 C  CB  . PRO A 1 132 ? -8.525  -11.334 -12.866 1.00   15.20 ? 161  PRO A CB  1 
ATOM   1009 C  CG  . PRO A 1 132 ? -7.547  -10.158 -13.043 1.00   17.54 ? 161  PRO A CG  1 
ATOM   1010 C  CD  . PRO A 1 132 ? -8.441  -8.965  -13.248 1.00   15.42 ? 161  PRO A CD  1 
ATOM   1011 N  N   . ALA A 1 133 ? -9.763  -11.981 -9.944  1.00   15.88 ? 162  ALA A N   1 
ATOM   1012 C  CA  . ALA A 1 133 ? -9.518  -12.140 -8.511  1.00   15.45 ? 162  ALA A CA  1 
ATOM   1013 C  C   . ALA A 1 133 ? -8.070  -12.027 -8.103  1.00   15.44 ? 162  ALA A C   1 
ATOM   1014 O  O   . ALA A 1 133 ? -7.772  -11.643 -6.951  1.00   16.61 ? 162  ALA A O   1 
ATOM   1015 C  CB  . ALA A 1 133 ? -10.064 -13.478 -8.067  1.00   18.14 ? 162  ALA A CB  1 
ATOM   1016 N  N   . THR A 1 134 ? -7.146  -12.315 -8.992  1.00   14.90 ? 163  THR A N   1 
ATOM   1017 C  CA  . THR A 1 134 ? -5.713  -12.078 -8.784  1.00   15.89 ? 163  THR A CA  1 
ATOM   1018 C  C   . THR A 1 134 ? -5.266  -11.279 -9.993  1.00   15.13 ? 163  THR A C   1 
ATOM   1019 O  O   . THR A 1 134 ? -5.358  -11.791 -11.114 1.00   18.40 ? 163  THR A O   1 
ATOM   1020 C  CB  . THR A 1 134 ? -4.841  -13.357 -8.718  1.00   18.46 ? 163  THR A CB  1 
ATOM   1021 O  OG1 . THR A 1 134 ? -5.310  -14.229 -7.669  1.00   20.14 ? 163  THR A OG1 1 
ATOM   1022 C  CG2 . THR A 1 134 ? -3.395  -13.026 -8.449  1.00   19.55 ? 163  THR A CG2 1 
ATOM   1023 N  N   . LEU A 1 135 ? -4.822  -10.049 -9.786  1.00   12.17 ? 164  LEU A N   1 
ATOM   1024 C  CA  . LEU A 1 135 ? -4.373  -9.157  -10.856 1.00   11.39 ? 164  LEU A CA  1 
ATOM   1025 C  C   . LEU A 1 135 ? -2.921  -8.944  -10.736 1.00   11.92 ? 164  LEU A C   1 
ATOM   1026 O  O   . LEU A 1 135 ? -2.453  -8.402  -9.694  1.00   11.90 ? 164  LEU A O   1 
ATOM   1027 C  CB  . LEU A 1 135 ? -5.078  -7.805  -10.804 1.00   12.95 ? 164  LEU A CB  1 
ATOM   1028 C  CG  . LEU A 1 135 ? -4.631  -6.793  -11.857 1.00   15.10 ? 164  LEU A CG  1 
ATOM   1029 C  CD1 . LEU A 1 135 ? -4.860  -7.207  -13.301 1.00   17.57 ? 164  LEU A CD1 1 
ATOM   1030 C  CD2 . LEU A 1 135 ? -5.365  -5.499  -11.594 1.00   17.27 ? 164  LEU A CD2 1 
ATOM   1031 N  N   . SER A 1 136 ? -2.173  -9.239  -11.797 1.00   11.77 ? 165  SER A N   1 
ATOM   1032 C  CA  . SER A 1 136 ? -0.744  -9.043  -11.864 1.00   12.52 ? 165  SER A CA  1 
ATOM   1033 C  C   . SER A 1 136 ? -0.481  -8.102  -13.021 1.00   12.75 ? 165  SER A C   1 
ATOM   1034 O  O   . SER A 1 136 ? -0.987  -8.321  -14.134 1.00   15.52 ? 165  SER A O   1 
ATOM   1035 C  CB  . SER A 1 136 ? -0.040  -10.348 -12.148 1.00   13.46 ? 165  SER A CB  1 
ATOM   1036 O  OG  . SER A 1 136 ? -0.100  -11.234 -11.057 1.00   16.89 ? 165  SER A OG  1 
ATOM   1037 N  N   . HIS A 1 137 ? 0.267   -7.039  -12.800 1.00   10.34 ? 166  HIS A N   1 
ATOM   1038 C  CA  . HIS A 1 137 ? 0.657   -6.135  -13.879 1.00   10.75 ? 166  HIS A CA  1 
ATOM   1039 C  C   . HIS A 1 137 ? 2.055   -5.598  -13.667 1.00   11.73 ? 166  HIS A C   1 
ATOM   1040 O  O   . HIS A 1 137 ? 2.510   -5.436  -12.531 1.00   11.25 ? 166  HIS A O   1 
ATOM   1041 C  CB  . HIS A 1 137 ? -0.368  -5.102  -14.198 1.00   11.75 ? 166  HIS A CB  1 
ATOM   1042 C  CG  . HIS A 1 137 ? -0.895  -4.314  -13.027 1.00   11.14 ? 166  HIS A CG  1 
ATOM   1043 N  ND1 . HIS A 1 137 ? -2.174  -3.837  -13.026 1.00   11.89 ? 166  HIS A ND1 1 
ATOM   1044 C  CD2 . HIS A 1 137 ? -0.373  -3.949  -11.842 1.00   11.96 ? 166  HIS A CD2 1 
ATOM   1045 C  CE1 . HIS A 1 137 ? -2.413  -3.162  -11.906 1.00   12.05 ? 166  HIS A CE1 1 
ATOM   1046 N  NE2 . HIS A 1 137 ? -1.346  -3.250  -11.149 1.00   11.70 ? 166  HIS A NE2 1 
ATOM   1047 N  N   . SER A 1 138 ? 2.732   -5.334  -14.773 1.00   11.12 ? 167  SER A N   1 
ATOM   1048 C  CA  . SER A 1 138 ? 4.153   -4.975  -14.753 1.00   11.13 ? 167  SER A CA  1 
ATOM   1049 C  C   . SER A 1 138 ? 4.345   -3.488  -14.744 1.00   10.90 ? 167  SER A C   1 
ATOM   1050 O  O   . SER A 1 138 ? 3.804   -2.776  -15.631 1.00   11.86 ? 167  SER A O   1 
ATOM   1051 C  CB  . SER A 1 138 ? 4.842   -5.519  -15.990 1.00   11.94 ? 167  SER A CB  1 
ATOM   1052 O  OG  . SER A 1 138 ? 4.726   -6.930  -16.065 1.00   14.16 ? 167  SER A OG  1 
ATOM   1053 N  N   . GLY A 1 139 ? 5.181   -2.986  -13.840 1.00   10.42 ? 168  GLY A N   1 
ATOM   1054 C  CA  . GLY A 1 139 ? 5.631   -1.600  -13.824 1.00   11.24 ? 168  GLY A CA  1 
ATOM   1055 C  C   . GLY A 1 139 ? 7.100   -1.524  -13.510 1.00   12.06 ? 168  GLY A C   1 
ATOM   1056 O  O   . GLY A 1 139 ? 7.705   -2.448  -12.973 1.00   12.47 ? 168  GLY A O   1 
ATOM   1057 N  N   . THR A 1 140 ? 7.683   -0.386  -13.831 1.00   12.17 ? 169  THR A N   1 
ATOM   1058 C  CA  . THR A 1 140 ? 9.111   -0.232  -13.581 1.00   12.03 ? 169  THR A CA  1 
ATOM   1059 C  C   . THR A 1 140 ? 9.337   0.444   -12.238 1.00   11.58 ? 169  THR A C   1 
ATOM   1060 O  O   . THR A 1 140 ? 8.790   1.514   -11.965 1.00   13.38 ? 169  THR A O   1 
ATOM   1061 C  CB  . THR A 1 140 ? 9.748   0.630   -14.692 1.00   14.72 ? 169  THR A CB  1 
ATOM   1062 O  OG1 . THR A 1 140 ? 9.380   0.024   -15.915 1.00   17.63 ? 169  THR A OG1 1 
ATOM   1063 C  CG2 . THR A 1 140 ? 11.228  0.694   -14.569 1.00   15.37 ? 169  THR A CG2 1 
ATOM   1064 N  N   . LEU A 1 141 ? 10.148  -0.199  -11.421 1.00   11.62 ? 170  LEU A N   1 
ATOM   1065 C  CA  . LEU A 1 141 ? 10.454  0.324   -10.098 1.00   12.03 ? 170  LEU A CA  1 
ATOM   1066 C  C   . LEU A 1 141 ? 11.213  1.633   -10.245 1.00   14.08 ? 170  LEU A C   1 
ATOM   1067 O  O   . LEU A 1 141 ? 12.035  1.780   -11.196 1.00   13.68 ? 170  LEU A O   1 
ATOM   1068 C  CB  . LEU A 1 141 ? 11.285  -0.674  -9.341  1.00   12.96 ? 170  LEU A CB  1 
ATOM   1069 C  CG  . LEU A 1 141 ? 10.518  -1.937  -8.879  1.00   14.02 ? 170  LEU A CG  1 
ATOM   1070 C  CD1 . LEU A 1 141 ? 11.457  -3.057  -8.499  1.00   14.43 ? 170  LEU A CD1 1 
ATOM   1071 C  CD2 . LEU A 1 141 ? 9.552   -1.554  -7.759  1.00   17.66 ? 170  LEU A CD2 1 
ATOM   1072 N  N   . PRO A 1 142 ? 11.002  2.563   -9.323  1.00   12.86 ? 171  PRO A N   1 
ATOM   1073 C  CA  . PRO A 1 142 ? 11.758  3.845   -9.343  1.00   13.64 ? 171  PRO A CA  1 
ATOM   1074 C  C   . PRO A 1 142 ? 13.248  3.606   -9.190  1.00   12.15 ? 171  PRO A C   1 
ATOM   1075 O  O   . PRO A 1 142 ? 13.684  2.627   -8.606  1.00   11.98 ? 171  PRO A O   1 
ATOM   1076 C  CB  . PRO A 1 142 ? 11.221  4.628   -8.133  1.00   15.39 ? 171  PRO A CB  1 
ATOM   1077 C  CG  . PRO A 1 142 ? 10.535  3.632   -7.307  1.00   15.28 ? 171  PRO A CG  1 
ATOM   1078 C  CD  . PRO A 1 142 ? 10.137  2.446   -8.146  1.00   13.56 ? 171  PRO A CD  1 
ATOM   1079 N  N   . SER A 1 143 ? 14.029  4.507   -9.801  1.00   12.53 ? 172  SER A N   1 
ATOM   1080 C  CA  . SER A 1 143 ? 15.474  4.557   -9.623  1.00   12.50 ? 172  SER A CA  1 
ATOM   1081 C  C   . SER A 1 143 ? 15.901  5.551   -8.566  1.00   11.74 ? 172  SER A C   1 
ATOM   1082 O  O   . SER A 1 143 ? 15.074  6.244   -7.963  1.00   12.25 ? 172  SER A O   1 
ATOM   1083 C  CB  . SER A 1 143 ? 16.172  4.801   -10.941 1.00   14.72 ? 172  SER A CB  1 
ATOM   1084 O  OG  . SER A 1 143 ? 16.009  6.130   -11.332 1.00   16.05 ? 172  SER A OG  1 
ATOM   1085 N  N   . GLY A 1 144 ? 17.217  5.629   -8.331  1.00   10.61 ? 173  GLY A N   1 
ATOM   1086 C  CA  . GLY A 1 144 ? 17.754  6.627   -7.438  1.00   11.79 ? 173  GLY A CA  1 
ATOM   1087 C  C   . GLY A 1 144 ? 17.496  6.452   -5.977  1.00   10.60 ? 173  GLY A C   1 
ATOM   1088 O  O   . GLY A 1 144 ? 17.650  7.438   -5.198  1.00   12.04 ? 173  GLY A O   1 
ATOM   1089 N  N   . LEU A 1 145 ? 17.138  5.244   -5.557  1.00   10.54 ? 174  LEU A N   1 
ATOM   1090 C  CA  . LEU A 1 145 ? 16.785  4.975   -4.159  1.00   10.62 ? 174  LEU A CA  1 
ATOM   1091 C  C   . LEU A 1 145 ? 17.666  3.883   -3.568  1.00   10.77 ? 174  LEU A C   1 
ATOM   1092 O  O   . LEU A 1 145 ? 18.107  2.964   -4.272  1.00   12.14 ? 174  LEU A O   1 
ATOM   1093 C  CB  . LEU A 1 145 ? 15.310  4.555   -4.029  1.00   11.67 ? 174  LEU A CB  1 
ATOM   1094 C  CG  . LEU A 1 145 ? 14.315  5.548   -4.597  1.00   12.46 ? 174  LEU A CG  1 
ATOM   1095 C  CD1 . LEU A 1 145 ? 12.912  4.939   -4.454  1.00   15.52 ? 174  LEU A CD1 1 
ATOM   1096 C  CD2 . LEU A 1 145 ? 14.350  6.891   -3.895  1.00   14.21 ? 174  LEU A CD2 1 
ATOM   1097 N  N   . SER A 1 146 ? 17.868  3.966   -2.256  1.00   11.12 ? 175  SER A N   1 
ATOM   1098 C  CA  . SER A 1 146 ? 18.550  2.918   -1.536  1.00   12.85 ? 175  SER A CA  1 
ATOM   1099 C  C   . SER A 1 146 ? 17.913  2.748   -0.147  1.00   11.20 ? 175  SER A C   1 
ATOM   1100 O  O   . SER A 1 146 ? 17.291  3.647   0.374   1.00   12.21 ? 175  SER A O   1 
ATOM   1101 C  CB  . SER A 1 146 ? 20.084  3.176   -1.394  1.00   16.99 ? 175  SER A CB  1 
ATOM   1102 O  OG  . SER A 1 146 ? 20.322  4.253   -0.527  1.00   27.46 ? 175  SER A OG  1 
ATOM   1103 N  N   . GLY A 1 147 ? 18.107  1.565   0.432   1.00   11.16 ? 176  GLY A N   1 
ATOM   1104 C  CA  . GLY A 1 147 ? 17.658  1.316   1.806   1.00   10.84 ? 176  GLY A CA  1 
ATOM   1105 C  C   . GLY A 1 147 ? 16.163  1.167   1.901   1.00   10.51 ? 176  GLY A C   1 
ATOM   1106 O  O   . GLY A 1 147 ? 15.504  0.909   0.914   1.00   10.06 ? 176  GLY A O   1 
ATOM   1107 N  N   . HIS A 1 148 ? 15.659  1.287   3.115   1.00   9.74  ? 177  HIS A N   1 
ATOM   1108 C  CA  . HIS A 1 148 ? 14.226  1.109   3.418   1.00   9.06  ? 177  HIS A CA  1 
ATOM   1109 C  C   . HIS A 1 148 ? 13.406  2.210   2.768   1.00   8.32  ? 177  HIS A C   1 
ATOM   1110 O  O   . HIS A 1 148 ? 13.661  3.368   3.002   1.00   8.87  ? 177  HIS A O   1 
ATOM   1111 C  CB  . HIS A 1 148 ? 14.045  1.090   4.929   1.00   9.83  ? 177  HIS A CB  1 
ATOM   1112 C  CG  . HIS A 1 148 ? 12.622  0.920   5.381   1.00   11.22 ? 177  HIS A CG  1 
ATOM   1113 N  ND1 . HIS A 1 148 ? 12.159  1.489   6.550   1.00   12.68 ? 177  HIS A ND1 1 
ATOM   1114 C  CD2 . HIS A 1 148 ? 11.594  0.217   4.843   1.00   11.54 ? 177  HIS A CD2 1 
ATOM   1115 C  CE1 . HIS A 1 148 ? 10.865  1.207   6.676   1.00   13.27 ? 177  HIS A CE1 1 
ATOM   1116 N  NE2 . HIS A 1 148 ? 10.518  0.370   5.692   1.00   13.27 ? 177  HIS A NE2 1 
ATOM   1117 N  N   . HIS A 1 149 ? 12.333  1.789   2.084   1.00   7.70  ? 178  HIS A N   1 
ATOM   1118 C  CA  . HIS A 1 149 ? 11.389  2.676   1.433   1.00   7.48  ? 178  HIS A CA  1 
ATOM   1119 C  C   . HIS A 1 149 ? 10.012  2.017   1.597   1.00   7.59  ? 178  HIS A C   1 
ATOM   1120 O  O   . HIS A 1 149 ? 9.938   0.810   1.956   1.00   7.48  ? 178  HIS A O   1 
ATOM   1121 C  CB  . HIS A 1 149 ? 11.713  2.926   -0.047  1.00   8.39  ? 178  HIS A CB  1 
ATOM   1122 C  CG  . HIS A 1 149 ? 12.774  3.968   -0.194  1.00   8.74  ? 178  HIS A CG  1 
ATOM   1123 N  ND1 . HIS A 1 149 ? 12.515  5.315   -0.114  1.00   9.10  ? 178  HIS A ND1 1 
ATOM   1124 C  CD2 . HIS A 1 149 ? 14.107  3.853   -0.355  1.00   9.29  ? 178  HIS A CD2 1 
ATOM   1125 C  CE1 . HIS A 1 149 ? 13.647  5.989   -0.218  1.00   9.81  ? 178  HIS A CE1 1 
ATOM   1126 N  NE2 . HIS A 1 149 ? 14.628  5.120   -0.359  1.00   9.70  ? 178  HIS A NE2 1 
ATOM   1127 N  N   . VAL A 1 150 ? 8.976   2.786   1.383   1.00   7.38  ? 179  VAL A N   1 
ATOM   1128 C  CA  . VAL A 1 150 ? 7.609   2.283   1.352   1.00   7.59  ? 179  VAL A CA  1 
ATOM   1129 C  C   . VAL A 1 150 ? 7.021   2.512   -0.021  1.00   7.50  ? 179  VAL A C   1 
ATOM   1130 O  O   . VAL A 1 150 ? 7.173   3.610   -0.595  1.00   8.29  ? 179  VAL A O   1 
ATOM   1131 C  CB  . VAL A 1 150 ? 6.756   2.936   2.439   1.00   8.58  ? 179  VAL A CB  1 
ATOM   1132 C  CG1 . VAL A 1 150 ? 5.263   2.598   2.236   1.00   10.61 ? 179  VAL A CG1 1 
ATOM   1133 C  CG2 . VAL A 1 150 ? 7.260   2.502   3.834   1.00   8.84  ? 179  VAL A CG2 1 
ATOM   1134 N  N   . ILE A 1 151 ? 6.394   1.503   -0.581  1.00   7.29  ? 180  ILE A N   1 
ATOM   1135 C  CA  . ILE A 1 151 ? 5.540   1.625   -1.742  1.00   7.80  ? 180  ILE A CA  1 
ATOM   1136 C  C   . ILE A 1 151 ? 4.121   1.636   -1.276  1.00   8.20  ? 180  ILE A C   1 
ATOM   1137 O  O   . ILE A 1 151 ? 3.693   0.707   -0.539  1.00   9.40  ? 180  ILE A O   1 
ATOM   1138 C  CB  . ILE A 1 151 ? 5.833   0.520   -2.798  1.00   8.67  ? 180  ILE A CB  1 
ATOM   1139 C  CG1 . ILE A 1 151 ? 7.231   0.707   -3.416  1.00   10.18 ? 180  ILE A CG1 1 
ATOM   1140 C  CG2 . ILE A 1 151 ? 4.689   0.510   -3.826  1.00   9.02  ? 180  ILE A CG2 1 
ATOM   1141 C  CD1 . ILE A 1 151 ? 7.765   -0.392  -4.308  1.00   11.29 ? 180  ILE A CD1 1 
ATOM   1142 N  N   . LEU A 1 152 ? 3.383   2.644   -1.651  1.00   7.66  ? 181  LEU A N   1 
ATOM   1143 C  CA  . LEU A 1 152 ? 1.933   2.796   -1.385  1.00   7.69  ? 181  LEU A CA  1 
ATOM   1144 C  C   . LEU A 1 152 ? 1.178   2.484   -2.634  1.00   7.95  ? 181  LEU A C   1 
ATOM   1145 O  O   . LEU A 1 152 ? 1.384   3.145   -3.670  1.00   8.47  ? 181  LEU A O   1 
ATOM   1146 C  CB  . LEU A 1 152 ? 1.617   4.205   -0.879  1.00   8.42  ? 181  LEU A CB  1 
ATOM   1147 C  CG  . LEU A 1 152 ? 0.130   4.509   -0.709  1.00   9.17  ? 181  LEU A CG  1 
ATOM   1148 C  CD1 . LEU A 1 152 ? -0.468  3.736   0.420   1.00   10.31 ? 181  LEU A CD1 1 
ATOM   1149 C  CD2 . LEU A 1 152 ? -0.094  6.003   -0.530  1.00   10.39 ? 181  LEU A CD2 1 
ATOM   1150 N  N   . ALA A 1 153 ? 0.277   1.505   -2.551  1.00   7.14  ? 182  ALA A N   1 
ATOM   1151 C  CA  . ALA A 1 153 ? -0.601  1.113   -3.634  1.00   7.46  ? 182  ALA A CA  1 
ATOM   1152 C  C   . ALA A 1 153 ? -1.982  1.573   -3.308  1.00   8.29  ? 182  ALA A C   1 
ATOM   1153 O  O   . ALA A 1 153 ? -2.456  1.373   -2.194  1.00   8.93  ? 182  ALA A O   1 
ATOM   1154 C  CB  . ALA A 1 153 ? -0.524  -0.397  -3.785  1.00   7.81  ? 182  ALA A CB  1 
ATOM   1155 N  N   . VAL A 1 154 ? -2.609  2.227   -4.268  1.00   8.21  ? 183  VAL A N   1 
ATOM   1156 C  CA  . VAL A 1 154 ? -3.951  2.760   -4.107  1.00   7.87  ? 183  VAL A CA  1 
ATOM   1157 C  C   . VAL A 1 154 ? -4.844  2.257   -5.229  1.00   7.81  ? 183  VAL A C   1 
ATOM   1158 O  O   . VAL A 1 154 ? -4.544  2.458   -6.408  1.00   8.14  ? 183  VAL A O   1 
ATOM   1159 C  CB  . VAL A 1 154 ? -3.924  4.289   -4.046  1.00   8.59  ? 183  VAL A CB  1 
ATOM   1160 C  CG1 . VAL A 1 154 ? -5.349  4.769   -3.721  1.00   9.23  ? 183  VAL A CG1 1 
ATOM   1161 C  CG2 . VAL A 1 154 ? -2.945  4.830   -2.998  1.00   9.54  ? 183  VAL A CG2 1 
ATOM   1162 N  N   . TRP A 1 155 ? -5.924  1.580   -4.844  1.00   7.58  ? 184  TRP A N   1 
ATOM   1163 C  CA  . TRP A 1 155 ? -6.922  1.037   -5.768  1.00   7.50  ? 184  TRP A CA  1 
ATOM   1164 C  C   . TRP A 1 155 ? -8.204  1.852   -5.645  1.00   7.86  ? 184  TRP A C   1 
ATOM   1165 O  O   . TRP A 1 155 ? -8.843  1.809   -4.626  1.00   8.48  ? 184  TRP A O   1 
ATOM   1166 C  CB  . TRP A 1 155 ? -7.154  -0.426  -5.410  1.00   7.63  ? 184  TRP A CB  1 
ATOM   1167 C  CG  . TRP A 1 155 ? -8.335  -1.051  -6.090  1.00   8.30  ? 184  TRP A CG  1 
ATOM   1168 C  CD1 . TRP A 1 155 ? -8.791  -0.801  -7.341  1.00   9.65  ? 184  TRP A CD1 1 
ATOM   1169 C  CD2 . TRP A 1 155 ? -9.175  -2.100  -5.562  1.00   8.94  ? 184  TRP A CD2 1 
ATOM   1170 N  NE1 . TRP A 1 155 ? -9.914  -1.595  -7.614  1.00   10.26 ? 184  TRP A NE1 1 
ATOM   1171 C  CE2 . TRP A 1 155 ? -10.119 -2.427  -6.545  1.00   10.10 ? 184  TRP A CE2 1 
ATOM   1172 C  CE3 . TRP A 1 155 ? -9.185  -2.810  -4.352  1.00   10.05 ? 184  TRP A CE3 1 
ATOM   1173 C  CZ2 . TRP A 1 155 ? -11.111 -3.390  -6.326  1.00   11.11 ? 184  TRP A CZ2 1 
ATOM   1174 C  CZ3 . TRP A 1 155 ? -10.115 -3.789  -4.181  1.00   10.96 ? 184  TRP A CZ3 1 
ATOM   1175 C  CH2 . TRP A 1 155 ? -11.068 -4.056  -5.148  1.00   12.00 ? 184  TRP A CH2 1 
ATOM   1176 N  N   . THR A 1 156 ? -8.546  2.604   -6.694  1.00   8.64  ? 185  THR A N   1 
ATOM   1177 C  CA  . THR A 1 156 ? -9.726  3.457   -6.645  1.00   9.01  ? 185  THR A CA  1 
ATOM   1178 C  C   . THR A 1 156 ? -10.907 2.781   -7.311  1.00   9.18  ? 185  THR A C   1 
ATOM   1179 O  O   . THR A 1 156 ? -10.810 2.300   -8.444  1.00   9.21  ? 185  THR A O   1 
ATOM   1180 C  CB  . THR A 1 156 ? -9.457  4.804   -7.265  1.00   10.50 ? 185  THR A CB  1 
ATOM   1181 O  OG1 . THR A 1 156 ? -8.389  5.465   -6.546  1.00   12.39 ? 185  THR A OG1 1 
ATOM   1182 C  CG2 . THR A 1 156 ? -10.715 5.699   -7.257  1.00   11.87 ? 185  THR A CG2 1 
ATOM   1183 N  N   . VAL A 1 157 ? -12.020 2.715   -6.579  1.00   9.03  ? 186  VAL A N   1 
ATOM   1184 C  CA  . VAL A 1 157 ? -13.190 1.989   -7.032  1.00   9.94  ? 186  VAL A CA  1 
ATOM   1185 C  C   . VAL A 1 157 ? -14.142 2.895   -7.816  1.00   10.57 ? 186  VAL A C   1 
ATOM   1186 O  O   . VAL A 1 157 ? -14.505 3.971   -7.344  1.00   11.97 ? 186  VAL A O   1 
ATOM   1187 C  CB  . VAL A 1 157 ? -13.894 1.342   -5.821  1.00   10.78 ? 186  VAL A CB  1 
ATOM   1188 C  CG1 . VAL A 1 157 ? -15.162 0.616   -6.221  1.00   11.23 ? 186  VAL A CG1 1 
ATOM   1189 C  CG2 . VAL A 1 157 ? -12.909 0.365   -5.126  1.00   11.50 ? 186  VAL A CG2 1 
ATOM   1190 N  N   . HIS A 1 158 ? -14.563 2.418   -8.956  1.00   9.58  ? 187  HIS A N   1 
ATOM   1191 C  CA  . HIS A 1 158 ? -15.449 3.160   -9.847  1.00   9.16  ? 187  HIS A CA  1 
ATOM   1192 C  C   . HIS A 1 158 ? -16.855 3.381   -9.198  1.00   9.60  ? 187  HIS A C   1 
ATOM   1193 O  O   . HIS A 1 158 ? -17.417 2.516   -8.585  1.00   9.57  ? 187  HIS A O   1 
ATOM   1194 C  CB  . HIS A 1 158 ? -15.586 2.328   -11.093 1.00   10.23 ? 187  HIS A CB  1 
ATOM   1195 C  CG  . HIS A 1 158 ? -16.595 2.830   -12.109 1.00   10.68 ? 187  HIS A CG  1 
ATOM   1196 N  ND1 . HIS A 1 158 ? -16.302 3.780   -13.068 1.00   12.82 ? 187  HIS A ND1 1 
ATOM   1197 C  CD2 . HIS A 1 158 ? -17.826 2.356   -12.390 1.00   10.87 ? 187  HIS A CD2 1 
ATOM   1198 C  CE1 . HIS A 1 158 ? -17.367 3.943   -13.851 1.00   12.06 ? 187  HIS A CE1 1 
ATOM   1199 N  NE2 . HIS A 1 158 ? -18.290 3.105   -13.442 1.00   10.00 ? 187  HIS A NE2 1 
ATOM   1200 N  N   . ASP A 1 159 ? -17.386 4.578   -9.416  1.00   9.53  ? 188  ASP A N   1 
ATOM   1201 C  CA  . ASP A 1 159 ? -18.742 4.930   -8.973  1.00   10.32 ? 188  ASP A CA  1 
ATOM   1202 C  C   . ASP A 1 159 ? -18.876 4.759   -7.480  1.00   10.90 ? 188  ASP A C   1 
ATOM   1203 O  O   . ASP A 1 159 ? -19.882 4.302   -6.954  1.00   11.34 ? 188  ASP A O   1 
ATOM   1204 C  CB  . ASP A 1 159 ? -19.787 4.162   -9.755  1.00   11.63 ? 188  ASP A CB  1 
ATOM   1205 C  CG  . ASP A 1 159 ? -19.958 4.710   -11.173 1.00   12.30 ? 188  ASP A CG  1 
ATOM   1206 O  OD1 . ASP A 1 159 ? -19.349 5.695   -11.549 1.00   13.32 ? 188  ASP A OD1 1 
ATOM   1207 O  OD2 . ASP A 1 159 ? -20.793 4.094   -11.904 1.00   16.87 ? 188  ASP A OD2 1 
ATOM   1208 N  N   . THR A 1 160 ? -17.833 5.202   -6.772  1.00   11.00 ? 189  THR A N   1 
ATOM   1209 C  CA  . THR A 1 160 ? -17.822 5.259   -5.313  1.00   11.39 ? 189  THR A CA  1 
ATOM   1210 C  C   . THR A 1 160 ? -16.937 6.415   -4.952  1.00   11.59 ? 189  THR A C   1 
ATOM   1211 O  O   . THR A 1 160 ? -16.163 6.989   -5.757  1.00   12.61 ? 189  THR A O   1 
ATOM   1212 C  CB  . THR A 1 160 ? -17.255 3.979   -4.613  1.00   12.95 ? 189  THR A CB  1 
ATOM   1213 O  OG1 . THR A 1 160 ? -15.811 3.996   -4.750  1.00   13.68 ? 189  THR A OG1 1 
ATOM   1214 C  CG2 . THR A 1 160 ? -17.919 2.745   -5.089  1.00   14.01 ? 189  THR A CG2 1 
ATOM   1215 N  N   . GLY A 1 161 ? -16.996 6.702   -3.650  1.00   11.04 ? 190  GLY A N   1 
ATOM   1216 C  CA  . GLY A 1 161 ? -16.051 7.635   -3.039  1.00   12.21 ? 190  GLY A CA  1 
ATOM   1217 C  C   . GLY A 1 161 ? -14.871 6.967   -2.351  1.00   11.83 ? 190  GLY A C   1 
ATOM   1218 O  O   . GLY A 1 161 ? -14.211 7.637   -1.569  1.00   12.32 ? 190  GLY A O   1 
ATOM   1219 N  N   . ASN A 1 162 ? -14.564 5.714   -2.689  1.00   11.17 ? 191  ASN A N   1 
ATOM   1220 C  CA  . ASN A 1 162 ? -13.623 4.917   -1.900  1.00   12.09 ? 191  ASN A CA  1 
ATOM   1221 C  C   . ASN A 1 162 ? -12.437 4.403   -2.692  1.00   10.24 ? 191  ASN A C   1 
ATOM   1222 O  O   . ASN A 1 162 ? -12.476 4.181   -3.926  1.00   10.28 ? 191  ASN A O   1 
ATOM   1223 C  CB  . ASN A 1 162 ? -14.388 3.747   -1.347  1.00   14.43 ? 191  ASN A CB  1 
ATOM   1224 C  CG  . ASN A 1 162 ? -15.488 4.167   -0.418  1.00   18.87 ? 191  ASN A CG  1 
ATOM   1225 O  OD1 . ASN A 1 162 ? -15.302 5.062   0.347   1.00   25.60 ? 191  ASN A OD1 1 
ATOM   1226 N  ND2 . ASN A 1 162 ? -16.624 3.487   -0.492  1.00   24.41 ? 191  ASN A ND2 1 
ATOM   1227 N  N   . ALA A 1 163 ? -11.396 4.070   -1.926  1.00   9.48  ? 192  ALA A N   1 
ATOM   1228 C  CA  . ALA A 1 163 ? -10.169 3.472   -2.449  1.00   8.63  ? 192  ALA A CA  1 
ATOM   1229 C  C   . ALA A 1 163 ? -9.627  2.554   -1.366  1.00   8.31  ? 192  ALA A C   1 
ATOM   1230 O  O   . ALA A 1 163 ? -9.862  2.772   -0.183  1.00   9.25  ? 192  ALA A O   1 
ATOM   1231 C  CB  . ALA A 1 163 ? -9.162  4.537   -2.852  1.00   9.15  ? 192  ALA A CB  1 
ATOM   1232 N  N   . PHE A 1 164 ? -8.809  1.597   -1.809  1.00   7.43  ? 193  PHE A N   1 
ATOM   1233 C  CA  . PHE A 1 164 ? -8.088  0.692   -0.894  1.00   7.26  ? 193  PHE A CA  1 
ATOM   1234 C  C   . PHE A 1 164 ? -6.653  1.066   -0.904  1.00   8.03  ? 193  PHE A C   1 
ATOM   1235 O  O   . PHE A 1 164 ? -6.098  1.360   -1.954  1.00   8.50  ? 193  PHE A O   1 
ATOM   1236 C  CB  . PHE A 1 164 ? -8.311  -0.749  -1.284  1.00   7.83  ? 193  PHE A CB  1 
ATOM   1237 C  CG  . PHE A 1 164 ? -9.743  -1.215  -1.049  1.00   8.77  ? 193  PHE A CG  1 
ATOM   1238 C  CD1 . PHE A 1 164 ? -10.770 -0.873  -1.929  1.00   10.56 ? 193  PHE A CD1 1 
ATOM   1239 C  CD2 . PHE A 1 164 ? -10.054 -1.902  0.110   1.00   9.98  ? 193  PHE A CD2 1 
ATOM   1240 C  CE1 . PHE A 1 164 ? -12.083 -1.268  -1.666  1.00   11.29 ? 193  PHE A CE1 1 
ATOM   1241 C  CE2 . PHE A 1 164 ? -11.366 -2.269  0.362   1.00   11.05 ? 193  PHE A CE2 1 
ATOM   1242 C  CZ  . PHE A 1 164 ? -12.347 -1.907  -0.480  1.00   11.95 ? 193  PHE A CZ  1 
ATOM   1243 N  N   . TYR A 1 165 ? -6.084  1.091   0.289   1.00   7.10  ? 194  TYR A N   1 
ATOM   1244 C  CA  . TYR A 1 165 ? -4.714  1.543   0.527   1.00   7.30  ? 194  TYR A CA  1 
ATOM   1245 C  C   . TYR A 1 165 ? -3.848  0.432   1.064   1.00   7.42  ? 194  TYR A C   1 
ATOM   1246 O  O   . TYR A 1 165 ? -4.240  -0.276  1.983   1.00   8.64  ? 194  TYR A O   1 
ATOM   1247 C  CB  . TYR A 1 165 ? -4.730  2.690   1.541   1.00   7.20  ? 194  TYR A CB  1 
ATOM   1248 C  CG  . TYR A 1 165 ? -5.395  3.927   0.964   1.00   7.68  ? 194  TYR A CG  1 
ATOM   1249 C  CD1 . TYR A 1 165 ? -6.775  4.092   1.003   1.00   8.14  ? 194  TYR A CD1 1 
ATOM   1250 C  CD2 . TYR A 1 165 ? -4.651  4.971   0.448   1.00   7.91  ? 194  TYR A CD2 1 
ATOM   1251 C  CE1 . TYR A 1 165 ? -7.400  5.224   0.450   1.00   9.02  ? 194  TYR A CE1 1 
ATOM   1252 C  CE2 . TYR A 1 165 ? -5.265  6.067   -0.154  1.00   8.54  ? 194  TYR A CE2 1 
ATOM   1253 C  CZ  . TYR A 1 165 ? -6.628  6.197   -0.133  1.00   8.82  ? 194  TYR A CZ  1 
ATOM   1254 O  OH  . TYR A 1 165 ? -7.175  7.331   -0.737  1.00   9.96  ? 194  TYR A OH  1 
ATOM   1255 N  N   . ALA A 1 166 ? -2.655  0.251   0.485   1.00   7.02  ? 195  ALA A N   1 
ATOM   1256 C  CA  . ALA A 1 166 ? -1.785  -0.824  0.943   1.00   8.25  ? 195  ALA A CA  1 
ATOM   1257 C  C   . ALA A 1 166 ? -0.313  -0.362  0.923   1.00   8.14  ? 195  ALA A C   1 
ATOM   1258 O  O   . ALA A 1 166 ? 0.231   -0.086  -0.152  1.00   8.70  ? 195  ALA A O   1 
ATOM   1259 C  CB  . ALA A 1 166 ? -1.928  -2.061  0.073   1.00   8.81  ? 195  ALA A CB  1 
ATOM   1260 N  N   . CYS A 1 167 ? 0.248   -0.232  2.105   1.00   8.05  ? 196  CYS A N   1 
ATOM   1261 C  CA  . CYS A 1 167 ? 1.675   0.147   2.247   1.00   8.51  ? 196  CYS A CA  1 
ATOM   1262 C  C   . CYS A 1 167 ? 2.521   -1.099  2.268   1.00   8.19  ? 196  CYS A C   1 
ATOM   1263 O  O   . CYS A 1 167 ? 2.232   -2.003  3.085   1.00   8.53  ? 196  CYS A O   1 
ATOM   1264 C  CB  . CYS A 1 167 ? 1.892   0.880   3.565   1.00   9.62  ? 196  CYS A CB  1 
ATOM   1265 S  SG  . CYS A 1 167 ? 1.079   2.504   3.534   1.00   13.85 ? 196  CYS A SG  1 
ATOM   1266 N  N   . SER A 1 168 ? 3.611   -1.143  1.498   1.00   7.53  ? 197  SER A N   1 
ATOM   1267 C  CA  . SER A 1 168 ? 4.531   -2.237  1.494   1.00   8.07  ? 197  SER A CA  1 
ATOM   1268 C  C   . SER A 1 168 ? 5.910   -1.729  1.812   1.00   8.84  ? 197  SER A C   1 
ATOM   1269 O  O   . SER A 1 168 ? 6.443   -0.857  1.102   1.00   8.90  ? 197  SER A O   1 
ATOM   1270 C  CB  . SER A 1 168 ? 4.535   -2.921  0.170   1.00   9.09  ? 197  SER A CB  1 
ATOM   1271 O  OG  . SER A 1 168 ? 3.265   -3.424  -0.212  1.00   9.88  ? 197  SER A OG  1 
ATOM   1272 N  N   . ASP A 1 169 ? 6.576   -2.368  2.762   1.00   8.34  ? 198  ASP A N   1 
ATOM   1273 C  CA  . ASP A 1 169 ? 7.988   -2.068  3.064   1.00   8.55  ? 198  ASP A CA  1 
ATOM   1274 C  C   . ASP A 1 169 ? 8.917   -2.783  2.120   1.00   8.87  ? 198  ASP A C   1 
ATOM   1275 O  O   . ASP A 1 169 ? 8.793   -4.001  1.919   1.00   8.54  ? 198  ASP A O   1 
ATOM   1276 C  CB  . ASP A 1 169 ? 8.321   -2.446  4.489   1.00   8.66  ? 198  ASP A CB  1 
ATOM   1277 C  CG  . ASP A 1 169 ? 7.493   -1.680  5.473   1.00   9.84  ? 198  ASP A CG  1 
ATOM   1278 O  OD1 . ASP A 1 169 ? 7.852   -0.507  5.766   1.00   10.52 ? 198  ASP A OD1 1 
ATOM   1279 O  OD2 . ASP A 1 169 ? 6.451   -2.221  5.948   1.00   9.84  ? 198  ASP A OD2 1 
ATOM   1280 N  N   . VAL A 1 170 ? 9.796   -2.029  1.503   1.00   8.29  ? 199  VAL A N   1 
ATOM   1281 C  CA  . VAL A 1 170 ? 10.794  -2.570  0.551   1.00   8.95  ? 199  VAL A CA  1 
ATOM   1282 C  C   . VAL A 1 170 ? 12.184  -2.068  0.900   1.00   9.59  ? 199  VAL A C   1 
ATOM   1283 O  O   . VAL A 1 170 ? 12.352  -1.117  1.673   1.00   9.40  ? 199  VAL A O   1 
ATOM   1284 C  CB  . VAL A 1 170 ? 10.420  -2.262  -0.903  1.00   9.87  ? 199  VAL A CB  1 
ATOM   1285 C  CG1 . VAL A 1 170 ? 9.045   -2.836  -1.276  1.00   9.98  ? 199  VAL A CG1 1 
ATOM   1286 C  CG2 . VAL A 1 170 ? 10.489  -0.757  -1.149  1.00   10.68 ? 199  VAL A CG2 1 
ATOM   1287 N  N   . THR A 1 171 ? 13.176  -2.742  0.357   1.00   10.13 ? 200  THR A N   1 
ATOM   1288 C  CA  . THR A 1 171 ? 14.576  -2.353  0.492   1.00   11.69 ? 200  THR A CA  1 
ATOM   1289 C  C   . THR A 1 171 ? 15.188  -2.304  -0.899  1.00   12.16 ? 200  THR A C   1 
ATOM   1290 O  O   . THR A 1 171 ? 15.174  -3.333  -1.593  1.00   13.39 ? 200  THR A O   1 
ATOM   1291 C  CB  . THR A 1 171 ? 15.360  -3.317  1.413   1.00   13.76 ? 200  THR A CB  1 
ATOM   1292 O  OG1 . THR A 1 171 ? 14.803  -3.302  2.733   1.00   17.42 ? 200  THR A OG1 1 
ATOM   1293 C  CG2 . THR A 1 171 ? 16.795  -2.808  1.592   1.00   15.35 ? 200  THR A CG2 1 
ATOM   1294 N  N   . PHE A 1 172 ? 15.665  -1.105  -1.266  1.00   12.34 ? 201  PHE A N   1 
ATOM   1295 C  CA  . PHE A 1 172 ? 16.201  -0.848  -2.585  1.00   15.89 ? 201  PHE A CA  1 
ATOM   1296 C  C   . PHE A 1 172 ? 17.654  -1.167  -2.581  1.00   21.38 ? 201  PHE A C   1 
ATOM   1297 O  O   . PHE A 1 172 ? 18.389  -0.806  -1.664  1.00   35.11 ? 201  PHE A O   1 
ATOM   1298 C  CB  . PHE A 1 172 ? 15.948  0.554   -3.067  1.00   15.28 ? 201  PHE A CB  1 
ATOM   1299 C  CG  . PHE A 1 172 ? 14.608  0.747   -3.671  1.00   13.38 ? 201  PHE A CG  1 
ATOM   1300 C  CD1 . PHE A 1 172 ? 13.525  1.072   -2.905  1.00   12.97 ? 201  PHE A CD1 1 
ATOM   1301 C  CD2 . PHE A 1 172 ? 14.404  0.590   -5.038  1.00   14.65 ? 201  PHE A CD2 1 
ATOM   1302 C  CE1 . PHE A 1 172 ? 12.267  1.262   -3.456  1.00   13.45 ? 201  PHE A CE1 1 
ATOM   1303 C  CE2 . PHE A 1 172 ? 13.150  0.781   -5.604  1.00   15.53 ? 201  PHE A CE2 1 
ATOM   1304 C  CZ  . PHE A 1 172 ? 12.061  1.100   -4.809  1.00   14.17 ? 201  PHE A CZ  1 
HETATM 1305 CU CU  . CU  B 2 .   ? -14.789 -4.237  -1.647  0.80   14.50 ? 202  CU  A CU  1 
HETATM 1306 CU CU  A CU  C 2 .   ? -20.110 3.357   -14.084 0.50   12.59 ? 203  CU  A CU  1 
HETATM 1307 O  O   . HOH D 3 .   ? -14.353 -6.697  4.942   1.00   22.28 ? 2001 HOH A O   1 
HETATM 1308 O  O   . HOH D 3 .   ? -15.438 -3.287  4.766   1.00   22.42 ? 2002 HOH A O   1 
HETATM 1309 O  O   . HOH D 3 .   ? -6.815  -3.844  2.287   1.00   10.09 ? 2003 HOH A O   1 
HETATM 1310 O  O   . HOH D 3 .   ? -7.392  -13.062 0.986   1.00   34.32 ? 2004 HOH A O   1 
HETATM 1311 O  O   . HOH D 3 .   ? 1.483   -2.091  -1.721  1.00   11.93 ? 2005 HOH A O   1 
HETATM 1312 O  O   . HOH D 3 .   ? 3.520   -12.491 -1.461  1.00   23.83 ? 2006 HOH A O   1 
HETATM 1313 O  O   . HOH D 3 .   ? -0.265  -14.552 -1.373  1.00   17.83 ? 2007 HOH A O   1 
HETATM 1314 O  O   . HOH D 3 .   ? 7.016   -5.928  1.158   1.00   14.55 ? 2008 HOH A O   1 
HETATM 1315 O  O   . HOH D 3 .   ? 6.802   -9.342  -1.536  1.00   15.48 ? 2009 HOH A O   1 
HETATM 1316 O  O   . HOH D 3 .   ? 5.046   -4.600  3.786   1.00   11.56 ? 2010 HOH A O   1 
HETATM 1317 O  O   . HOH D 3 .   ? 4.127   4.244   8.777   1.00   13.57 ? 2011 HOH A O   1 
HETATM 1318 O  O   . HOH D 3 .   ? 6.886   3.881   8.155   1.00   15.55 ? 2012 HOH A O   1 
HETATM 1319 O  O   . HOH D 3 .   ? -1.125  -0.655  4.588   1.00   9.68  ? 2013 HOH A O   1 
HETATM 1320 O  O   . HOH D 3 .   ? 6.233   -12.102 -0.866  1.00   31.82 ? 2014 HOH A O   1 
HETATM 1321 O  O   . HOH D 3 .   ? -5.457  -15.075 2.860   1.00   31.72 ? 2015 HOH A O   1 
HETATM 1322 O  O   . HOH D 3 .   ? -2.483  -15.186 -0.074  1.00   28.58 ? 2016 HOH A O   1 
HETATM 1323 O  O   . HOH D 3 .   ? 8.222   -11.500 -2.687  1.00   24.17 ? 2017 HOH A O   1 
HETATM 1324 O  O   . HOH D 3 .   ? -1.049  -9.824  13.622  1.00   24.81 ? 2018 HOH A O   1 
HETATM 1325 O  O   . HOH D 3 .   ? 0.349   -12.532 11.669  1.00   31.27 ? 2019 HOH A O   1 
HETATM 1326 O  O   . HOH D 3 .   ? -4.558  -14.304 10.277  1.00   21.81 ? 2020 HOH A O   1 
HETATM 1327 O  O   . HOH D 3 .   ? -6.208  -15.782 8.854   1.00   35.12 ? 2021 HOH A O   1 
HETATM 1328 O  O   . HOH D 3 .   ? -0.947  -14.589 13.145  1.00   22.17 ? 2022 HOH A O   1 
HETATM 1329 O  O   . HOH D 3 .   ? 7.473   -10.376 4.391   1.00   31.90 ? 2023 HOH A O   1 
HETATM 1330 O  O   . HOH D 3 .   ? 1.858   -13.518 0.948   1.00   14.64 ? 2024 HOH A O   1 
HETATM 1331 O  O   . HOH D 3 .   ? 5.198   -12.211 4.331   1.00   28.18 ? 2025 HOH A O   1 
HETATM 1332 O  O   . HOH D 3 .   ? 10.330  -11.285 9.416   1.00   38.75 ? 2026 HOH A O   1 
HETATM 1333 O  O   . HOH D 3 .   ? 4.739   -10.039 18.087  1.00   18.65 ? 2027 HOH A O   1 
HETATM 1334 O  O   . HOH D 3 .   ? 6.744   -15.295 12.754  1.00   37.74 ? 2028 HOH A O   1 
HETATM 1335 O  O   . HOH D 3 .   ? 8.511   -10.057 11.021  1.00   37.00 ? 2029 HOH A O   1 
HETATM 1336 O  O   . HOH D 3 .   ? 5.961   -15.900 7.643   1.00   25.42 ? 2030 HOH A O   1 
HETATM 1337 O  O   . HOH D 3 .   ? -10.096 -3.990  17.200  1.00   31.75 ? 2031 HOH A O   1 
HETATM 1338 O  O   . HOH D 3 .   ? 9.573   -11.636 5.786   1.00   34.33 ? 2032 HOH A O   1 
HETATM 1339 O  O   . HOH D 3 .   ? 6.034   -10.355 15.274  1.00   25.08 ? 2033 HOH A O   1 
HETATM 1340 O  O   . HOH D 3 .   ? 5.133   -7.475  16.070  1.00   12.61 ? 2034 HOH A O   1 
HETATM 1341 O  O   . HOH D 3 .   ? -10.925 -14.043 2.943   1.00   33.50 ? 2035 HOH A O   1 
HETATM 1342 O  O   . HOH D 3 .   ? 0.138   -12.573 17.506  1.00   10.99 ? 2036 HOH A O   1 
HETATM 1343 O  O   . HOH D 3 .   ? -2.385  -3.788  17.218  1.00   33.53 ? 2037 HOH A O   1 
HETATM 1344 O  O   . HOH D 3 .   ? -2.950  -9.271  17.355  1.00   28.21 ? 2038 HOH A O   1 
HETATM 1345 O  O   . HOH D 3 .   ? -4.270  -1.952  15.028  1.00   20.61 ? 2039 HOH A O   1 
HETATM 1346 O  O   . HOH D 3 .   ? -5.509  -4.104  13.173  1.00   14.99 ? 2040 HOH A O   1 
HETATM 1347 O  O   . HOH D 3 .   ? -7.424  -3.919  16.324  1.00   19.30 ? 2041 HOH A O   1 
HETATM 1348 O  O   . HOH D 3 .   ? -11.123 -8.318  12.239  1.00   22.54 ? 2042 HOH A O   1 
HETATM 1349 O  O   . HOH D 3 .   ? -1.634  10.906  -10.340 1.00   20.09 ? 2043 HOH A O   1 
HETATM 1350 O  O   . HOH D 3 .   ? -3.777  -14.567 12.827  1.00   20.48 ? 2044 HOH A O   1 
HETATM 1351 O  O   . HOH D 3 .   ? -10.211 8.911   6.534   1.00   37.14 ? 2045 HOH A O   1 
HETATM 1352 O  O   . HOH D 3 .   ? 1.059   11.137  12.570  1.00   36.68 ? 2046 HOH A O   1 
HETATM 1353 O  O   . HOH D 3 .   ? 2.227   13.872  9.639   1.00   32.52 ? 2047 HOH A O   1 
HETATM 1354 O  O   . HOH D 3 .   ? -14.760 -4.794  8.805   1.00   31.32 ? 2048 HOH A O   1 
HETATM 1355 O  O   . HOH D 3 .   ? -8.826  -12.397 3.315   1.00   21.91 ? 2049 HOH A O   1 
HETATM 1356 O  O   . HOH D 3 .   ? -14.484 -8.839  3.413   1.00   19.84 ? 2050 HOH A O   1 
HETATM 1357 O  O   . HOH D 3 .   ? -1.677  2.477   17.574  1.00   29.82 ? 2051 HOH A O   1 
HETATM 1358 O  O   . HOH D 3 .   ? 1.572   -0.816  16.499  1.00   27.24 ? 2052 HOH A O   1 
HETATM 1359 O  O   . HOH D 3 .   ? -13.296 -1.502  5.905   1.00   25.08 ? 2053 HOH A O   1 
HETATM 1360 O  O   . HOH D 3 .   ? 7.069   0.237   18.327  1.00   30.54 ? 2054 HOH A O   1 
HETATM 1361 O  O   . HOH D 3 .   ? 2.802   0.163   18.202  1.00   37.22 ? 2055 HOH A O   1 
HETATM 1362 O  O   . HOH D 3 .   ? 14.955  -0.047  9.071   1.00   34.24 ? 2056 HOH A O   1 
HETATM 1363 O  O   . HOH D 3 .   ? -15.997 -0.102  -2.280  1.00   39.81 ? 2057 HOH A O   1 
HETATM 1364 O  O   . HOH D 3 .   ? -17.732 0.060   2.231   1.00   34.77 ? 2058 HOH A O   1 
HETATM 1365 O  O   . HOH D 3 .   ? 14.201  -1.945  7.268   1.00   23.82 ? 2059 HOH A O   1 
HETATM 1366 O  O   . HOH D 3 .   ? -12.879 11.400  -1.480  1.00   24.04 ? 2060 HOH A O   1 
HETATM 1367 O  O   . HOH D 3 .   ? -13.871 6.432   -8.781  1.00   22.41 ? 2061 HOH A O   1 
HETATM 1368 O  O   . HOH D 3 .   ? -12.169 8.845   -9.227  1.00   34.91 ? 2062 HOH A O   1 
HETATM 1369 O  O   . HOH D 3 .   ? -17.166 7.872   -8.406  1.00   27.48 ? 2063 HOH A O   1 
HETATM 1370 O  O   . HOH D 3 .   ? 12.568  -8.854  -7.197  1.00   27.91 ? 2064 HOH A O   1 
HETATM 1371 O  O   . HOH D 3 .   ? -8.553  8.326   -6.203  1.00   21.29 ? 2065 HOH A O   1 
HETATM 1372 O  O   . HOH D 3 .   ? -7.227  7.722   -3.600  1.00   19.84 ? 2066 HOH A O   1 
HETATM 1373 O  O   . HOH D 3 .   ? -4.946  14.610  -5.566  1.00   24.63 ? 2067 HOH A O   1 
HETATM 1374 O  O   . HOH D 3 .   ? 14.848  -10.806 -10.829 1.00   20.30 ? 2068 HOH A O   1 
HETATM 1375 O  O   . HOH D 3 .   ? -2.181  10.902  -7.513  1.00   20.88 ? 2069 HOH A O   1 
HETATM 1376 O  O   . HOH D 3 .   ? -6.044  9.437   -6.692  1.00   29.09 ? 2070 HOH A O   1 
HETATM 1377 O  O   . HOH D 3 .   ? 6.850   -3.105  -19.090 1.00   22.65 ? 2071 HOH A O   1 
HETATM 1378 O  O   . HOH D 3 .   ? -5.373  16.066  2.599   1.00   38.40 ? 2072 HOH A O   1 
HETATM 1379 O  O   . HOH D 3 .   ? 8.711   -11.046 -7.084  1.00   24.79 ? 2073 HOH A O   1 
HETATM 1380 O  O   . HOH D 3 .   ? -10.781 12.892  2.042   1.00   26.92 ? 2074 HOH A O   1 
HETATM 1381 O  O   . HOH D 3 .   ? -7.374  14.342  3.437   1.00   35.11 ? 2075 HOH A O   1 
HETATM 1382 O  O   . HOH D 3 .   ? -10.372 11.430  5.373   1.00   35.20 ? 2076 HOH A O   1 
HETATM 1383 O  O   . HOH D 3 .   ? -7.954  9.732   8.202   1.00   25.24 ? 2077 HOH A O   1 
HETATM 1384 O  O   . HOH D 3 .   ? -3.419  15.128  6.379   1.00   20.83 ? 2078 HOH A O   1 
HETATM 1385 O  O   . HOH D 3 .   ? 2.756   15.501  5.202   1.00   19.28 ? 2079 HOH A O   1 
HETATM 1386 O  O   . HOH D 3 .   ? 2.388   11.312  10.394  1.00   23.41 ? 2080 HOH A O   1 
HETATM 1387 O  O   . HOH D 3 .   ? -2.825  6.120   13.139  1.00   23.05 ? 2081 HOH A O   1 
HETATM 1388 O  O   . HOH D 3 .   ? 0.146   6.393   7.699   1.00   16.35 ? 2082 HOH A O   1 
HETATM 1389 O  O   . HOH D 3 .   ? 18.726  7.231   1.388   1.00   31.10 ? 2083 HOH A O   1 
HETATM 1390 O  O   . HOH D 3 .   ? 17.390  8.996   6.554   1.00   36.47 ? 2084 HOH A O   1 
HETATM 1391 O  O   . HOH D 3 .   ? 16.133  6.882   9.584   1.00   35.95 ? 2085 HOH A O   1 
HETATM 1392 O  O   . HOH D 3 .   ? -5.608  4.692   11.964  1.00   30.80 ? 2086 HOH A O   1 
HETATM 1393 O  O   . HOH D 3 .   ? -11.474 5.920   6.712   1.00   26.24 ? 2087 HOH A O   1 
HETATM 1394 O  O   . HOH D 3 .   ? 3.967   15.041  13.680  1.00   29.60 ? 2088 HOH A O   1 
HETATM 1395 O  O   . HOH D 3 .   ? -11.353 5.304   12.963  1.00   30.69 ? 2089 HOH A O   1 
HETATM 1396 O  O   . HOH D 3 .   ? 10.340  14.719  5.533   1.00   36.66 ? 2090 HOH A O   1 
HETATM 1397 O  O   . HOH D 3 .   ? -6.143  3.725   17.125  1.00   31.32 ? 2091 HOH A O   1 
HETATM 1398 O  O   . HOH D 3 .   ? -5.846  -0.505  16.776  1.00   35.46 ? 2092 HOH A O   1 
HETATM 1399 O  O   . HOH D 3 .   ? 9.612   4.754   -15.360 1.00   34.93 ? 2093 HOH A O   1 
HETATM 1400 O  O   . HOH D 3 .   ? 2.654   1.976   -17.529 1.00   33.36 ? 2094 HOH A O   1 
HETATM 1401 O  O   . HOH D 3 .   ? -0.084  3.215   15.133  1.00   23.62 ? 2095 HOH A O   1 
HETATM 1402 O  O   . HOH D 3 .   ? 2.682   -1.766  14.216  1.00   11.71 ? 2096 HOH A O   1 
HETATM 1403 O  O   . HOH D 3 .   ? 5.051   -0.363  16.753  1.00   16.58 ? 2097 HOH A O   1 
HETATM 1404 O  O   . HOH D 3 .   ? 3.939   3.313   17.015  1.00   29.42 ? 2098 HOH A O   1 
HETATM 1405 O  O   . HOH D 3 .   ? 10.225  -0.486  10.084  1.00   12.30 ? 2099 HOH A O   1 
HETATM 1406 O  O   . HOH D 3 .   ? 9.382   3.033   9.216   1.00   14.22 ? 2100 HOH A O   1 
HETATM 1407 O  O   . HOH D 3 .   ? 13.586  -1.600  15.956  1.00   33.19 ? 2101 HOH A O   1 
HETATM 1408 O  O   . HOH D 3 .   ? 12.731  0.522   10.723  1.00   28.53 ? 2102 HOH A O   1 
HETATM 1409 O  O   . HOH D 3 .   ? 12.468  3.081   11.673  1.00   35.05 ? 2103 HOH A O   1 
HETATM 1410 O  O   . HOH D 3 .   ? 17.231  2.957   -13.717 1.00   24.73 ? 2104 HOH A O   1 
HETATM 1411 O  O   . HOH D 3 .   ? 6.452   -2.303  20.790  1.00   29.21 ? 2105 HOH A O   1 
HETATM 1412 O  O   . HOH D 3 .   ? 2.759   -1.702  19.716  1.00   25.88 ? 2106 HOH A O   1 
HETATM 1413 O  O   . HOH D 3 .   ? 4.555   -6.374  21.751  1.00   38.70 ? 2107 HOH A O   1 
HETATM 1414 O  O   . HOH D 3 .   ? 11.555  -4.361  19.988  1.00   21.13 ? 2108 HOH A O   1 
HETATM 1415 O  O   . HOH D 3 .   ? 8.781   -6.434  21.891  1.00   26.01 ? 2109 HOH A O   1 
HETATM 1416 O  O   . HOH D 3 .   ? 9.212   -2.033  21.715  1.00   38.25 ? 2110 HOH A O   1 
HETATM 1417 O  O   . HOH D 3 .   ? 10.340  -9.680  15.402  1.00   29.55 ? 2111 HOH A O   1 
HETATM 1418 O  O   . HOH D 3 .   ? 11.397  -0.037  18.898  1.00   20.56 ? 2112 HOH A O   1 
HETATM 1419 O  O   . HOH D 3 .   ? 14.570  -4.271  13.975  1.00   25.48 ? 2113 HOH A O   1 
HETATM 1420 O  O   . HOH D 3 .   ? -20.151 -0.095  -10.838 1.00   29.91 ? 2114 HOH A O   1 
HETATM 1421 O  O   . HOH D 3 .   ? 11.475  -1.927  7.763   1.00   17.04 ? 2115 HOH A O   1 
HETATM 1422 O  O   . HOH D 3 .   ? 13.219  -5.489  8.137   1.00   27.45 ? 2116 HOH A O   1 
HETATM 1423 O  O   . HOH D 3 .   ? 6.128   -5.010  6.191   1.00   11.05 ? 2117 HOH A O   1 
HETATM 1424 O  O   . HOH D 3 .   ? 7.528   -7.554  3.762   1.00   21.16 ? 2118 HOH A O   1 
HETATM 1425 O  O   . HOH D 3 .   ? 12.882  -8.555  6.063   1.00   27.07 ? 2119 HOH A O   1 
HETATM 1426 O  O   . HOH D 3 .   ? 8.976   -10.189 1.569   1.00   29.53 ? 2120 HOH A O   1 
HETATM 1427 O  O   . HOH D 3 .   ? 12.848  -10.126 -0.494  1.00   24.88 ? 2121 HOH A O   1 
HETATM 1428 O  O   . HOH D 3 .   ? 11.743  -9.310  -4.647  1.00   23.14 ? 2122 HOH A O   1 
HETATM 1429 O  O   . HOH D 3 .   ? 17.548  -4.373  -2.687  1.00   32.98 ? 2123 HOH A O   1 
HETATM 1430 O  O   . HOH D 3 .   ? 17.975  -1.225  -5.880  1.00   30.91 ? 2124 HOH A O   1 
HETATM 1431 O  O   . HOH D 3 .   ? 13.255  -6.270  -7.970  1.00   18.22 ? 2125 HOH A O   1 
HETATM 1432 O  O   . HOH D 3 .   ? 16.690  -9.346  -9.741  1.00   30.81 ? 2126 HOH A O   1 
HETATM 1433 O  O   . HOH D 3 .   ? 18.401  2.063   -9.626  1.00   22.25 ? 2127 HOH A O   1 
HETATM 1434 O  O   . HOH D 3 .   ? 18.751  1.823   -12.493 1.00   29.54 ? 2128 HOH A O   1 
HETATM 1435 O  O   . HOH D 3 .   ? 15.828  -2.883  -16.505 1.00   38.33 ? 2129 HOH A O   1 
HETATM 1436 O  O   . HOH D 3 .   ? 12.166  -7.013  -10.386 1.00   18.46 ? 2130 HOH A O   1 
HETATM 1437 O  O   . HOH D 3 .   ? 12.562  -9.612  -11.494 1.00   19.59 ? 2131 HOH A O   1 
HETATM 1438 O  O   . HOH D 3 .   ? 13.733  -4.631  -16.220 1.00   17.45 ? 2132 HOH A O   1 
HETATM 1439 O  O   . HOH D 3 .   ? 12.366  -7.913  -13.873 1.00   18.86 ? 2133 HOH A O   1 
HETATM 1440 O  O   . HOH D 3 .   ? 7.601   -2.418  -16.567 1.00   19.87 ? 2134 HOH A O   1 
HETATM 1441 O  O   . HOH D 3 .   ? 9.085   -9.841  -4.725  1.00   18.65 ? 2135 HOH A O   1 
HETATM 1442 O  O   . HOH D 3 .   ? 3.354   -8.643  -14.476 1.00   17.51 ? 2136 HOH A O   1 
HETATM 1443 O  O   . HOH D 3 .   ? 2.097   -13.103 -10.345 1.00   26.70 ? 2137 HOH A O   1 
HETATM 1444 O  O   . HOH D 3 .   ? 4.292   -14.642 -3.374  1.00   34.10 ? 2138 HOH A O   1 
HETATM 1445 O  O   . HOH D 3 .   ? -1.019  -15.395 -6.914  1.00   24.23 ? 2139 HOH A O   1 
HETATM 1446 O  O   . HOH D 3 .   ? 3.620   -16.909 -6.533  1.00   31.73 ? 2140 HOH A O   1 
HETATM 1447 O  O   . HOH D 3 .   ? -7.868  -13.415 -4.550  1.00   27.10 ? 2141 HOH A O   1 
HETATM 1448 O  O   . HOH D 3 .   ? -12.742 -12.328 -5.697  1.00   30.67 ? 2142 HOH A O   1 
HETATM 1449 O  O   . HOH D 3 .   ? -17.133 -10.338 -0.898  1.00   37.15 ? 2143 HOH A O   1 
HETATM 1450 O  O   . HOH D 3 .   ? -14.834 -8.962  0.807   1.00   29.47 ? 2144 HOH A O   1 
HETATM 1451 O  O   . HOH D 3 .   ? -15.929 -10.703 -6.530  1.00   33.19 ? 2145 HOH A O   1 
HETATM 1452 O  O   . HOH D 3 .   ? -13.551 -14.128 -7.579  1.00   27.38 ? 2146 HOH A O   1 
HETATM 1453 O  O   . HOH D 3 .   ? -10.676 -14.232 -11.500 1.00   27.91 ? 2147 HOH A O   1 
HETATM 1454 O  O   . HOH D 3 .   ? -12.798 -9.870  -14.264 1.00   24.41 ? 2148 HOH A O   1 
HETATM 1455 O  O   . HOH D 3 .   ? -18.851 -4.128  -6.879  1.00   31.87 ? 2149 HOH A O   1 
HETATM 1456 O  O   . HOH D 3 .   ? -18.385 -2.562  -8.751  1.00   26.97 ? 2150 HOH A O   1 
HETATM 1457 O  O   . HOH D 3 .   ? -9.708  4.554   -16.147 1.00   17.70 ? 2151 HOH A O   1 
HETATM 1458 O  O   . HOH D 3 .   ? -13.890 5.263   -13.315 1.00   16.87 ? 2152 HOH A O   1 
HETATM 1459 O  O   . HOH D 3 .   ? -5.827  4.847   -7.403  1.00   13.71 ? 2153 HOH A O   1 
HETATM 1460 O  O   . HOH D 3 .   ? -8.272  7.560   -9.425  1.00   29.02 ? 2154 HOH A O   1 
HETATM 1461 O  O   . HOH D 3 .   ? -5.419  6.936   -13.757 1.00   22.87 ? 2155 HOH A O   1 
HETATM 1462 O  O   . HOH D 3 .   ? -8.327  8.456   -12.152 1.00   34.94 ? 2156 HOH A O   1 
HETATM 1463 O  O   . HOH D 3 .   ? 5.848   8.037   -6.241  1.00   10.67 ? 2157 HOH A O   1 
HETATM 1464 O  O   . HOH D 3 .   ? 11.277  9.073   -4.522  1.00   17.21 ? 2158 HOH A O   1 
HETATM 1465 O  O   . HOH D 3 .   ? 5.575   15.224  -0.847  1.00   15.04 ? 2159 HOH A O   1 
HETATM 1466 O  O   . HOH D 3 .   ? 14.611  13.804  -0.865  1.00   32.14 ? 2160 HOH A O   1 
HETATM 1467 O  O   . HOH D 3 .   ? 12.790  13.750  2.057   1.00   32.75 ? 2161 HOH A O   1 
HETATM 1468 O  O   . HOH D 3 .   ? 16.000  7.430   2.766   1.00   13.71 ? 2162 HOH A O   1 
HETATM 1469 O  O   . HOH D 3 .   ? 14.912  11.084  7.647   1.00   33.68 ? 2163 HOH A O   1 
HETATM 1470 O  O   . HOH D 3 .   ? 19.299  10.101  1.288   1.00   43.15 ? 2164 HOH A O   1 
HETATM 1471 O  O   . HOH D 3 .   ? 15.150  8.071   5.340   1.00   13.54 ? 2165 HOH A O   1 
HETATM 1472 O  O   . HOH D 3 .   ? 14.255  8.713   9.177   1.00   18.96 ? 2166 HOH A O   1 
HETATM 1473 O  O   . HOH D 3 .   ? 7.029   6.709   8.110   1.00   16.28 ? 2167 HOH A O   1 
HETATM 1474 O  O   . HOH D 3 .   ? 12.334  11.519  13.046  1.00   34.47 ? 2168 HOH A O   1 
HETATM 1475 O  O   . HOH D 3 .   ? 9.682   12.255  13.980  1.00   25.58 ? 2169 HOH A O   1 
HETATM 1476 O  O   . HOH D 3 .   ? 8.387   14.398  9.202   1.00   18.36 ? 2170 HOH A O   1 
HETATM 1477 O  O   . HOH D 3 .   ? 16.169  2.085   7.995   1.00   20.01 ? 2171 HOH A O   1 
HETATM 1478 O  O   . HOH D 3 .   ? 8.434   9.925   15.942  1.00   26.46 ? 2172 HOH A O   1 
HETATM 1479 O  O   . HOH D 3 .   ? 14.360  6.959   16.517  1.00   18.28 ? 2173 HOH A O   1 
HETATM 1480 O  O   . HOH D 3 .   ? 11.715  5.690   16.564  1.00   43.16 ? 2174 HOH A O   1 
HETATM 1481 O  O   . HOH D 3 .   ? 9.224   6.194   16.807  1.00   36.94 ? 2175 HOH A O   1 
HETATM 1482 O  O   . HOH D 3 .   ? 5.921   13.460  13.078  1.00   33.12 ? 2176 HOH A O   1 
HETATM 1483 O  O   . HOH D 3 .   ? 4.889   7.522   15.206  1.00   22.00 ? 2177 HOH A O   1 
HETATM 1484 O  O   . HOH D 3 .   ? 3.242   9.993   13.383  1.00   19.33 ? 2178 HOH A O   1 
HETATM 1485 O  O   . HOH D 3 .   ? 2.241   4.703   15.317  1.00   26.86 ? 2179 HOH A O   1 
HETATM 1486 O  O   . HOH D 3 .   ? -0.980  5.553   15.173  1.00   28.24 ? 2180 HOH A O   1 
HETATM 1487 O  O   . HOH D 3 .   ? 10.437  13.227  3.135   1.00   25.40 ? 2181 HOH A O   1 
HETATM 1488 O  O   . HOH D 3 .   ? 8.049   13.724  6.579   1.00   18.03 ? 2182 HOH A O   1 
HETATM 1489 O  O   . HOH D 3 .   ? 5.735   14.992  -3.719  1.00   20.22 ? 2183 HOH A O   1 
HETATM 1490 O  O   . HOH D 3 .   ? 6.818   14.580  -7.499  1.00   36.89 ? 2184 HOH A O   1 
HETATM 1491 O  O   . HOH D 3 .   ? 10.818  8.537   -7.108  1.00   18.55 ? 2185 HOH A O   1 
HETATM 1492 O  O   . HOH D 3 .   ? 7.323   9.392   -9.943  1.00   19.20 ? 2186 HOH A O   1 
HETATM 1493 O  O   . HOH D 3 .   ? 8.525   7.853   -8.004  1.00   30.03 ? 2187 HOH A O   1 
HETATM 1494 O  O   . HOH D 3 .   ? -0.657  13.294  -7.234  1.00   29.23 ? 2188 HOH A O   1 
HETATM 1495 O  O   . HOH D 3 .   ? 6.285   9.159   -12.847 1.00   31.40 ? 2189 HOH A O   1 
HETATM 1496 O  O   . HOH D 3 .   ? 2.453   6.976   -13.083 1.00   21.69 ? 2190 HOH A O   1 
HETATM 1497 O  O   . HOH D 3 .   ? 8.633   4.069   -12.899 1.00   21.95 ? 2191 HOH A O   1 
HETATM 1498 O  O   . HOH D 3 .   ? 5.466   3.912   -15.083 1.00   26.07 ? 2192 HOH A O   1 
HETATM 1499 O  O   . HOH D 3 .   ? 2.687   4.414   -15.437 1.00   16.71 ? 2193 HOH A O   1 
HETATM 1500 O  O   . HOH D 3 .   ? -0.202  1.624   -17.260 1.00   23.75 ? 2194 HOH A O   1 
HETATM 1501 O  O   . HOH D 3 .   ? -1.196  9.139   -12.481 1.00   14.82 ? 2195 HOH A O   1 
HETATM 1502 O  O   . HOH D 3 .   ? -6.539  -1.105  -18.214 1.00   27.91 ? 2196 HOH A O   1 
HETATM 1503 O  O   . HOH D 3 .   ? -6.625  -6.541  -16.691 1.00   30.60 ? 2197 HOH A O   1 
HETATM 1504 O  O   . HOH D 3 .   ? -9.000  -2.362  -17.958 1.00   21.15 ? 2198 HOH A O   1 
HETATM 1505 O  O   . HOH D 3 .   ? -10.814 -6.713  -16.549 1.00   33.46 ? 2199 HOH A O   1 
HETATM 1506 O  O   . HOH D 3 .   ? -16.444 0.444   -18.258 1.00   30.73 ? 2200 HOH A O   1 
HETATM 1507 O  O   . HOH D 3 .   ? -13.558 0.592   -20.279 1.00   29.38 ? 2201 HOH A O   1 
HETATM 1508 O  O   . HOH D 3 .   ? -12.344 4.894   -15.469 1.00   19.38 ? 2202 HOH A O   1 
HETATM 1509 O  O   . HOH D 3 .   ? -15.313 -6.027  -16.438 1.00   21.03 ? 2203 HOH A O   1 
HETATM 1510 O  O   . HOH D 3 .   ? -16.538 -8.441  -15.708 1.00   31.20 ? 2204 HOH A O   1 
HETATM 1511 O  O   . HOH D 3 .   ? -7.952  -14.647 -10.751 1.00   23.00 ? 2205 HOH A O   1 
HETATM 1512 O  O   . HOH D 3 .   ? -2.109  -12.722 -11.851 1.00   39.46 ? 2206 HOH A O   1 
HETATM 1513 O  O   . HOH D 3 .   ? -3.455  -10.930 -13.746 1.00   22.81 ? 2207 HOH A O   1 
HETATM 1514 O  O   . HOH D 3 .   ? -5.309  -12.940 -13.178 1.00   31.60 ? 2208 HOH A O   1 
HETATM 1515 O  O   . HOH D 3 .   ? -7.277  -16.034 -8.253  1.00   31.86 ? 2209 HOH A O   1 
HETATM 1516 O  O   . HOH D 3 .   ? -3.725  -4.307  -15.414 1.00   20.34 ? 2210 HOH A O   1 
HETATM 1517 O  O   . HOH D 3 .   ? 4.404   -0.439  -16.991 1.00   31.20 ? 2211 HOH A O   1 
HETATM 1518 O  O   . HOH D 3 .   ? 1.944   -3.053  -17.512 1.00   33.05 ? 2212 HOH A O   1 
HETATM 1519 O  O   . HOH D 3 .   ? 6.303   1.392   -15.568 1.00   25.84 ? 2213 HOH A O   1 
HETATM 1520 O  O   . HOH D 3 .   ? 12.537  3.849   -13.031 1.00   20.59 ? 2214 HOH A O   1 
HETATM 1521 O  O   . HOH D 3 .   ? 16.184  2.803   -6.903  1.00   19.93 ? 2215 HOH A O   1 
HETATM 1522 O  O   . HOH D 3 .   ? 18.027  5.633   -13.709 1.00   18.38 ? 2216 HOH A O   1 
HETATM 1523 O  O   . HOH D 3 .   ? 14.278  5.956   -13.375 1.00   23.83 ? 2217 HOH A O   1 
HETATM 1524 O  O   . HOH D 3 .   ? 18.661  7.926   -2.762  1.00   14.92 ? 2218 HOH A O   1 
HETATM 1525 O  O   . HOH D 3 .   ? 20.624  5.873   -3.349  1.00   28.19 ? 2219 HOH A O   1 
HETATM 1526 O  O   . HOH D 3 .   ? 17.154  6.523   -0.855  1.00   11.60 ? 2220 HOH A O   1 
HETATM 1527 O  O   . HOH D 3 .   ? 16.104  4.656   2.657   1.00   12.06 ? 2221 HOH A O   1 
HETATM 1528 O  O   . HOH D 3 .   ? 20.110  4.007   2.382   1.00   32.60 ? 2222 HOH A O   1 
HETATM 1529 O  O   . HOH D 3 .   ? 19.909  -0.591  -0.401  1.00   29.17 ? 2223 HOH A O   1 
HETATM 1530 O  O   . HOH D 3 .   ? -18.775 0.182   -8.259  1.00   30.77 ? 2224 HOH A O   1 
HETATM 1531 O  O   . HOH D 3 .   ? -16.022 6.671   -10.776 1.00   22.53 ? 2225 HOH A O   1 
HETATM 1532 O  O   . HOH D 3 .   ? -21.102 1.877   -7.492  1.00   36.45 ? 2226 HOH A O   1 
HETATM 1533 O  O   . HOH D 3 .   ? -19.514 6.920   -13.961 0.50   16.27 ? 2227 HOH A O   1 
HETATM 1534 O  O   . HOH D 3 .   ? -22.123 2.016   -11.056 1.00   29.37 ? 2228 HOH A O   1 
HETATM 1535 O  O   . HOH D 3 .   ? -19.167 5.867   -1.962  1.00   11.90 ? 2229 HOH A O   1 
HETATM 1536 O  O   . HOH D 3 .   ? -14.488 4.268   3.011   1.00   39.81 ? 2230 HOH A O   1 
HETATM 1537 O  O   . HOH D 3 .   ? -18.344 4.163   2.012   1.00   36.69 ? 2231 HOH A O   1 
HETATM 1538 O  O   . HOH D 3 .   ? -19.785 3.341   -1.509  1.00   33.70 ? 2232 HOH A O   1 
HETATM 1539 O  O   . HOH D 3 .   ? 15.681  -2.110  4.889   1.00   28.46 ? 2233 HOH A O   1 
# 
